data_6XRT
#
_entry.id   6XRT
#
_cell.length_a   1.00
_cell.length_b   1.00
_cell.length_c   1.00
_cell.angle_alpha   90.00
_cell.angle_beta   90.00
_cell.angle_gamma   90.00
#
_symmetry.space_group_name_H-M   'P 1'
#
loop_
_entity.id
_entity.type
_entity.pdbx_description
1 polymer 'Envelope glycoprotein gp160'
2 polymer 'HIV-1 Envelope Glycoprotein BG505 SOSIP.664 gp41'
3 polymer 'VRC01.23 Heavy Chain'
4 polymer 'VRC01.23 Light Chain'
5 branched 2-acetamido-2-deoxy-beta-D-glucopyranose-(1-4)-2-acetamido-2-deoxy-beta-D-glucopyranose
6 branched alpha-D-mannopyranose-(1-3)-[alpha-D-mannopyranose-(1-6)]beta-D-mannopyranose-(1-4)-2-acetamido-2-deoxy-beta-D-glucopyranose-(1-4)-2-acetamido-2-deoxy-beta-D-glucopyranose
7 branched alpha-D-mannopyranose-(1-3)-alpha-D-mannopyranose-(1-6)-[alpha-D-mannopyranose-(1-3)]beta-D-mannopyranose-(1-4)-2-acetamido-2-deoxy-beta-D-glucopyranose-(1-4)-2-acetamido-2-deoxy-beta-D-glucopyranose
8 branched beta-D-mannopyranose-(1-4)-2-acetamido-2-deoxy-beta-D-glucopyranose-(1-4)-2-acetamido-2-deoxy-beta-D-glucopyranose
9 branched alpha-D-mannopyranose-(1-2)-alpha-D-mannopyranose-(1-3)-[alpha-D-mannopyranose-(1-3)-[alpha-D-mannopyranose-(1-6)]alpha-D-mannopyranose-(1-6)]beta-D-mannopyranose-(1-4)-2-acetamido-2-deoxy-beta-D-glucopyranose-(1-4)-2-acetamido-2-deoxy-beta-D-glucopyranose
10 non-polymer 2-acetamido-2-deoxy-beta-D-glucopyranose
#
loop_
_entity_poly.entity_id
_entity_poly.type
_entity_poly.pdbx_seq_one_letter_code
_entity_poly.pdbx_strand_id
1 'polypeptide(L)'
;AENLWVTVYYGVPVWKDAETTLFCASDAKAYETEKHNVWATHACVPTDPNPQEIHLENVTEEFNMWKNNMVEQMHTDIIS
LWDQSLKPCVKLTPLCVTLQCTNVTNNITDDMRGELKNCSFNMTTELRDKKQKVYSLFYRLDVVQINENQGNRSNNSNKE
YRLINCNTSACTQACPKVSFEPIPIHYCAPAGFAILKCKDKKFNGTGPCPSVSTVQCTHGIKPVVSTQLLLNGSLAEEEV
MIRSENITNNAKNILVQFNTPVQINCTRPNNNTRKSIRIGPGQAFYATGDIIGDIRQAHCNVSKATWNETLGKVVKQLRK
HFGNNTIIRFANSSGGDLEVTTHSFNCGGEFFYCNTSGLFNSTWISNTSVQGSNSTGSNDSITLPCRIKQIINMWQRIGQ
CMYAPPIQGVIRCVSNITGLILTRDGGSTNSTTETFRPGGGDMRDNWRSELYKYKVVKIEPLGVAPTRCKRRVVGR
;
G,E,F
2 'polypeptide(L)'
;AVGIGAVFLGFLGAAGSTMGAASMTLTVQARNLLSGIVQQQSNLLRAPEAQQHLLKLTVWGIKQLQARVLAVERYLRDQQ
LLGIWGCSGKLICCTNVPWNSSWSNRNLSEIWDNMTWLQWDKEISNYTQIIYGLLEESQNQQEKNEQDLLALD
;
B,C,A
3 'polypeptide(L)'
;QVQLRESGPGLVKPSETLVLTCAVSGGGDSFGFHYWNWIRQPPGKGLEWIGHIGGSSGSTDFNPSLKSRVTISMDSSRNQ
FSLRLKSVTAADTAVYFCARKGEDFYEDD(TYS)GQYFTAGWFFDLWGPGTPIIISS
;
H
4 'polypeptide(L)'
;QFVLTQPPSVSGAPGQTVTISCTGRSSNFGGHYVQWYQQLPGTAPRLVIFENDRRPSGVSDRFSGSQSGASASLTITGLQ
SEDEADYYCQCYDSSVLFGRGTRLT
;
L
#
# COMPACT_ATOMS: atom_id res chain seq x y z
N GLU A 2 -5.00 63.89 11.31
CA GLU A 2 -3.67 64.37 11.69
C GLU A 2 -2.80 63.21 12.17
N ASN A 3 -3.43 62.11 12.58
CA ASN A 3 -2.73 60.91 13.01
C ASN A 3 -3.45 59.69 12.46
N LEU A 4 -2.70 58.62 12.26
CA LEU A 4 -3.22 57.39 11.67
C LEU A 4 -3.04 56.23 12.64
N TRP A 5 -3.98 55.28 12.57
CA TRP A 5 -3.93 54.06 13.35
C TRP A 5 -4.32 52.88 12.48
N VAL A 6 -3.60 51.77 12.62
CA VAL A 6 -3.78 50.63 11.73
C VAL A 6 -5.02 49.86 12.15
N THR A 7 -5.76 49.35 11.16
CA THR A 7 -6.92 48.49 11.38
C THR A 7 -6.72 47.17 10.63
N VAL A 8 -7.38 46.14 11.12
CA VAL A 8 -7.24 44.79 10.58
C VAL A 8 -8.33 44.55 9.54
N TYR A 9 -7.93 44.10 8.36
CA TYR A 9 -8.85 43.79 7.27
C TYR A 9 -8.68 42.32 6.92
N TYR A 10 -9.71 41.51 7.19
CA TYR A 10 -9.67 40.07 6.93
C TYR A 10 -10.64 39.75 5.81
N GLY A 11 -10.10 39.27 4.68
CA GLY A 11 -10.94 38.90 3.55
C GLY A 11 -10.83 39.86 2.39
N VAL A 12 -9.64 40.39 2.14
CA VAL A 12 -9.43 41.31 1.03
C VAL A 12 -8.75 40.56 -0.10
N PRO A 13 -8.94 40.95 -1.37
CA PRO A 13 -8.30 40.22 -2.47
C PRO A 13 -6.82 40.58 -2.62
N VAL A 14 -5.95 39.70 -2.13
CA VAL A 14 -4.50 39.80 -2.31
C VAL A 14 -3.99 38.40 -2.58
N TRP A 15 -3.27 38.22 -3.69
CA TRP A 15 -2.74 36.90 -4.04
C TRP A 15 -1.23 36.95 -4.20
N LYS A 16 -0.57 35.91 -3.70
CA LYS A 16 0.87 35.73 -3.84
C LYS A 16 1.13 34.39 -4.53
N ASP A 17 2.20 34.35 -5.33
CA ASP A 17 2.51 33.15 -6.10
C ASP A 17 3.02 32.04 -5.19
N ALA A 18 2.48 30.83 -5.38
CA ALA A 18 2.90 29.67 -4.61
C ALA A 18 2.58 28.42 -5.43
N GLU A 19 2.91 27.25 -4.87
CA GLU A 19 2.76 25.98 -5.56
C GLU A 19 2.04 25.00 -4.65
N THR A 20 1.26 24.11 -5.27
CA THR A 20 0.47 23.12 -4.54
C THR A 20 0.13 21.97 -5.47
N THR A 21 -0.64 21.02 -4.96
CA THR A 21 -1.15 19.91 -5.73
C THR A 21 -2.55 20.24 -6.28
N LEU A 22 -3.01 19.42 -7.20
CA LEU A 22 -4.28 19.64 -7.89
C LEU A 22 -5.25 18.50 -7.56
N PHE A 23 -6.40 18.52 -8.23
CA PHE A 23 -7.47 17.55 -8.00
C PHE A 23 -7.75 16.76 -9.28
N CYS A 24 -8.83 15.99 -9.26
CA CYS A 24 -9.32 15.26 -10.42
C CYS A 24 -10.75 15.66 -10.68
N ALA A 25 -11.15 15.63 -11.95
CA ALA A 25 -12.52 15.91 -12.34
C ALA A 25 -12.80 15.29 -13.70
N SER A 26 -13.93 14.59 -13.81
CA SER A 26 -14.34 13.97 -15.06
C SER A 26 -15.86 13.91 -15.10
N ASP A 27 -16.40 13.77 -16.30
CA ASP A 27 -17.84 13.77 -16.52
C ASP A 27 -18.21 12.53 -17.31
N ALA A 28 -19.46 12.08 -17.11
CA ALA A 28 -20.05 10.92 -17.79
C ALA A 28 -19.22 9.65 -17.56
N LYS A 29 -19.14 9.25 -16.29
CA LYS A 29 -18.41 8.09 -15.78
C LYS A 29 -17.05 7.81 -16.45
N LYS A 35 -15.55 0.59 -19.12
CA LYS A 35 -15.97 0.86 -17.75
C LYS A 35 -14.79 1.30 -16.90
N HIS A 36 -13.61 0.75 -17.19
CA HIS A 36 -12.39 1.06 -16.45
C HIS A 36 -11.52 1.99 -17.27
N ASN A 37 -10.87 2.94 -16.59
CA ASN A 37 -10.02 3.92 -17.23
C ASN A 37 -8.72 4.04 -16.46
N VAL A 38 -7.64 4.35 -17.17
CA VAL A 38 -6.33 4.50 -16.55
C VAL A 38 -6.12 5.93 -16.04
N TRP A 39 -6.80 6.92 -16.63
CA TRP A 39 -6.64 8.31 -16.23
C TRP A 39 -7.63 8.70 -15.13
N ALA A 40 -8.91 8.62 -15.42
CA ALA A 40 -9.98 9.00 -14.50
C ALA A 40 -10.63 7.73 -13.97
N THR A 41 -10.21 7.32 -12.78
CA THR A 41 -10.78 6.13 -12.15
C THR A 41 -12.15 6.44 -11.56
N HIS A 42 -12.81 5.42 -11.04
CA HIS A 42 -14.13 5.60 -10.43
C HIS A 42 -14.06 6.37 -9.13
N ALA A 43 -12.90 6.42 -8.48
CA ALA A 43 -12.73 7.16 -7.23
C ALA A 43 -12.28 8.60 -7.48
N CYS A 44 -13.03 9.31 -8.33
CA CYS A 44 -12.75 10.70 -8.64
C CYS A 44 -14.03 11.51 -8.57
N VAL A 45 -13.94 12.71 -8.01
CA VAL A 45 -15.12 13.58 -7.86
C VAL A 45 -15.54 14.10 -9.23
N PRO A 46 -16.83 14.14 -9.56
CA PRO A 46 -17.25 14.68 -10.85
C PRO A 46 -17.02 16.19 -10.92
N THR A 47 -16.88 16.68 -12.16
CA THR A 47 -16.61 18.09 -12.40
C THR A 47 -17.85 18.94 -12.13
N ASP A 48 -17.62 20.24 -12.02
CA ASP A 48 -18.71 21.18 -11.79
C ASP A 48 -19.61 21.30 -13.03
N PRO A 49 -20.90 21.60 -12.84
CA PRO A 49 -21.79 21.78 -13.98
C PRO A 49 -21.86 23.18 -14.54
N ASN A 50 -21.11 24.14 -13.99
CA ASN A 50 -21.14 25.51 -14.48
C ASN A 50 -19.74 26.13 -14.52
N PRO A 51 -19.40 26.78 -15.64
CA PRO A 51 -18.05 27.36 -15.79
C PRO A 51 -17.89 28.72 -15.13
N GLN A 52 -17.45 28.74 -13.87
CA GLN A 52 -17.30 30.01 -13.16
C GLN A 52 -16.10 30.79 -13.70
N GLU A 53 -16.31 31.58 -14.74
CA GLU A 53 -15.28 32.44 -15.31
C GLU A 53 -15.62 33.88 -14.94
N ILE A 54 -14.81 34.47 -14.06
CA ILE A 54 -15.05 35.82 -13.55
C ILE A 54 -13.98 36.73 -14.15
N HIS A 55 -14.39 37.67 -15.00
CA HIS A 55 -13.47 38.61 -15.60
C HIS A 55 -13.05 39.67 -14.59
N LEU A 56 -11.80 40.11 -14.70
CA LEU A 56 -11.24 41.10 -13.79
C LEU A 56 -10.79 42.34 -14.58
N GLU A 57 -10.75 43.47 -13.89
CA GLU A 57 -10.36 44.74 -14.47
C GLU A 57 -9.23 45.36 -13.64
N ASN A 58 -8.48 46.26 -14.27
CA ASN A 58 -7.38 47.00 -13.65
C ASN A 58 -6.27 46.08 -13.15
N VAL A 59 -6.09 44.92 -13.77
CA VAL A 59 -5.12 43.93 -13.33
C VAL A 59 -4.14 43.63 -14.46
N THR A 60 -2.85 43.63 -14.12
CA THR A 60 -1.78 43.22 -15.02
C THR A 60 -0.87 42.25 -14.25
N GLU A 61 -0.92 40.98 -14.62
CA GLU A 61 -0.15 39.94 -13.94
C GLU A 61 0.88 39.36 -14.89
N GLU A 62 2.07 39.09 -14.36
CA GLU A 62 3.19 38.55 -15.16
C GLU A 62 3.12 37.04 -15.11
N PHE A 63 2.49 36.45 -16.11
CA PHE A 63 2.50 35.00 -16.26
C PHE A 63 3.88 34.52 -16.66
N ASN A 64 4.28 33.36 -16.15
CA ASN A 64 5.61 32.82 -16.41
C ASN A 64 5.49 31.31 -16.62
N MET A 65 5.40 30.89 -17.88
CA MET A 65 5.49 29.49 -18.21
C MET A 65 6.96 29.05 -18.20
N TRP A 66 7.16 27.73 -18.30
CA TRP A 66 8.45 27.04 -18.12
C TRP A 66 9.05 27.26 -16.74
N LYS A 67 8.27 27.77 -15.78
CA LYS A 67 8.74 27.95 -14.41
C LYS A 67 7.70 27.39 -13.45
N ASN A 68 6.45 27.38 -13.87
CA ASN A 68 5.40 26.75 -13.07
C ASN A 68 5.56 25.25 -13.10
N ASN A 69 5.23 24.60 -11.98
CA ASN A 69 5.42 23.17 -11.84
C ASN A 69 4.13 22.38 -12.04
N MET A 70 3.11 22.98 -12.66
CA MET A 70 1.91 22.21 -13.01
C MET A 70 2.25 21.15 -14.06
N VAL A 71 3.08 21.49 -15.04
CA VAL A 71 3.56 20.49 -15.99
C VAL A 71 4.49 19.51 -15.30
N GLU A 72 5.24 19.97 -14.29
CA GLU A 72 6.01 19.04 -13.47
C GLU A 72 5.11 18.18 -12.59
N GLN A 73 4.02 18.77 -12.10
CA GLN A 73 3.01 17.98 -11.39
C GLN A 73 2.29 17.05 -12.36
N MET A 74 2.11 17.47 -13.62
CA MET A 74 1.58 16.57 -14.63
C MET A 74 2.51 15.41 -14.89
N HIS A 75 3.82 15.65 -14.90
CA HIS A 75 4.78 14.57 -15.08
C HIS A 75 4.90 13.68 -13.85
N THR A 76 4.28 14.06 -12.73
CA THR A 76 4.36 13.29 -11.50
C THR A 76 3.20 12.32 -11.34
N ASP A 77 1.97 12.74 -11.63
CA ASP A 77 0.80 11.89 -11.36
C ASP A 77 0.44 10.97 -12.52
N ILE A 78 0.79 11.33 -13.76
CA ILE A 78 0.54 10.45 -14.90
C ILE A 78 1.35 9.17 -14.78
N ILE A 79 2.64 9.29 -14.45
CA ILE A 79 3.47 8.10 -14.25
C ILE A 79 3.01 7.33 -13.02
N SER A 80 2.50 8.03 -12.00
CA SER A 80 1.92 7.36 -10.85
C SER A 80 0.67 6.57 -11.24
N LEU A 81 -0.18 7.16 -12.08
CA LEU A 81 -1.28 6.40 -12.66
C LEU A 81 -0.79 5.33 -13.62
N TRP A 82 0.34 5.57 -14.28
CA TRP A 82 0.85 4.62 -15.27
C TRP A 82 1.43 3.38 -14.60
N ASP A 83 2.06 3.54 -13.44
CA ASP A 83 2.57 2.40 -12.70
C ASP A 83 1.44 1.67 -11.98
N GLN A 84 0.41 2.40 -11.55
CA GLN A 84 -0.66 1.80 -10.75
C GLN A 84 -1.49 0.80 -11.55
N SER A 85 -1.79 1.11 -12.82
CA SER A 85 -2.55 0.18 -13.64
C SER A 85 -1.75 -1.08 -13.96
N LEU A 86 -0.42 -0.96 -13.99
CA LEU A 86 0.46 -2.10 -14.28
C LEU A 86 0.61 -3.05 -13.11
N LYS A 87 0.28 -2.62 -11.89
CA LYS A 87 0.48 -3.49 -10.73
C LYS A 87 -0.42 -4.73 -10.72
N PRO A 88 -1.77 -4.63 -10.90
CA PRO A 88 -2.59 -5.87 -10.86
C PRO A 88 -2.75 -6.50 -12.24
N CYS A 89 -1.63 -6.87 -12.86
CA CYS A 89 -1.63 -7.35 -14.23
C CYS A 89 -0.83 -8.64 -14.36
N VAL A 90 -1.14 -9.37 -15.44
CA VAL A 90 -0.41 -10.58 -15.77
C VAL A 90 1.02 -10.23 -16.21
N LYS A 91 1.98 -10.98 -15.69
CA LYS A 91 3.39 -10.75 -15.99
C LYS A 91 3.85 -11.63 -17.15
N LEU A 92 4.75 -11.07 -17.97
CA LEU A 92 5.22 -11.72 -19.18
C LEU A 92 6.72 -12.03 -19.13
N THR A 93 7.24 -12.32 -17.94
CA THR A 93 8.66 -12.65 -17.83
C THR A 93 9.12 -13.97 -18.48
N PRO A 94 8.27 -15.04 -18.68
CA PRO A 94 8.83 -16.24 -19.33
C PRO A 94 8.74 -16.22 -20.85
N LEU A 95 8.52 -15.06 -21.47
CA LEU A 95 8.34 -15.03 -22.91
C LEU A 95 9.63 -14.85 -23.70
N CYS A 96 10.75 -14.51 -23.06
CA CYS A 96 11.99 -14.32 -23.80
C CYS A 96 12.86 -15.58 -23.81
N VAL A 97 12.24 -16.74 -23.59
CA VAL A 97 12.87 -18.00 -23.96
C VAL A 97 13.10 -17.98 -25.46
N THR A 98 14.21 -18.60 -25.91
CA THR A 98 14.74 -18.46 -27.26
C THR A 98 13.72 -18.75 -28.36
N LEU A 99 13.41 -17.72 -29.14
CA LEU A 99 12.44 -17.85 -30.23
C LEU A 99 13.13 -18.42 -31.46
N GLN A 100 12.49 -19.40 -32.08
CA GLN A 100 12.92 -19.94 -33.38
C GLN A 100 11.93 -19.42 -34.41
N CYS A 101 12.40 -18.52 -35.26
CA CYS A 101 11.51 -17.71 -36.08
C CYS A 101 11.86 -17.92 -37.56
N THR A 102 11.01 -17.38 -38.43
CA THR A 102 11.27 -17.43 -39.87
C THR A 102 10.49 -16.30 -40.54
N ASN A 103 10.91 -15.98 -41.76
CA ASN A 103 10.20 -14.97 -42.55
C ASN A 103 8.84 -15.49 -42.98
N VAL A 104 7.84 -14.63 -42.95
CA VAL A 104 6.49 -14.97 -43.39
C VAL A 104 6.30 -14.50 -44.83
N THR A 105 5.80 -15.41 -45.68
CA THR A 105 5.51 -15.11 -47.08
C THR A 105 4.13 -15.68 -47.40
N ASN A 106 3.10 -14.86 -47.19
CA ASN A 106 1.72 -15.22 -47.52
C ASN A 106 1.06 -13.95 -48.05
N ASN A 107 1.10 -13.79 -49.37
CA ASN A 107 0.68 -12.57 -50.07
C ASN A 107 1.38 -11.34 -49.49
N ILE A 108 2.71 -11.40 -49.52
CA ILE A 108 3.56 -10.39 -48.92
C ILE A 108 3.93 -9.35 -49.99
N THR A 109 4.08 -8.10 -49.54
CA THR A 109 4.50 -7.03 -50.43
C THR A 109 6.01 -6.84 -50.33
N ASP A 110 6.53 -5.88 -51.11
CA ASP A 110 7.97 -5.63 -51.12
C ASP A 110 8.41 -4.91 -49.86
N ASP A 111 7.63 -3.95 -49.38
CA ASP A 111 8.02 -3.15 -48.24
C ASP A 111 7.88 -3.88 -46.90
N MET A 112 7.06 -4.93 -46.83
CA MET A 112 6.91 -5.72 -45.61
C MET A 112 7.72 -7.01 -45.63
N ARG A 113 8.62 -7.19 -46.61
CA ARG A 113 9.46 -8.37 -46.63
C ARG A 113 10.53 -8.26 -45.55
N GLY A 114 10.53 -9.21 -44.62
CA GLY A 114 11.43 -9.16 -43.49
C GLY A 114 10.96 -8.30 -42.34
N GLU A 115 9.71 -7.81 -42.38
CA GLU A 115 9.18 -6.97 -41.32
C GLU A 115 8.50 -7.81 -40.23
N LEU A 116 7.53 -8.63 -40.62
CA LEU A 116 6.86 -9.53 -39.68
C LEU A 116 7.57 -10.87 -39.65
N LYS A 117 7.61 -11.47 -38.47
CA LYS A 117 8.28 -12.74 -38.24
C LYS A 117 7.29 -13.73 -37.66
N ASN A 118 7.20 -14.92 -38.27
CA ASN A 118 6.38 -16.00 -37.73
C ASN A 118 7.24 -16.79 -36.76
N CYS A 119 6.97 -16.64 -35.47
CA CYS A 119 7.85 -17.15 -34.43
C CYS A 119 7.20 -18.31 -33.68
N SER A 120 8.06 -19.18 -33.14
CA SER A 120 7.61 -20.36 -32.42
C SER A 120 8.57 -20.63 -31.27
N PHE A 121 8.03 -21.07 -30.14
CA PHE A 121 8.81 -21.33 -28.93
C PHE A 121 8.09 -22.35 -28.07
N ASN A 122 8.66 -22.63 -26.89
CA ASN A 122 8.11 -23.64 -25.96
C ASN A 122 7.77 -22.97 -24.62
N MET A 123 6.51 -22.99 -24.18
CA MET A 123 6.08 -22.33 -22.91
C MET A 123 5.19 -23.24 -22.06
N THR A 124 4.97 -22.93 -20.78
CA THR A 124 4.15 -23.76 -19.83
C THR A 124 2.64 -23.76 -20.09
N THR A 125 1.91 -24.76 -19.60
CA THR A 125 0.43 -24.86 -19.76
C THR A 125 -0.18 -24.48 -18.42
N GLU A 126 -1.43 -24.83 -18.14
CA GLU A 126 -2.00 -24.36 -16.84
C GLU A 126 -1.14 -24.98 -15.75
N LEU A 127 -0.84 -26.27 -15.88
CA LEU A 127 0.02 -26.96 -14.91
C LEU A 127 1.46 -26.64 -15.26
N ARG A 128 2.41 -26.98 -14.42
CA ARG A 128 3.81 -26.56 -14.66
C ARG A 128 4.68 -27.75 -15.07
N ASP A 129 4.08 -28.87 -15.45
CA ASP A 129 4.87 -30.07 -15.84
C ASP A 129 4.62 -30.47 -17.29
N LYS A 130 3.66 -29.87 -17.97
CA LYS A 130 3.41 -30.13 -19.38
C LYS A 130 3.73 -28.88 -20.20
N LYS A 131 4.19 -29.11 -21.43
CA LYS A 131 4.57 -28.02 -22.32
C LYS A 131 3.95 -28.24 -23.69
N GLN A 132 3.89 -27.16 -24.48
CA GLN A 132 3.32 -27.20 -25.81
C GLN A 132 4.15 -26.34 -26.75
N LYS A 133 4.05 -26.62 -28.04
CA LYS A 133 4.82 -25.86 -29.06
C LYS A 133 3.83 -24.88 -29.67
N VAL A 134 3.84 -23.67 -29.20
CA VAL A 134 2.90 -22.63 -29.60
C VAL A 134 3.63 -21.63 -30.50
N TYR A 135 2.86 -20.94 -31.34
CA TYR A 135 3.41 -19.98 -32.29
C TYR A 135 2.69 -18.65 -32.16
N SER A 136 3.39 -17.58 -32.55
CA SER A 136 2.84 -16.24 -32.51
C SER A 136 3.54 -15.40 -33.58
N LEU A 137 3.10 -14.15 -33.70
CA LEU A 137 3.65 -13.20 -34.66
C LEU A 137 4.31 -12.05 -33.92
N PHE A 138 5.44 -11.59 -34.46
CA PHE A 138 6.18 -10.49 -33.86
C PHE A 138 6.76 -9.61 -34.96
N TYR A 139 7.03 -8.36 -34.61
CA TYR A 139 7.60 -7.40 -35.55
C TYR A 139 9.13 -7.43 -35.50
N ARG A 140 9.74 -6.76 -36.46
CA ARG A 140 11.21 -6.73 -36.54
C ARG A 140 11.81 -5.80 -35.49
N LEU A 141 11.10 -4.74 -35.11
CA LEU A 141 11.67 -3.72 -34.25
C LEU A 141 11.85 -4.18 -32.80
N ASP A 142 11.24 -5.29 -32.40
CA ASP A 142 11.37 -5.80 -31.04
C ASP A 142 11.97 -7.20 -30.99
N VAL A 143 12.41 -7.73 -32.14
CA VAL A 143 13.00 -9.06 -32.22
C VAL A 143 14.35 -8.94 -32.91
N VAL A 144 15.41 -9.42 -32.24
CA VAL A 144 16.76 -9.27 -32.73
C VAL A 144 17.42 -10.65 -32.81
N GLN A 145 18.62 -10.68 -33.39
CA GLN A 145 19.39 -11.90 -33.52
C GLN A 145 20.02 -12.28 -32.17
N ILE A 146 20.59 -13.48 -32.12
CA ILE A 146 21.32 -13.93 -30.94
C ILE A 146 22.78 -14.16 -31.32
N ASN A 147 23.02 -15.01 -32.30
CA ASN A 147 24.37 -15.31 -32.76
C ASN A 147 24.55 -14.97 -34.23
N LYS A 159 18.91 -18.61 -36.89
CA LYS A 159 17.45 -18.66 -36.89
C LYS A 159 16.90 -18.40 -35.49
N GLU A 160 17.76 -18.52 -34.48
CA GLU A 160 17.36 -18.31 -33.10
C GLU A 160 17.26 -16.81 -32.84
N TYR A 161 16.10 -16.36 -32.36
CA TYR A 161 15.85 -14.96 -32.07
C TYR A 161 15.47 -14.79 -30.61
N ARG A 162 15.68 -13.58 -30.10
CA ARG A 162 15.33 -13.24 -28.73
C ARG A 162 14.64 -11.88 -28.70
N LEU A 163 13.86 -11.67 -27.65
CA LEU A 163 13.17 -10.40 -27.48
C LEU A 163 14.15 -9.30 -27.09
N ILE A 164 13.84 -8.07 -27.48
CA ILE A 164 14.71 -6.95 -27.18
C ILE A 164 14.67 -6.58 -25.69
N ASN A 165 13.61 -6.95 -24.98
CA ASN A 165 13.49 -6.64 -23.57
C ASN A 165 14.08 -7.72 -22.66
N CYS A 166 14.65 -8.78 -23.22
CA CYS A 166 15.12 -9.88 -22.39
C CYS A 166 16.43 -9.54 -21.67
N ASN A 167 17.29 -8.71 -22.27
CA ASN A 167 18.49 -8.30 -21.56
C ASN A 167 18.25 -7.09 -20.67
N THR A 168 17.01 -6.59 -20.62
CA THR A 168 16.59 -5.51 -19.75
C THR A 168 15.51 -6.03 -18.81
N SER A 169 14.84 -5.10 -18.12
CA SER A 169 13.92 -5.43 -17.04
C SER A 169 12.76 -6.31 -17.48
N ALA A 170 12.37 -7.22 -16.59
CA ALA A 170 11.19 -8.05 -16.83
C ALA A 170 9.93 -7.20 -16.78
N CYS A 171 8.92 -7.60 -17.55
CA CYS A 171 7.81 -6.72 -17.86
C CYS A 171 6.63 -7.50 -18.42
N THR A 172 5.48 -6.82 -18.47
CA THR A 172 4.14 -7.41 -18.44
C THR A 172 3.34 -7.08 -19.70
N GLN A 173 2.04 -7.43 -19.68
CA GLN A 173 1.14 -7.22 -20.81
C GLN A 173 0.18 -6.05 -20.61
N ALA A 174 -0.06 -5.65 -19.35
CA ALA A 174 -0.81 -4.44 -18.98
C ALA A 174 -2.31 -4.54 -19.30
N CYS A 175 -2.92 -5.69 -18.97
CA CYS A 175 -4.36 -5.84 -18.73
C CYS A 175 -5.26 -5.27 -19.82
N PRO A 176 -5.44 -5.96 -20.95
CA PRO A 176 -6.20 -5.39 -22.07
C PRO A 176 -7.67 -5.09 -21.79
N LYS A 177 -8.19 -5.37 -20.59
CA LYS A 177 -9.56 -4.97 -20.26
C LYS A 177 -9.69 -3.47 -20.09
N VAL A 178 -8.60 -2.75 -19.84
CA VAL A 178 -8.65 -1.30 -19.74
C VAL A 178 -8.18 -0.71 -21.06
N SER A 179 -8.40 0.59 -21.23
CA SER A 179 -8.07 1.28 -22.47
C SER A 179 -7.19 2.48 -22.19
N PHE A 180 -6.35 2.82 -23.17
CA PHE A 180 -5.50 4.01 -23.11
C PHE A 180 -6.14 5.22 -23.77
N GLU A 181 -7.46 5.28 -23.81
CA GLU A 181 -8.15 6.38 -24.46
C GLU A 181 -8.01 7.67 -23.65
N PRO A 182 -7.50 8.75 -24.22
CA PRO A 182 -7.38 9.99 -23.46
C PRO A 182 -8.71 10.68 -23.24
N ILE A 183 -9.23 10.58 -22.02
CA ILE A 183 -10.46 11.27 -21.64
C ILE A 183 -10.06 12.60 -21.00
N PRO A 184 -10.68 13.71 -21.39
CA PRO A 184 -10.29 15.01 -20.83
C PRO A 184 -10.56 15.09 -19.33
N ILE A 185 -9.55 15.59 -18.60
CA ILE A 185 -9.60 15.68 -17.15
C ILE A 185 -9.40 17.14 -16.75
N HIS A 186 -10.07 17.55 -15.69
CA HIS A 186 -10.01 18.92 -15.19
C HIS A 186 -9.26 18.94 -13.86
N TYR A 187 -8.23 19.77 -13.78
CA TYR A 187 -7.51 20.01 -12.53
C TYR A 187 -8.21 21.11 -11.76
N CYS A 188 -8.78 20.76 -10.61
CA CYS A 188 -9.54 21.70 -9.80
C CYS A 188 -8.69 22.18 -8.63
N ALA A 189 -8.81 23.46 -8.31
CA ALA A 189 -8.01 24.05 -7.25
C ALA A 189 -8.54 23.64 -5.88
N PRO A 190 -7.66 23.52 -4.88
CA PRO A 190 -8.11 23.25 -3.52
C PRO A 190 -8.74 24.50 -2.90
N ALA A 191 -9.33 24.30 -1.72
CA ALA A 191 -9.98 25.39 -1.01
C ALA A 191 -8.96 26.42 -0.53
N GLY A 192 -9.34 27.69 -0.61
CA GLY A 192 -8.47 28.77 -0.22
C GLY A 192 -7.52 29.25 -1.30
N PHE A 193 -7.50 28.60 -2.45
CA PHE A 193 -6.63 28.96 -3.56
C PHE A 193 -7.48 29.36 -4.76
N ALA A 194 -6.82 29.80 -5.82
CA ALA A 194 -7.51 30.18 -7.05
C ALA A 194 -6.57 29.96 -8.23
N ILE A 195 -7.16 29.83 -9.41
CA ILE A 195 -6.44 29.65 -10.66
C ILE A 195 -6.75 30.82 -11.57
N LEU A 196 -5.72 31.47 -12.08
CA LEU A 196 -5.86 32.64 -12.93
C LEU A 196 -5.68 32.25 -14.39
N LYS A 197 -6.66 32.60 -15.22
CA LYS A 197 -6.62 32.32 -16.64
C LYS A 197 -6.45 33.62 -17.43
N CYS A 198 -5.44 33.67 -18.28
CA CYS A 198 -5.17 34.84 -19.10
C CYS A 198 -5.92 34.73 -20.42
N LYS A 199 -6.79 35.70 -20.70
CA LYS A 199 -7.63 35.69 -21.88
C LYS A 199 -7.08 36.57 -23.00
N ASP A 200 -5.82 36.98 -22.92
CA ASP A 200 -5.23 37.81 -23.95
C ASP A 200 -4.99 36.98 -25.22
N LYS A 201 -5.45 37.51 -26.35
CA LYS A 201 -5.38 36.76 -27.61
C LYS A 201 -3.98 36.73 -28.19
N LYS A 202 -3.16 37.73 -27.90
CA LYS A 202 -1.80 37.83 -28.43
C LYS A 202 -0.75 37.70 -27.33
N PHE A 203 -0.98 36.80 -26.39
CA PHE A 203 -0.07 36.59 -25.27
C PHE A 203 0.92 35.48 -25.62
N ASN A 204 2.21 35.81 -25.66
CA ASN A 204 3.25 34.84 -25.96
C ASN A 204 3.74 34.22 -24.65
N GLY A 205 4.89 33.54 -24.71
CA GLY A 205 5.41 32.74 -23.61
C GLY A 205 5.50 33.39 -22.23
N THR A 206 6.38 34.36 -22.08
CA THR A 206 6.56 35.04 -20.80
C THR A 206 6.35 36.54 -20.97
N GLY A 207 5.71 37.15 -19.97
CA GLY A 207 5.42 38.55 -19.99
C GLY A 207 4.14 38.88 -19.23
N PRO A 208 3.82 40.17 -19.13
CA PRO A 208 2.60 40.57 -18.44
C PRO A 208 1.35 40.19 -19.22
N CYS A 209 0.27 39.98 -18.48
CA CYS A 209 -1.04 39.66 -19.08
C CYS A 209 -2.02 40.77 -18.73
N PRO A 210 -2.44 41.58 -19.70
CA PRO A 210 -3.28 42.75 -19.37
C PRO A 210 -4.72 42.39 -19.03
N SER A 211 -5.19 41.19 -19.34
CA SER A 211 -6.57 40.79 -19.06
C SER A 211 -6.56 39.35 -18.57
N VAL A 212 -6.67 39.17 -17.25
CA VAL A 212 -6.67 37.84 -16.63
C VAL A 212 -8.00 37.65 -15.92
N SER A 213 -8.53 36.42 -16.01
CA SER A 213 -9.80 36.06 -15.40
C SER A 213 -9.59 34.87 -14.48
N THR A 214 -10.06 34.98 -13.24
CA THR A 214 -9.94 33.89 -12.29
C THR A 214 -10.95 32.79 -12.62
N VAL A 215 -10.64 31.57 -12.17
CA VAL A 215 -11.49 30.42 -12.38
C VAL A 215 -11.21 29.41 -11.27
N GLN A 216 -12.26 28.71 -10.85
CA GLN A 216 -12.12 27.72 -9.79
C GLN A 216 -11.41 26.46 -10.30
N CYS A 217 -11.78 25.98 -11.47
CA CYS A 217 -11.24 24.74 -11.99
C CYS A 217 -11.09 24.87 -13.51
N THR A 218 -10.03 24.28 -14.04
CA THR A 218 -9.67 24.49 -15.44
C THR A 218 -10.61 23.71 -16.37
N HIS A 219 -10.41 23.93 -17.67
CA HIS A 219 -11.22 23.31 -18.70
C HIS A 219 -10.70 21.90 -18.98
N GLY A 220 -11.23 21.28 -20.02
CA GLY A 220 -10.86 19.91 -20.33
C GLY A 220 -9.46 19.82 -20.91
N ILE A 221 -8.64 18.94 -20.34
CA ILE A 221 -7.28 18.71 -20.79
C ILE A 221 -7.15 17.22 -21.11
N LYS A 222 -6.87 16.91 -22.38
CA LYS A 222 -6.71 15.52 -22.80
C LYS A 222 -5.27 15.09 -22.62
N PRO A 223 -4.99 14.10 -21.77
CA PRO A 223 -3.59 13.69 -21.52
C PRO A 223 -3.04 12.76 -22.60
N VAL A 224 -2.90 13.29 -23.80
CA VAL A 224 -2.31 12.56 -24.91
C VAL A 224 -0.79 12.76 -24.88
N VAL A 225 -0.06 11.76 -25.36
CA VAL A 225 1.40 11.77 -25.35
C VAL A 225 1.90 11.66 -26.79
N SER A 226 2.77 12.58 -27.18
CA SER A 226 3.41 12.55 -28.49
C SER A 226 4.74 13.26 -28.40
N THR A 227 5.62 12.97 -29.36
CA THR A 227 6.99 13.50 -29.32
C THR A 227 7.29 14.54 -30.39
N GLN A 228 6.55 14.56 -31.50
CA GLN A 228 6.83 15.51 -32.57
C GLN A 228 5.70 16.49 -32.80
N LEU A 229 4.47 16.01 -32.96
CA LEU A 229 3.33 16.86 -33.28
C LEU A 229 2.30 16.83 -32.16
N LEU A 230 1.64 17.95 -31.95
CA LEU A 230 0.52 18.03 -31.02
C LEU A 230 -0.68 17.29 -31.60
N LEU A 231 -1.35 16.52 -30.76
CA LEU A 231 -2.52 15.75 -31.18
C LEU A 231 -3.73 16.17 -30.35
N ASN A 232 -4.84 16.49 -31.03
CA ASN A 232 -6.13 16.79 -30.41
C ASN A 232 -6.05 17.95 -29.42
N GLY A 233 -5.16 18.91 -29.68
CA GLY A 233 -4.95 20.00 -28.75
C GLY A 233 -5.93 21.14 -28.92
N SER A 234 -5.85 22.11 -28.01
CA SER A 234 -6.70 23.29 -28.07
C SER A 234 -6.16 24.24 -29.13
N LEU A 235 -7.06 24.75 -29.98
CA LEU A 235 -6.67 25.62 -31.07
C LEU A 235 -6.39 27.03 -30.56
N ALA A 236 -5.71 27.81 -31.40
CA ALA A 236 -5.47 29.21 -31.11
C ALA A 236 -6.71 30.03 -31.44
N GLU A 237 -6.66 31.34 -31.14
CA GLU A 237 -7.82 32.20 -31.33
C GLU A 237 -7.85 32.80 -32.74
N GLU A 238 -6.86 33.61 -33.08
CA GLU A 238 -6.83 34.28 -34.38
C GLU A 238 -5.54 34.06 -35.14
N GLU A 239 -4.40 34.02 -34.45
CA GLU A 239 -3.09 33.97 -35.10
C GLU A 239 -2.28 32.86 -34.44
N VAL A 240 -1.44 32.18 -35.23
CA VAL A 240 -0.61 31.12 -34.66
C VAL A 240 0.50 31.76 -33.82
N MET A 241 0.76 31.16 -32.66
CA MET A 241 1.71 31.69 -31.70
C MET A 241 3.01 30.90 -31.72
N ILE A 242 4.11 31.59 -31.47
CA ILE A 242 5.44 30.99 -31.41
C ILE A 242 6.03 31.29 -30.04
N ARG A 243 6.39 30.25 -29.31
CA ARG A 243 6.90 30.37 -27.95
C ARG A 243 8.25 29.68 -27.83
N SER A 244 9.18 30.34 -27.14
CA SER A 244 10.51 29.79 -26.94
C SER A 244 11.09 30.38 -25.66
N GLU A 245 12.14 29.72 -25.15
CA GLU A 245 12.86 30.23 -23.99
C GLU A 245 13.52 31.56 -24.33
N ASN A 246 14.34 31.53 -25.40
CA ASN A 246 15.00 32.74 -25.94
C ASN A 246 14.78 32.68 -27.45
N ILE A 247 14.52 33.81 -28.10
CA ILE A 247 14.36 33.79 -29.55
C ILE A 247 15.70 33.56 -30.25
N THR A 248 16.82 33.74 -29.54
CA THR A 248 18.14 33.49 -30.11
C THR A 248 18.72 32.15 -29.66
N ASN A 249 17.97 31.34 -28.93
CA ASN A 249 18.48 30.08 -28.43
C ASN A 249 18.59 29.04 -29.55
N ASN A 250 19.47 28.07 -29.34
CA ASN A 250 19.69 26.99 -30.29
C ASN A 250 18.92 25.73 -29.89
N ALA A 251 18.35 25.71 -28.69
CA ALA A 251 17.76 24.48 -28.16
C ALA A 251 16.53 24.85 -27.32
N LYS A 252 16.10 23.90 -26.48
CA LYS A 252 14.92 23.99 -25.62
C LYS A 252 13.61 24.09 -26.39
N ASN A 253 13.54 23.51 -27.59
CA ASN A 253 12.30 23.07 -28.23
C ASN A 253 11.32 24.23 -28.48
N ILE A 254 11.69 25.10 -29.42
CA ILE A 254 10.75 26.11 -29.90
C ILE A 254 9.53 25.42 -30.49
N LEU A 255 8.34 25.91 -30.13
CA LEU A 255 7.10 25.23 -30.49
C LEU A 255 6.08 26.26 -30.97
N VAL A 256 5.15 25.79 -31.81
CA VAL A 256 4.08 26.61 -32.36
C VAL A 256 2.75 25.95 -32.05
N GLN A 257 1.68 26.70 -32.26
CA GLN A 257 0.31 26.21 -32.06
C GLN A 257 -0.55 26.72 -33.20
N PHE A 258 -1.21 25.79 -33.90
CA PHE A 258 -2.03 26.15 -35.05
C PHE A 258 -3.33 26.81 -34.62
N ASN A 259 -3.85 27.68 -35.48
CA ASN A 259 -5.13 28.33 -35.26
C ASN A 259 -6.28 27.64 -35.97
N THR A 260 -6.02 26.96 -37.08
CA THR A 260 -7.01 26.18 -37.79
C THR A 260 -6.66 24.70 -37.71
N PRO A 261 -7.65 23.82 -37.58
CA PRO A 261 -7.34 22.39 -37.45
C PRO A 261 -7.15 21.72 -38.81
N VAL A 262 -6.14 20.85 -38.88
CA VAL A 262 -5.90 20.02 -40.05
C VAL A 262 -5.92 18.56 -39.60
N GLN A 263 -6.65 17.74 -40.33
CA GLN A 263 -6.99 16.38 -39.91
C GLN A 263 -6.01 15.35 -40.49
N ILE A 264 -5.93 14.21 -39.82
CA ILE A 264 -5.06 13.11 -40.22
C ILE A 264 -5.81 11.80 -39.97
N ASN A 265 -5.62 10.85 -40.89
CA ASN A 265 -6.15 9.49 -40.72
C ASN A 265 -4.99 8.51 -40.73
N CYS A 266 -4.86 7.74 -39.65
CA CYS A 266 -3.85 6.70 -39.54
C CYS A 266 -4.54 5.36 -39.42
N THR A 267 -4.28 4.46 -40.37
CA THR A 267 -4.99 3.20 -40.48
C THR A 267 -4.04 2.02 -40.41
N ARG A 268 -4.54 0.92 -39.86
CA ARG A 268 -3.88 -0.38 -39.93
C ARG A 268 -4.74 -1.33 -40.74
N PRO A 269 -4.45 -1.54 -42.02
CA PRO A 269 -5.38 -2.26 -42.90
C PRO A 269 -5.28 -3.78 -42.83
N ASN A 270 -4.64 -4.35 -41.81
CA ASN A 270 -4.53 -5.79 -41.67
C ASN A 270 -5.70 -6.34 -40.88
N ASN A 271 -6.21 -7.51 -41.32
CA ASN A 271 -7.31 -8.19 -40.63
C ASN A 271 -6.74 -9.05 -39.51
N ASN A 272 -6.25 -8.36 -38.48
CA ASN A 272 -5.53 -9.01 -37.40
C ASN A 272 -6.53 -9.65 -36.44
N THR A 273 -6.12 -10.75 -35.82
CA THR A 273 -6.96 -11.50 -34.89
C THR A 273 -6.18 -11.81 -33.62
N ARG A 274 -6.92 -12.13 -32.56
CA ARG A 274 -6.35 -12.29 -31.22
C ARG A 274 -6.71 -13.67 -30.67
N LYS A 275 -5.69 -14.40 -30.23
CA LYS A 275 -5.85 -15.73 -29.65
C LYS A 275 -5.36 -15.72 -28.21
N SER A 276 -5.96 -16.58 -27.39
CA SER A 276 -5.63 -16.67 -25.97
C SER A 276 -4.66 -17.82 -25.75
N ILE A 277 -3.47 -17.51 -25.25
CA ILE A 277 -2.47 -18.50 -24.89
C ILE A 277 -2.15 -18.30 -23.41
N ARG A 278 -2.32 -19.40 -22.67
CA ARG A 278 -2.24 -19.36 -21.19
C ARG A 278 -0.84 -19.40 -20.61
N ILE A 279 -0.48 -18.36 -19.85
CA ILE A 279 0.82 -18.54 -19.20
C ILE A 279 0.74 -19.68 -18.18
N GLY A 280 -0.31 -19.67 -17.36
CA GLY A 280 -0.50 -20.65 -16.33
C GLY A 280 -1.84 -20.48 -15.65
N PRO A 281 -1.86 -20.59 -14.32
CA PRO A 281 -3.13 -20.47 -13.59
C PRO A 281 -3.66 -19.05 -13.51
N GLY A 282 -4.72 -18.78 -14.28
CA GLY A 282 -5.32 -17.44 -14.30
C GLY A 282 -4.38 -16.36 -14.78
N GLN A 283 -3.60 -16.67 -15.80
CA GLN A 283 -2.46 -15.85 -16.23
C GLN A 283 -2.58 -15.60 -17.73
N ALA A 284 -3.78 -15.24 -18.17
CA ALA A 284 -4.12 -15.28 -19.59
C ALA A 284 -3.35 -14.25 -20.40
N PHE A 285 -2.63 -14.72 -21.42
CA PHE A 285 -1.83 -13.89 -22.30
C PHE A 285 -2.39 -13.95 -23.72
N TYR A 286 -2.40 -12.81 -24.40
CA TYR A 286 -3.00 -12.68 -25.72
C TYR A 286 -1.90 -12.40 -26.74
N ALA A 287 -1.87 -13.19 -27.81
CA ALA A 287 -0.84 -13.09 -28.83
C ALA A 287 -1.48 -12.98 -30.21
N THR A 288 -0.69 -12.51 -31.17
CA THR A 288 -1.18 -12.30 -32.53
C THR A 288 -1.44 -13.64 -33.21
N GLY A 289 -2.61 -13.77 -33.82
CA GLY A 289 -2.98 -15.01 -34.49
C GLY A 289 -2.56 -15.05 -35.94
N ASP A 290 -3.48 -15.47 -36.81
CA ASP A 290 -3.23 -15.59 -38.24
C ASP A 290 -3.89 -14.42 -38.96
N ILE A 291 -3.07 -13.61 -39.66
CA ILE A 291 -3.62 -12.49 -40.40
C ILE A 291 -4.38 -13.01 -41.62
N ILE A 292 -5.40 -12.25 -42.03
CA ILE A 292 -6.30 -12.65 -43.11
C ILE A 292 -6.18 -11.64 -44.23
N GLY A 293 -6.01 -12.13 -45.46
CA GLY A 293 -5.98 -11.27 -46.62
C GLY A 293 -4.62 -10.68 -46.91
N ASP A 294 -4.60 -9.79 -47.89
CA ASP A 294 -3.37 -9.13 -48.30
C ASP A 294 -2.93 -8.14 -47.23
N ILE A 295 -1.64 -8.15 -46.91
CA ILE A 295 -1.08 -7.26 -45.91
C ILE A 295 -0.62 -5.98 -46.59
N ARG A 296 -0.80 -4.85 -45.92
CA ARG A 296 -0.39 -3.56 -46.42
C ARG A 296 0.27 -2.77 -45.29
N GLN A 297 1.19 -1.89 -45.66
CA GLN A 297 1.89 -1.07 -44.68
C GLN A 297 0.94 -0.07 -44.04
N ALA A 298 1.08 0.12 -42.73
CA ALA A 298 0.30 1.14 -42.04
C ALA A 298 0.79 2.53 -42.45
N HIS A 299 -0.15 3.39 -42.86
CA HIS A 299 0.19 4.68 -43.40
C HIS A 299 -0.76 5.75 -42.85
N CYS A 300 -0.27 6.99 -42.83
CA CYS A 300 -1.05 8.13 -42.41
C CYS A 300 -1.14 9.12 -43.56
N ASN A 301 -2.36 9.59 -43.84
CA ASN A 301 -2.62 10.48 -44.97
C ASN A 301 -2.88 11.90 -44.47
N VAL A 302 -2.20 12.86 -45.09
CA VAL A 302 -2.40 14.28 -44.83
C VAL A 302 -2.67 14.96 -46.16
N SER A 303 -3.69 15.83 -46.19
CA SER A 303 -4.01 16.57 -47.41
C SER A 303 -2.85 17.46 -47.82
N LYS A 304 -2.46 17.38 -49.09
CA LYS A 304 -1.28 18.09 -49.56
C LYS A 304 -1.52 19.59 -49.63
N ALA A 305 -2.69 20.00 -50.13
CA ALA A 305 -2.98 21.43 -50.26
C ALA A 305 -3.23 22.06 -48.90
N THR A 306 -3.87 21.33 -47.99
CA THR A 306 -4.17 21.87 -46.67
C THR A 306 -2.92 22.03 -45.83
N TRP A 307 -2.01 21.04 -45.89
CA TRP A 307 -0.78 21.13 -45.11
C TRP A 307 0.17 22.18 -45.67
N ASN A 308 0.20 22.35 -46.98
CA ASN A 308 1.10 23.33 -47.60
C ASN A 308 0.69 24.76 -47.25
N GLU A 309 -0.61 25.04 -47.24
CA GLU A 309 -1.07 26.38 -46.87
C GLU A 309 -0.96 26.61 -45.37
N THR A 310 -1.13 25.55 -44.57
CA THR A 310 -0.90 25.67 -43.13
C THR A 310 0.56 25.98 -42.84
N LEU A 311 1.49 25.31 -43.54
CA LEU A 311 2.89 25.67 -43.46
C LEU A 311 3.18 27.03 -44.09
N GLY A 312 2.32 27.50 -44.98
CA GLY A 312 2.46 28.82 -45.55
C GLY A 312 2.03 29.95 -44.64
N LYS A 313 1.42 29.64 -43.50
CA LYS A 313 1.03 30.65 -42.52
C LYS A 313 2.06 30.82 -41.41
N VAL A 314 2.67 29.71 -40.98
CA VAL A 314 3.70 29.79 -39.95
C VAL A 314 4.98 30.41 -40.50
N VAL A 315 5.23 30.26 -41.81
CA VAL A 315 6.41 30.86 -42.42
C VAL A 315 6.32 32.39 -42.42
N LYS A 316 5.10 32.94 -42.46
CA LYS A 316 4.93 34.38 -42.30
C LYS A 316 5.08 34.80 -40.85
N GLN A 317 4.64 33.94 -39.91
CA GLN A 317 4.79 34.24 -38.49
C GLN A 317 6.24 34.13 -38.05
N LEU A 318 7.02 33.27 -38.70
CA LEU A 318 8.43 33.11 -38.36
C LEU A 318 9.31 34.23 -38.91
N ARG A 319 8.79 35.06 -39.81
CA ARG A 319 9.59 36.08 -40.48
C ARG A 319 9.68 37.39 -39.70
N LYS A 320 8.90 37.56 -38.63
CA LYS A 320 8.99 38.78 -37.83
C LYS A 320 9.88 38.62 -36.60
N HIS A 321 9.94 37.41 -36.02
CA HIS A 321 10.89 37.17 -34.95
C HIS A 321 12.33 37.20 -35.47
N PHE A 322 12.55 36.67 -36.66
CA PHE A 322 13.84 36.71 -37.32
C PHE A 322 13.87 37.85 -38.32
N GLY A 323 14.94 37.94 -39.10
CA GLY A 323 15.07 39.02 -40.06
C GLY A 323 14.16 38.83 -41.26
N ASN A 324 13.76 39.95 -41.84
CA ASN A 324 12.93 39.92 -43.04
C ASN A 324 13.77 39.55 -44.26
N ASN A 325 13.07 39.04 -45.28
CA ASN A 325 13.67 38.60 -46.55
C ASN A 325 14.76 37.55 -46.33
N THR A 326 14.53 36.67 -45.35
CA THR A 326 15.45 35.59 -45.04
C THR A 326 14.75 34.26 -45.34
N ILE A 327 15.37 33.45 -46.19
CA ILE A 327 14.80 32.17 -46.58
C ILE A 327 15.05 31.15 -45.49
N ILE A 328 14.09 30.25 -45.29
CA ILE A 328 14.21 29.17 -44.32
C ILE A 328 13.92 27.85 -45.04
N ARG A 329 14.65 26.80 -44.65
CA ARG A 329 14.51 25.48 -45.25
C ARG A 329 14.19 24.47 -44.17
N PHE A 330 13.12 23.71 -44.38
CA PHE A 330 12.73 22.66 -43.44
C PHE A 330 13.51 21.37 -43.73
N ALA A 331 13.62 20.54 -42.70
CA ALA A 331 14.36 19.29 -42.81
C ALA A 331 13.76 18.27 -41.86
N ASN A 332 14.11 17.01 -42.07
CA ASN A 332 13.62 15.91 -41.24
C ASN A 332 14.48 15.81 -39.97
N SER A 333 14.27 14.75 -39.19
CA SER A 333 15.00 14.57 -37.95
C SER A 333 16.47 14.26 -38.23
N SER A 334 17.34 14.72 -37.33
CA SER A 334 18.77 14.52 -37.51
C SER A 334 19.19 13.11 -37.13
N GLY A 335 18.93 12.70 -35.90
CA GLY A 335 19.31 11.37 -35.46
C GLY A 335 18.88 11.13 -34.03
N GLY A 336 19.18 9.93 -33.55
CA GLY A 336 18.83 9.48 -32.22
C GLY A 336 18.19 8.11 -32.28
N ASP A 337 17.42 7.78 -31.25
CA ASP A 337 16.72 6.52 -31.19
C ASP A 337 15.43 6.60 -32.00
N LEU A 338 14.69 5.48 -32.03
CA LEU A 338 13.45 5.43 -32.78
C LEU A 338 12.33 6.22 -32.11
N GLU A 339 12.44 6.52 -30.82
CA GLU A 339 11.42 7.26 -30.11
C GLU A 339 11.49 8.77 -30.32
N VAL A 340 12.53 9.26 -31.00
CA VAL A 340 12.66 10.68 -31.27
C VAL A 340 12.69 11.01 -32.76
N THR A 341 13.12 10.10 -33.61
CA THR A 341 13.19 10.35 -35.05
C THR A 341 11.89 10.05 -35.78
N THR A 342 10.91 9.46 -35.09
CA THR A 342 9.64 9.11 -35.71
C THR A 342 8.50 9.70 -34.89
N HIS A 343 7.39 9.96 -35.58
CA HIS A 343 6.19 10.51 -34.93
C HIS A 343 5.52 9.41 -34.13
N SER A 344 5.70 9.41 -32.81
CA SER A 344 5.16 8.39 -31.93
C SER A 344 3.90 8.89 -31.27
N PHE A 345 2.82 8.13 -31.39
CA PHE A 345 1.54 8.46 -30.80
C PHE A 345 0.74 7.17 -30.63
N ASN A 346 -0.55 7.30 -30.32
CA ASN A 346 -1.42 6.17 -30.09
C ASN A 346 -2.59 6.19 -31.07
N CYS A 347 -3.07 5.00 -31.42
CA CYS A 347 -4.21 4.84 -32.33
C CYS A 347 -5.02 3.63 -31.87
N GLY A 348 -6.04 3.90 -31.05
CA GLY A 348 -6.93 2.85 -30.61
C GLY A 348 -6.34 1.84 -29.65
N GLY A 349 -5.26 2.20 -28.97
CA GLY A 349 -4.56 1.28 -28.09
C GLY A 349 -3.34 0.62 -28.68
N GLU A 350 -2.94 1.00 -29.90
CA GLU A 350 -1.77 0.45 -30.54
C GLU A 350 -0.81 1.58 -30.91
N PHE A 351 0.46 1.40 -30.60
CA PHE A 351 1.44 2.45 -30.78
C PHE A 351 1.96 2.50 -32.22
N PHE A 352 2.20 3.71 -32.70
CA PHE A 352 2.68 3.95 -34.05
C PHE A 352 4.01 4.69 -34.00
N TYR A 353 4.86 4.43 -35.01
CA TYR A 353 6.16 5.09 -35.15
C TYR A 353 6.32 5.44 -36.62
N CYS A 354 5.88 6.64 -36.98
CA CYS A 354 5.72 7.02 -38.38
C CYS A 354 6.91 7.84 -38.87
N ASN A 355 7.43 7.45 -40.04
CA ASN A 355 8.42 8.26 -40.74
C ASN A 355 7.78 9.56 -41.21
N THR A 356 8.50 10.67 -41.02
CA THR A 356 7.92 12.00 -41.23
C THR A 356 8.71 12.83 -42.23
N SER A 357 9.46 12.18 -43.13
CA SER A 357 10.22 12.94 -44.12
C SER A 357 9.34 13.55 -45.20
N GLY A 358 8.16 12.98 -45.45
CA GLY A 358 7.31 13.44 -46.53
C GLY A 358 6.53 14.71 -46.26
N LEU A 359 6.50 15.16 -45.00
CA LEU A 359 5.81 16.39 -44.63
C LEU A 359 6.76 17.54 -44.34
N PHE A 360 8.04 17.26 -44.16
CA PHE A 360 9.01 18.28 -43.74
C PHE A 360 10.15 18.47 -44.75
N ASN A 361 9.89 18.31 -46.06
CA ASN A 361 10.87 18.72 -47.05
C ASN A 361 10.35 20.06 -47.54
N SER A 362 10.91 21.15 -47.04
CA SER A 362 10.40 22.41 -47.54
C SER A 362 11.52 23.44 -47.65
N THR A 363 11.44 24.24 -48.71
CA THR A 363 12.27 25.42 -48.89
C THR A 363 11.36 26.56 -49.32
N TRP A 364 11.41 27.66 -48.57
CA TRP A 364 10.57 28.81 -48.84
C TRP A 364 11.43 30.01 -49.21
N ILE A 365 10.90 30.86 -50.07
CA ILE A 365 11.61 32.02 -50.57
C ILE A 365 10.70 33.23 -50.37
N SER A 366 11.32 34.40 -50.21
CA SER A 366 10.55 35.62 -50.03
C SER A 366 9.88 36.03 -51.34
N ASN A 367 8.97 37.00 -51.24
CA ASN A 367 8.15 37.49 -52.35
C ASN A 367 7.35 36.35 -52.99
N THR A 368 6.49 35.74 -52.18
CA THR A 368 5.64 34.65 -52.64
C THR A 368 4.52 35.16 -53.55
N ASP A 380 -2.41 15.06 -54.42
CA ASP A 380 -3.62 15.39 -53.67
C ASP A 380 -3.40 15.22 -52.17
N SER A 381 -2.71 14.14 -51.80
CA SER A 381 -2.41 13.85 -50.41
C SER A 381 -1.00 13.30 -50.30
N ILE A 382 -0.42 13.43 -49.11
CA ILE A 382 0.92 12.96 -48.82
C ILE A 382 0.82 11.75 -47.90
N THR A 383 1.41 10.64 -48.33
CA THR A 383 1.43 9.43 -47.51
C THR A 383 2.68 9.40 -46.64
N LEU A 384 2.57 8.72 -45.51
CA LEU A 384 3.66 8.61 -44.54
C LEU A 384 3.87 7.13 -44.21
N PRO A 385 5.03 6.56 -44.53
CA PRO A 385 5.34 5.21 -44.05
C PRO A 385 5.42 5.18 -42.52
N CYS A 386 4.95 4.09 -41.93
CA CYS A 386 4.84 4.01 -40.48
C CYS A 386 5.06 2.57 -40.04
N ARG A 387 5.90 2.39 -39.03
CA ARG A 387 6.16 1.08 -38.44
C ARG A 387 5.50 0.98 -37.07
N ILE A 388 5.21 -0.26 -36.66
CA ILE A 388 4.43 -0.53 -35.47
C ILE A 388 5.27 -1.37 -34.51
N LYS A 389 5.30 -0.97 -33.24
CA LYS A 389 5.98 -1.71 -32.19
C LYS A 389 4.97 -2.30 -31.22
N GLN A 390 5.33 -3.41 -30.60
CA GLN A 390 4.49 -4.06 -29.60
C GLN A 390 4.94 -3.76 -28.18
N ILE A 391 6.22 -3.97 -27.87
CA ILE A 391 6.79 -3.62 -26.58
C ILE A 391 7.57 -2.33 -26.71
N ILE A 392 7.26 -1.35 -25.86
CA ILE A 392 7.92 -0.06 -25.86
C ILE A 392 8.25 0.35 -24.43
N ASN A 393 9.15 1.31 -24.30
CA ASN A 393 9.38 2.03 -23.07
C ASN A 393 8.66 3.37 -23.20
N MET A 394 7.58 3.54 -22.46
CA MET A 394 6.75 4.74 -22.60
C MET A 394 7.51 5.99 -22.15
N TRP A 395 8.31 5.87 -21.09
CA TRP A 395 9.12 6.95 -20.59
C TRP A 395 10.59 6.50 -20.59
N GLN A 396 11.45 7.33 -20.00
CA GLN A 396 12.87 7.01 -19.90
C GLN A 396 13.19 6.05 -18.76
N ARG A 397 12.17 5.45 -18.14
CA ARG A 397 12.38 4.47 -17.09
C ARG A 397 12.99 3.19 -17.66
N ILE A 398 13.93 2.62 -16.93
CA ILE A 398 14.59 1.38 -17.34
C ILE A 398 14.03 0.16 -16.63
N GLY A 399 13.05 0.32 -15.75
CA GLY A 399 12.56 -0.75 -14.91
C GLY A 399 11.32 -1.47 -15.38
N GLN A 400 10.73 -1.04 -16.50
CA GLN A 400 9.46 -1.68 -16.96
C GLN A 400 9.28 -1.57 -18.48
N CYS A 401 8.45 -2.44 -19.06
CA CYS A 401 8.09 -2.34 -20.49
C CYS A 401 6.66 -2.84 -20.62
N MET A 402 5.95 -2.47 -21.68
CA MET A 402 4.53 -2.87 -21.78
C MET A 402 4.35 -3.67 -23.06
N TYR A 403 3.75 -4.84 -22.99
CA TYR A 403 3.49 -5.57 -24.26
C TYR A 403 2.12 -5.18 -24.76
N ALA A 404 2.08 -4.31 -25.77
CA ALA A 404 0.79 -3.88 -26.32
C ALA A 404 0.06 -5.13 -26.77
N PRO A 405 -1.15 -5.46 -26.31
CA PRO A 405 -1.81 -6.67 -26.81
C PRO A 405 -2.28 -6.48 -28.25
N PRO A 406 -2.23 -7.51 -29.07
CA PRO A 406 -2.75 -7.39 -30.44
C PRO A 406 -4.26 -7.26 -30.43
N ILE A 407 -4.73 -6.11 -30.90
CA ILE A 407 -6.15 -5.77 -30.88
C ILE A 407 -6.77 -6.04 -32.24
N GLN A 408 -7.96 -6.62 -32.22
CA GLN A 408 -8.55 -7.24 -33.41
C GLN A 408 -9.20 -6.21 -34.32
N GLY A 409 -9.20 -6.52 -35.62
CA GLY A 409 -9.95 -5.77 -36.61
C GLY A 409 -9.18 -4.61 -37.20
N VAL A 410 -9.70 -4.11 -38.33
CA VAL A 410 -9.12 -2.94 -38.96
C VAL A 410 -9.47 -1.69 -38.14
N ILE A 411 -8.47 -0.84 -37.93
CA ILE A 411 -8.60 0.31 -37.05
C ILE A 411 -8.37 1.57 -37.87
N ARG A 412 -9.23 2.57 -37.68
CA ARG A 412 -9.16 3.84 -38.39
C ARG A 412 -9.42 4.95 -37.39
N CYS A 413 -8.35 5.63 -36.96
CA CYS A 413 -8.45 6.71 -35.99
C CYS A 413 -8.28 8.05 -36.69
N VAL A 414 -9.19 8.98 -36.39
CA VAL A 414 -9.16 10.32 -36.96
C VAL A 414 -8.74 11.30 -35.85
N SER A 415 -7.85 12.23 -36.20
CA SER A 415 -7.32 13.16 -35.22
C SER A 415 -6.90 14.44 -35.93
N ASN A 416 -6.72 15.49 -35.15
CA ASN A 416 -6.23 16.78 -35.64
C ASN A 416 -4.82 17.03 -35.10
N ILE A 417 -3.90 17.35 -36.00
CA ILE A 417 -2.59 17.83 -35.60
C ILE A 417 -2.63 19.36 -35.54
N THR A 418 -2.13 19.91 -34.44
CA THR A 418 -2.30 21.33 -34.18
C THR A 418 -1.06 22.03 -33.65
N GLY A 419 0.10 21.37 -33.62
CA GLY A 419 1.30 22.01 -33.13
C GLY A 419 2.54 21.29 -33.60
N LEU A 420 3.65 22.01 -33.55
CA LEU A 420 4.96 21.49 -33.94
C LEU A 420 5.94 21.69 -32.81
N ILE A 421 6.93 20.81 -32.72
CA ILE A 421 8.01 20.90 -31.76
C ILE A 421 9.31 20.95 -32.57
N LEU A 422 9.80 22.15 -32.81
CA LEU A 422 10.95 22.36 -33.68
C LEU A 422 12.21 22.65 -32.88
N THR A 423 13.35 22.35 -33.49
CA THR A 423 14.67 22.64 -32.92
C THR A 423 15.53 23.24 -34.01
N ARG A 424 16.01 24.45 -33.80
CA ARG A 424 16.87 25.09 -34.79
C ARG A 424 18.31 24.63 -34.65
N ASP A 425 19.13 24.99 -35.62
CA ASP A 425 20.54 24.67 -35.64
C ASP A 425 21.36 25.95 -35.70
N GLY A 426 22.58 25.89 -35.17
CA GLY A 426 23.45 27.04 -35.09
C GLY A 426 24.18 27.31 -36.40
N GLY A 427 25.20 28.14 -36.31
CA GLY A 427 25.97 28.53 -37.47
C GLY A 427 25.60 29.89 -38.01
N SER A 428 26.56 30.83 -38.00
CA SER A 428 26.32 32.19 -38.47
C SER A 428 26.50 32.24 -39.98
N THR A 429 25.51 31.72 -40.69
CA THR A 429 25.52 31.72 -42.16
C THR A 429 24.81 32.94 -42.72
N ASN A 430 25.24 34.12 -42.24
CA ASN A 430 24.72 35.43 -42.68
C ASN A 430 23.21 35.56 -42.48
N SER A 431 22.69 34.88 -41.44
CA SER A 431 21.26 34.88 -41.10
C SER A 431 20.39 34.42 -42.25
N THR A 432 20.87 33.47 -43.05
CA THR A 432 20.16 32.95 -44.19
C THR A 432 20.14 31.42 -44.13
N THR A 433 19.16 30.85 -44.82
CA THR A 433 18.94 29.39 -44.91
C THR A 433 18.83 28.77 -43.52
N GLU A 434 17.92 29.32 -42.71
CA GLU A 434 17.67 28.76 -41.38
C GLU A 434 17.00 27.40 -41.49
N THR A 435 17.38 26.49 -40.61
CA THR A 435 16.92 25.11 -40.64
C THR A 435 15.96 24.85 -39.48
N PHE A 436 14.82 24.24 -39.79
CA PHE A 436 13.83 23.84 -38.81
C PHE A 436 13.55 22.35 -38.97
N ARG A 437 13.66 21.61 -37.88
CA ARG A 437 13.41 20.17 -37.91
C ARG A 437 12.59 19.76 -36.70
N PRO A 438 11.70 18.78 -36.84
CA PRO A 438 10.90 18.31 -35.69
C PRO A 438 11.75 17.45 -34.77
N GLY A 439 11.87 17.87 -33.52
CA GLY A 439 12.62 17.12 -32.54
C GLY A 439 11.75 16.57 -31.43
N GLY A 440 11.85 17.16 -30.24
CA GLY A 440 11.01 16.75 -29.13
C GLY A 440 11.52 15.53 -28.39
N GLY A 441 12.75 15.59 -27.89
CA GLY A 441 13.27 14.52 -27.05
C GLY A 441 12.65 14.49 -25.67
N ASP A 442 12.04 15.59 -25.24
CA ASP A 442 11.38 15.71 -23.96
C ASP A 442 9.86 15.72 -24.18
N MET A 443 9.16 14.82 -23.51
CA MET A 443 7.76 14.55 -23.81
C MET A 443 6.78 15.30 -22.92
N ARG A 444 7.25 16.05 -21.93
CA ARG A 444 6.33 16.82 -21.08
C ARG A 444 5.96 18.16 -21.70
N ASP A 445 6.55 18.51 -22.85
CA ASP A 445 6.21 19.74 -23.54
C ASP A 445 4.85 19.66 -24.22
N ASN A 446 4.26 18.47 -24.29
CA ASN A 446 2.92 18.31 -24.87
C ASN A 446 1.88 19.04 -24.05
N TRP A 447 2.00 19.01 -22.72
CA TRP A 447 1.02 19.64 -21.84
C TRP A 447 1.27 21.12 -21.64
N ARG A 448 2.40 21.65 -22.12
CA ARG A 448 2.66 23.08 -22.00
C ARG A 448 1.75 23.89 -22.91
N SER A 449 1.38 23.35 -24.07
CA SER A 449 0.46 24.04 -24.97
C SER A 449 -0.99 23.97 -24.48
N GLU A 450 -1.29 23.15 -23.48
CA GLU A 450 -2.63 23.05 -22.93
C GLU A 450 -2.80 23.79 -21.62
N LEU A 451 -1.72 24.00 -20.87
CA LEU A 451 -1.77 24.69 -19.59
C LEU A 451 -1.08 26.04 -19.63
N TYR A 452 -0.96 26.64 -20.81
CA TYR A 452 -0.27 27.93 -20.93
C TYR A 452 -1.10 29.08 -20.42
N LYS A 453 -2.43 28.95 -20.38
CA LYS A 453 -3.29 30.02 -19.92
C LYS A 453 -3.35 30.13 -18.39
N TYR A 454 -2.89 29.10 -17.68
CA TYR A 454 -3.23 28.93 -16.27
C TYR A 454 -1.99 29.00 -15.41
N LYS A 455 -2.17 29.46 -14.17
CA LYS A 455 -1.11 29.47 -13.17
C LYS A 455 -1.75 29.26 -11.79
N VAL A 456 -0.94 28.78 -10.85
CA VAL A 456 -1.39 28.49 -9.50
C VAL A 456 -0.94 29.63 -8.58
N VAL A 457 -1.87 30.21 -7.85
CA VAL A 457 -1.60 31.35 -6.99
C VAL A 457 -2.24 31.10 -5.63
N LYS A 458 -1.69 31.72 -4.59
CA LYS A 458 -2.12 31.55 -3.21
C LYS A 458 -2.84 32.80 -2.74
N ILE A 459 -4.05 32.63 -2.22
CA ILE A 459 -4.86 33.74 -1.75
C ILE A 459 -4.54 34.03 -0.29
N GLU A 460 -4.17 35.28 0.00
CA GLU A 460 -3.93 35.72 1.36
C GLU A 460 -5.02 36.72 1.76
N PRO A 461 -6.00 36.33 2.58
CA PRO A 461 -7.14 37.22 2.84
C PRO A 461 -6.85 38.33 3.83
N LEU A 462 -5.79 38.24 4.62
CA LEU A 462 -5.54 39.21 5.68
C LEU A 462 -4.86 40.45 5.09
N GLY A 463 -5.21 41.61 5.63
CA GLY A 463 -4.60 42.86 5.20
C GLY A 463 -4.70 43.91 6.28
N VAL A 464 -3.86 44.94 6.15
CA VAL A 464 -3.80 46.03 7.10
C VAL A 464 -3.82 47.36 6.35
N ALA A 465 -4.29 48.40 7.05
CA ALA A 465 -4.39 49.74 6.48
C ALA A 465 -4.48 50.74 7.61
N PRO A 466 -3.90 51.93 7.48
CA PRO A 466 -4.03 52.94 8.54
C PRO A 466 -5.27 53.80 8.38
N THR A 467 -6.01 53.95 9.48
CA THR A 467 -7.22 54.76 9.52
C THR A 467 -7.20 55.60 10.79
N ARG A 468 -8.34 56.21 11.10
CA ARG A 468 -8.59 56.83 12.40
C ARG A 468 -9.49 55.89 13.17
N CYS A 469 -8.91 55.12 14.11
CA CYS A 469 -9.63 54.04 14.74
C CYS A 469 -9.96 54.31 16.21
N LYS A 470 -8.96 54.47 17.07
CA LYS A 470 -9.11 54.72 18.50
C LYS A 470 -10.13 53.76 19.14
N ARG A 471 -9.75 52.48 19.18
CA ARG A 471 -10.63 51.46 19.76
C ARG A 471 -10.90 51.76 21.22
N ARG A 472 -12.18 51.91 21.56
CA ARG A 472 -12.57 52.34 22.89
C ARG A 472 -12.48 51.19 23.89
N VAL A 473 -12.23 51.54 25.15
CA VAL A 473 -12.14 50.58 26.23
C VAL A 473 -13.50 50.49 26.91
N VAL A 474 -14.05 49.28 26.99
CA VAL A 474 -15.34 49.06 27.61
C VAL A 474 -15.22 49.13 29.13
N LEU B 9 -20.69 40.76 -6.98
CA LEU B 9 -20.29 40.80 -8.39
C LEU B 9 -19.49 39.56 -8.76
N GLY B 10 -19.37 38.63 -7.81
CA GLY B 10 -18.65 37.38 -8.02
C GLY B 10 -17.42 37.29 -7.13
N PHE B 11 -16.74 36.16 -7.27
CA PHE B 11 -15.52 35.92 -6.49
C PHE B 11 -14.37 36.76 -7.04
N LEU B 12 -13.70 37.48 -6.15
CA LEU B 12 -12.52 38.30 -6.44
C LEU B 12 -12.81 39.37 -7.49
N GLY B 13 -14.07 39.84 -7.54
CA GLY B 13 -14.47 40.77 -8.56
C GLY B 13 -13.96 42.18 -8.35
N ALA B 14 -13.58 42.53 -7.12
CA ALA B 14 -13.09 43.87 -6.80
C ALA B 14 -11.59 43.87 -6.50
N ALA B 15 -10.85 42.96 -7.14
CA ALA B 15 -9.40 42.89 -6.92
C ALA B 15 -8.63 43.99 -7.63
N GLY B 16 -9.25 44.71 -8.55
CA GLY B 16 -8.58 45.78 -9.26
C GLY B 16 -9.03 47.16 -8.84
N SER B 17 -9.98 47.24 -7.92
CA SER B 17 -10.50 48.51 -7.46
C SER B 17 -9.70 49.00 -6.27
N THR B 18 -10.02 50.21 -5.81
CA THR B 18 -9.36 50.80 -4.66
C THR B 18 -9.88 50.17 -3.37
N MET B 19 -9.20 50.48 -2.26
CA MET B 19 -9.58 49.93 -0.97
C MET B 19 -10.95 50.44 -0.52
N GLY B 20 -11.29 51.67 -0.89
CA GLY B 20 -12.63 52.18 -0.57
C GLY B 20 -13.72 51.45 -1.31
N ALA B 21 -13.48 51.11 -2.58
CA ALA B 21 -14.45 50.37 -3.36
C ALA B 21 -14.48 48.89 -3.00
N ALA B 22 -13.33 48.32 -2.61
CA ALA B 22 -13.24 46.91 -2.28
C ALA B 22 -13.57 46.60 -0.83
N SER B 23 -13.99 47.60 -0.05
CA SER B 23 -14.37 47.36 1.34
C SER B 23 -15.82 46.90 1.49
N MET B 24 -16.58 46.83 0.40
CA MET B 24 -17.92 46.25 0.41
C MET B 24 -17.97 44.83 -0.15
N THR B 25 -16.84 44.11 -0.17
CA THR B 25 -16.86 42.79 -0.79
C THR B 25 -16.07 41.75 0.01
N LEU B 26 -15.79 41.98 1.29
CA LEU B 26 -15.00 41.04 2.08
C LEU B 26 -15.73 39.75 2.40
N THR B 27 -17.05 39.68 2.18
CA THR B 27 -17.79 38.49 2.52
C THR B 27 -17.53 37.34 1.54
N VAL B 28 -17.47 37.65 0.24
CA VAL B 28 -17.33 36.60 -0.75
C VAL B 28 -15.91 36.05 -0.79
N GLN B 29 -14.91 36.85 -0.37
CA GLN B 29 -13.55 36.34 -0.31
C GLN B 29 -13.36 35.37 0.85
N ALA B 30 -14.11 35.55 1.93
CA ALA B 30 -13.99 34.69 3.10
C ALA B 30 -14.94 33.50 3.06
N ARG B 31 -15.80 33.40 2.04
CA ARG B 31 -16.74 32.29 1.93
C ARG B 31 -16.23 31.14 1.10
N ASN B 32 -15.29 31.38 0.17
CA ASN B 32 -14.76 30.34 -0.69
C ASN B 32 -13.43 29.79 -0.20
N LEU B 33 -13.05 30.09 1.04
CA LEU B 33 -11.84 29.54 1.62
C LEU B 33 -12.01 28.11 2.11
N LEU B 34 -13.23 27.59 2.13
CA LEU B 34 -13.50 26.23 2.58
C LEU B 34 -14.04 25.32 1.48
N SER B 35 -14.77 25.87 0.52
CA SER B 35 -15.35 25.14 -0.62
C SER B 35 -16.21 23.95 -0.19
N LEU B 57 -7.48 4.45 -1.64
CA LEU B 57 -6.72 3.32 -2.17
C LEU B 57 -5.90 3.73 -3.38
N THR B 58 -6.52 4.48 -4.30
CA THR B 58 -5.83 4.98 -5.47
C THR B 58 -4.99 6.20 -5.10
N VAL B 59 -4.28 6.75 -6.09
CA VAL B 59 -3.45 7.91 -5.83
C VAL B 59 -4.30 9.16 -5.57
N TRP B 60 -5.55 9.18 -6.04
CA TRP B 60 -6.42 10.31 -5.76
C TRP B 60 -6.92 10.29 -4.32
N GLY B 61 -6.99 9.11 -3.71
CA GLY B 61 -7.54 9.01 -2.36
C GLY B 61 -6.63 9.61 -1.30
N ILE B 62 -5.33 9.65 -1.55
CA ILE B 62 -4.38 10.27 -0.64
C ILE B 62 -4.06 11.71 -1.04
N LYS B 63 -3.96 11.97 -2.35
CA LYS B 63 -3.62 13.30 -2.84
C LYS B 63 -4.71 14.31 -2.51
N GLN B 64 -5.98 13.93 -2.67
CA GLN B 64 -7.07 14.82 -2.31
C GLN B 64 -7.31 14.86 -0.80
N LEU B 65 -6.82 13.87 -0.07
CA LEU B 65 -6.96 13.89 1.39
C LEU B 65 -6.00 14.89 2.02
N GLN B 66 -4.77 14.95 1.54
CA GLN B 66 -3.80 15.89 2.08
C GLN B 66 -4.09 17.32 1.66
N ALA B 67 -4.70 17.53 0.48
CA ALA B 67 -5.06 18.88 0.06
C ALA B 67 -6.25 19.40 0.85
N ARG B 68 -7.11 18.51 1.34
CA ARG B 68 -8.27 18.94 2.12
C ARG B 68 -7.86 19.40 3.51
N VAL B 69 -6.95 18.66 4.16
CA VAL B 69 -6.50 19.03 5.50
C VAL B 69 -5.55 20.22 5.45
N LEU B 70 -4.90 20.45 4.31
CA LEU B 70 -4.04 21.62 4.16
C LEU B 70 -4.87 22.90 4.14
N ALA B 71 -6.05 22.87 3.52
CA ALA B 71 -6.89 24.06 3.43
C ALA B 71 -7.47 24.44 4.78
N VAL B 72 -7.91 23.45 5.57
CA VAL B 72 -8.51 23.76 6.87
C VAL B 72 -7.44 24.20 7.87
N GLU B 73 -6.19 23.78 7.66
CA GLU B 73 -5.12 24.23 8.54
C GLU B 73 -4.73 25.67 8.27
N ARG B 74 -4.76 26.09 7.00
CA ARG B 74 -4.42 27.47 6.66
C ARG B 74 -5.55 28.43 7.00
N TYR B 75 -6.80 27.99 6.87
CA TYR B 75 -7.92 28.83 7.30
C TYR B 75 -7.90 29.03 8.80
N LEU B 76 -7.47 28.02 9.54
CA LEU B 76 -7.32 28.13 10.99
C LEU B 76 -6.05 28.89 11.36
N ARG B 77 -5.09 28.99 10.45
CA ARG B 77 -3.81 29.62 10.76
C ARG B 77 -3.98 31.11 11.07
N ASP B 78 -4.68 31.83 10.19
CA ASP B 78 -4.96 33.23 10.44
C ASP B 78 -6.18 33.46 11.32
N GLN B 79 -6.97 32.42 11.58
CA GLN B 79 -8.10 32.56 12.49
C GLN B 79 -7.61 32.69 13.93
N GLN B 80 -6.67 31.83 14.35
CA GLN B 80 -6.08 31.98 15.68
C GLN B 80 -5.11 33.15 15.72
N LEU B 81 -4.52 33.50 14.58
CA LEU B 81 -3.68 34.70 14.52
C LEU B 81 -4.52 35.96 14.66
N LEU B 82 -5.77 35.92 14.21
CA LEU B 82 -6.72 37.00 14.48
C LEU B 82 -7.37 36.84 15.85
N GLY B 83 -7.55 35.59 16.32
CA GLY B 83 -8.24 35.35 17.57
C GLY B 83 -7.48 35.77 18.80
N ILE B 84 -6.15 35.82 18.73
CA ILE B 84 -5.35 36.28 19.88
C ILE B 84 -5.50 37.77 20.09
N TRP B 85 -5.96 38.52 19.08
CA TRP B 85 -6.16 39.95 19.21
C TRP B 85 -7.55 40.21 19.79
N GLY B 86 -8.00 41.46 19.75
CA GLY B 86 -9.23 41.84 20.41
C GLY B 86 -10.48 41.72 19.57
N CYS B 87 -10.49 40.80 18.60
CA CYS B 87 -11.67 40.60 17.76
C CYS B 87 -11.66 39.19 17.19
N SER B 88 -12.76 38.47 17.39
CA SER B 88 -12.99 37.17 16.77
C SER B 88 -14.07 37.35 15.70
N GLY B 89 -13.82 36.79 14.51
CA GLY B 89 -14.63 37.20 13.38
C GLY B 89 -14.28 38.63 13.03
N LYS B 90 -15.30 39.49 12.96
CA LYS B 90 -15.14 40.95 12.91
C LYS B 90 -14.28 41.38 11.71
N LEU B 91 -14.88 41.19 10.52
CA LEU B 91 -14.18 41.44 9.26
C LEU B 91 -13.60 42.85 9.17
N ILE B 92 -14.25 43.82 9.80
CA ILE B 92 -13.68 45.15 10.00
C ILE B 92 -13.33 45.26 11.47
N CYS B 93 -12.03 45.12 11.79
CA CYS B 93 -11.55 45.09 13.16
C CYS B 93 -10.75 46.36 13.44
N CYS B 94 -11.11 47.06 14.51
CA CYS B 94 -10.52 48.35 14.84
C CYS B 94 -9.47 48.13 15.94
N THR B 95 -8.33 48.80 15.78
CA THR B 95 -7.18 48.55 16.66
C THR B 95 -6.45 49.87 16.89
N ASN B 96 -6.11 50.15 18.15
CA ASN B 96 -5.55 51.44 18.54
C ASN B 96 -4.02 51.49 18.49
N VAL B 97 -3.36 50.65 17.70
CA VAL B 97 -1.90 50.73 17.56
C VAL B 97 -1.55 51.97 16.73
N PRO B 98 -0.65 52.82 17.20
CA PRO B 98 -0.27 54.01 16.41
C PRO B 98 0.50 53.62 15.15
N TRP B 99 0.01 54.10 14.00
CA TRP B 99 0.67 53.83 12.74
C TRP B 99 1.95 54.63 12.62
N ASN B 100 3.01 53.98 12.14
CA ASN B 100 4.30 54.64 11.95
C ASN B 100 4.33 55.32 10.59
N SER B 101 4.82 56.56 10.57
CA SER B 101 4.86 57.32 9.33
C SER B 101 5.91 56.79 8.36
N SER B 102 7.01 56.22 8.89
CA SER B 102 8.10 55.76 8.05
C SER B 102 7.74 54.53 7.22
N TRP B 103 6.71 53.79 7.62
CA TRP B 103 6.33 52.59 6.86
C TRP B 103 5.70 52.95 5.53
N SER B 104 4.90 54.01 5.49
CA SER B 104 4.18 54.40 4.29
C SER B 104 4.61 55.75 3.73
N ASN B 105 4.64 56.79 4.57
CA ASN B 105 4.87 58.19 4.16
C ASN B 105 3.87 58.63 3.11
N ARG B 106 2.62 58.22 3.27
CA ARG B 106 1.52 58.61 2.40
C ARG B 106 0.41 59.24 3.24
N ASN B 107 -0.73 59.50 2.60
CA ASN B 107 -1.91 60.03 3.27
C ASN B 107 -3.14 59.28 2.78
N LEU B 108 -4.31 59.70 3.25
CA LEU B 108 -5.56 59.04 2.92
C LEU B 108 -6.08 59.37 1.53
N SER B 109 -5.49 60.34 0.85
CA SER B 109 -5.95 60.73 -0.48
C SER B 109 -5.56 59.74 -1.57
N GLU B 110 -4.61 58.84 -1.30
CA GLU B 110 -4.17 57.87 -2.30
C GLU B 110 -4.32 56.42 -1.88
N ILE B 111 -4.50 56.14 -0.59
CA ILE B 111 -4.64 54.76 -0.11
C ILE B 111 -6.10 54.38 -0.02
N TRP B 112 -6.97 55.24 -0.56
CA TRP B 112 -8.40 54.93 -0.61
C TRP B 112 -9.07 55.24 -1.94
N ASP B 113 -8.53 56.16 -2.75
CA ASP B 113 -9.17 56.58 -3.99
C ASP B 113 -8.34 56.35 -5.24
N ASN B 114 -7.07 55.99 -5.12
CA ASN B 114 -6.16 55.96 -6.27
C ASN B 114 -5.71 54.57 -6.63
N MET B 115 -5.11 53.82 -5.71
CA MET B 115 -4.44 52.57 -6.02
C MET B 115 -5.13 51.40 -5.30
N THR B 116 -4.68 50.19 -5.63
CA THR B 116 -5.42 48.97 -5.36
C THR B 116 -4.81 48.19 -4.19
N TRP B 117 -5.52 47.11 -3.82
CA TRP B 117 -5.06 46.22 -2.76
C TRP B 117 -3.82 45.44 -3.16
N LEU B 118 -3.72 45.05 -4.43
CA LEU B 118 -2.61 44.20 -4.88
C LEU B 118 -1.28 44.93 -4.79
N GLN B 119 -1.25 46.21 -5.18
CA GLN B 119 -0.02 46.98 -5.11
C GLN B 119 0.24 47.55 -3.72
N TRP B 120 -0.72 47.40 -2.79
CA TRP B 120 -0.50 47.86 -1.42
C TRP B 120 0.37 46.90 -0.62
N ASP B 121 0.27 45.59 -0.91
CA ASP B 121 1.01 44.61 -0.13
C ASP B 121 2.50 44.66 -0.46
N LYS B 122 2.85 44.91 -1.72
CA LYS B 122 4.26 44.92 -2.11
C LYS B 122 5.03 46.07 -1.49
N GLU B 123 4.34 47.15 -1.10
CA GLU B 123 4.98 48.22 -0.36
C GLU B 123 5.21 47.87 1.10
N ILE B 124 4.47 46.89 1.64
CA ILE B 124 4.56 46.52 3.04
C ILE B 124 4.83 45.03 3.19
N SER B 125 5.39 44.42 2.14
CA SER B 125 5.67 42.99 2.18
C SER B 125 6.72 42.64 3.22
N ASN B 126 7.78 43.46 3.32
CA ASN B 126 8.83 43.22 4.30
C ASN B 126 8.64 44.04 5.58
N TYR B 127 7.53 44.77 5.71
CA TYR B 127 7.15 45.38 6.98
C TYR B 127 6.16 44.53 7.76
N THR B 128 5.80 43.35 7.26
CA THR B 128 4.77 42.55 7.90
C THR B 128 5.24 41.85 9.17
N GLN B 129 6.56 41.70 9.35
CA GLN B 129 7.06 41.03 10.55
C GLN B 129 7.02 41.95 11.78
N ILE B 130 7.10 43.26 11.57
CA ILE B 130 7.14 44.19 12.69
C ILE B 130 5.75 44.74 13.02
N ILE B 131 4.84 44.79 12.05
CA ILE B 131 3.47 45.19 12.37
C ILE B 131 2.76 44.07 13.12
N TYR B 132 3.12 42.80 12.85
CA TYR B 132 2.57 41.69 13.62
C TYR B 132 3.12 41.69 15.03
N GLY B 133 4.45 41.81 15.17
CA GLY B 133 5.11 41.64 16.45
C GLY B 133 4.83 42.75 17.45
N LEU B 134 4.49 43.95 16.98
CA LEU B 134 4.12 45.04 17.86
C LEU B 134 2.68 44.93 18.37
N LEU B 135 1.87 44.07 17.75
CA LEU B 135 0.44 44.09 17.99
C LEU B 135 0.01 43.13 19.10
N GLU B 136 0.67 41.97 19.25
CA GLU B 136 0.21 41.03 20.27
C GLU B 136 0.57 41.52 21.67
N GLU B 137 1.64 42.30 21.82
CA GLU B 137 1.99 42.87 23.10
C GLU B 137 1.16 44.12 23.40
N SER B 138 0.89 44.94 22.37
CA SER B 138 -0.03 46.05 22.55
C SER B 138 -1.44 45.57 22.85
N GLN B 139 -1.82 44.42 22.29
CA GLN B 139 -3.05 43.75 22.75
C GLN B 139 -2.90 43.28 24.19
N ASN B 140 -1.76 42.66 24.52
CA ASN B 140 -1.60 42.00 25.82
C ASN B 140 -1.56 43.00 26.97
N GLN B 141 -1.04 44.20 26.72
CA GLN B 141 -1.02 45.22 27.77
C GLN B 141 -2.39 45.83 28.04
N GLN B 142 -3.41 45.45 27.27
CA GLN B 142 -4.74 46.02 27.44
C GLN B 142 -5.63 45.21 28.39
N GLU B 143 -5.55 43.87 28.38
CA GLU B 143 -6.45 43.09 29.23
C GLU B 143 -6.13 43.25 30.71
N LYS B 144 -4.91 43.68 31.06
CA LYS B 144 -4.62 43.95 32.46
C LYS B 144 -5.37 45.18 32.97
N ASN B 145 -5.77 46.08 32.07
CA ASN B 145 -6.64 47.19 32.47
C ASN B 145 -8.06 46.70 32.74
N GLU B 146 -8.52 45.69 32.00
CA GLU B 146 -9.81 45.07 32.29
C GLU B 146 -9.71 43.97 33.35
N GLN B 147 -8.50 43.52 33.68
CA GLN B 147 -8.34 42.47 34.69
C GLN B 147 -8.63 43.01 36.09
N ASP B 148 -8.10 44.19 36.41
CA ASP B 148 -8.32 44.80 37.72
C ASP B 148 -9.57 45.68 37.75
N LEU B 149 -10.17 45.96 36.60
CA LEU B 149 -11.41 46.74 36.58
C LEU B 149 -12.57 45.92 37.14
N LEU B 150 -12.61 44.63 36.83
CA LEU B 150 -13.65 43.73 37.33
C LEU B 150 -13.24 42.99 38.59
N ALA B 151 -12.04 43.26 39.12
CA ALA B 151 -11.56 42.61 40.33
C ALA B 151 -11.42 43.57 41.51
N LEU B 152 -10.96 44.80 41.28
CA LEU B 152 -10.83 45.80 42.34
C LEU B 152 -12.05 46.70 42.44
N ASP B 153 -13.21 46.23 41.97
CA ASP B 153 -14.44 47.03 42.03
C ASP B 153 -14.98 47.10 43.45
N GLU C 2 -19.25 36.65 51.68
CA GLU C 2 -17.94 36.67 51.03
C GLU C 2 -17.65 35.32 50.37
N ASN C 3 -17.59 35.32 49.04
CA ASN C 3 -17.31 34.11 48.27
C ASN C 3 -16.46 34.49 47.06
N LEU C 4 -16.07 33.46 46.29
CA LEU C 4 -15.18 33.62 45.16
C LEU C 4 -15.91 33.26 43.87
N TRP C 5 -15.30 33.62 42.74
CA TRP C 5 -15.88 33.36 41.42
C TRP C 5 -14.84 32.68 40.53
N VAL C 6 -15.34 31.92 39.55
CA VAL C 6 -14.50 31.06 38.73
C VAL C 6 -13.84 31.84 37.60
N THR C 7 -12.86 31.23 36.95
CA THR C 7 -12.11 31.85 35.88
C THR C 7 -11.65 30.75 34.92
N VAL C 8 -11.47 31.11 33.65
CA VAL C 8 -10.84 30.24 32.68
C VAL C 8 -9.58 30.92 32.16
N TYR C 9 -8.48 30.19 32.16
CA TYR C 9 -7.18 30.67 31.69
C TYR C 9 -6.79 29.90 30.45
N TYR C 10 -6.32 30.59 29.42
CA TYR C 10 -5.95 29.98 28.16
C TYR C 10 -4.46 30.19 27.92
N GLY C 11 -3.75 29.11 27.58
CA GLY C 11 -2.34 29.18 27.30
C GLY C 11 -1.43 29.00 28.49
N VAL C 12 -1.91 28.43 29.59
CA VAL C 12 -1.12 28.26 30.80
C VAL C 12 -0.14 27.11 30.65
N PRO C 13 1.03 27.15 31.31
CA PRO C 13 1.93 25.99 31.29
C PRO C 13 1.46 24.89 32.21
N VAL C 14 0.89 23.84 31.64
CA VAL C 14 0.42 22.67 32.38
C VAL C 14 0.84 21.43 31.60
N TRP C 15 1.53 20.50 32.25
CA TRP C 15 1.95 19.25 31.62
C TRP C 15 1.30 18.05 32.29
N LYS C 16 0.88 17.09 31.46
CA LYS C 16 0.50 15.76 31.92
C LYS C 16 1.10 14.74 30.98
N ASP C 17 1.51 13.60 31.53
CA ASP C 17 2.28 12.62 30.78
C ASP C 17 1.40 11.86 29.79
N ALA C 18 1.89 11.74 28.56
CA ALA C 18 1.17 11.01 27.51
C ALA C 18 2.17 10.53 26.47
N GLU C 19 1.67 9.92 25.40
CA GLU C 19 2.49 9.38 24.33
C GLU C 19 1.97 9.84 22.99
N THR C 20 2.89 10.08 22.04
CA THR C 20 2.54 10.56 20.72
C THR C 20 3.62 10.13 19.73
N THR C 21 3.21 9.77 18.52
CA THR C 21 4.16 9.52 17.44
C THR C 21 4.87 10.81 17.05
N LEU C 22 6.16 10.69 16.74
CA LEU C 22 6.98 11.83 16.36
C LEU C 22 7.03 11.91 14.83
N PHE C 23 7.91 12.78 14.31
CA PHE C 23 8.11 12.87 12.87
C PHE C 23 9.56 13.25 12.59
N CYS C 24 9.99 12.98 11.36
CA CYS C 24 11.39 13.13 10.99
C CYS C 24 11.79 14.59 10.85
N ALA C 25 13.08 14.83 11.02
CA ALA C 25 13.67 16.15 10.77
C ALA C 25 15.14 15.93 10.41
N SER C 26 15.51 16.25 9.18
CA SER C 26 16.86 16.08 8.70
C SER C 26 17.45 17.41 8.23
N ASP C 27 18.75 17.39 7.97
CA ASP C 27 19.48 18.59 7.56
C ASP C 27 19.51 18.76 6.05
N ALA C 28 18.82 17.89 5.30
CA ALA C 28 18.70 17.95 3.84
C ALA C 28 20.07 17.89 3.17
N LYS C 29 20.75 16.77 3.39
CA LYS C 29 22.07 16.55 2.78
C LYS C 29 22.02 15.36 1.82
N HIS C 36 21.56 8.33 -2.38
CA HIS C 36 20.38 7.84 -1.65
C HIS C 36 20.81 7.19 -0.34
N ASN C 37 19.88 7.08 0.60
CA ASN C 37 20.14 6.56 1.93
C ASN C 37 19.08 5.55 2.30
N VAL C 38 19.49 4.50 3.03
CA VAL C 38 18.53 3.55 3.57
C VAL C 38 17.69 4.22 4.64
N TRP C 39 18.25 5.18 5.37
CA TRP C 39 17.49 6.08 6.22
C TRP C 39 17.02 7.19 5.30
N ALA C 40 15.78 7.05 4.81
CA ALA C 40 15.32 7.55 3.51
C ALA C 40 15.76 8.97 3.18
N THR C 41 15.33 9.95 3.99
CA THR C 41 15.79 11.34 4.00
C THR C 41 15.36 12.11 2.73
N HIS C 42 14.84 11.41 1.74
CA HIS C 42 14.41 12.05 0.50
C HIS C 42 13.06 12.76 0.66
N ALA C 43 12.22 12.26 1.56
CA ALA C 43 10.92 12.87 1.83
C ALA C 43 10.82 13.40 3.25
N CYS C 44 11.91 13.37 4.01
CA CYS C 44 11.89 13.87 5.38
C CYS C 44 11.81 15.40 5.40
N VAL C 45 11.14 15.92 6.42
CA VAL C 45 10.97 17.37 6.57
C VAL C 45 12.31 18.00 6.96
N PRO C 46 12.74 19.07 6.31
CA PRO C 46 13.97 19.75 6.74
C PRO C 46 13.80 20.39 8.11
N THR C 47 14.91 20.43 8.86
CA THR C 47 14.89 20.93 10.21
C THR C 47 15.13 22.44 10.24
N ASP C 48 14.72 23.06 11.35
CA ASP C 48 14.97 24.47 11.58
C ASP C 48 16.33 24.65 12.21
N PRO C 49 17.23 25.45 11.63
CA PRO C 49 18.59 25.61 12.17
C PRO C 49 18.69 26.61 13.33
N ASN C 50 17.76 26.52 14.27
CA ASN C 50 17.83 27.26 15.53
C ASN C 50 16.96 26.53 16.55
N PRO C 51 17.52 25.56 17.28
CA PRO C 51 16.81 25.05 18.47
C PRO C 51 16.90 26.06 19.60
N GLN C 52 15.76 26.62 19.99
CA GLN C 52 15.75 27.53 21.13
C GLN C 52 15.82 26.73 22.43
N GLU C 53 16.90 26.90 23.17
CA GLU C 53 17.12 26.20 24.43
C GLU C 53 16.53 27.03 25.56
N ILE C 54 15.21 26.91 25.72
CA ILE C 54 14.48 27.70 26.71
C ILE C 54 14.70 27.08 28.08
N HIS C 55 15.46 27.78 28.93
CA HIS C 55 15.69 27.32 30.28
C HIS C 55 14.47 27.60 31.15
N LEU C 56 14.05 26.61 31.92
CA LEU C 56 12.88 26.71 32.78
C LEU C 56 13.36 26.78 34.22
N GLU C 57 12.93 27.81 34.94
CA GLU C 57 13.35 28.04 36.31
C GLU C 57 12.24 27.69 37.28
N ASN C 58 12.65 27.34 38.52
CA ASN C 58 11.73 26.95 39.60
C ASN C 58 10.84 25.79 39.20
N VAL C 59 11.41 24.82 38.49
CA VAL C 59 10.66 23.71 37.92
C VAL C 59 11.33 22.40 38.30
N THR C 60 10.52 21.35 38.38
CA THR C 60 11.02 20.00 38.60
C THR C 60 10.24 19.05 37.70
N GLU C 61 10.87 17.93 37.33
CA GLU C 61 10.26 16.96 36.45
C GLU C 61 10.78 15.56 36.78
N GLU C 62 9.86 14.62 36.96
CA GLU C 62 10.20 13.24 37.30
C GLU C 62 10.27 12.43 36.01
N PHE C 63 11.49 12.17 35.54
CA PHE C 63 11.70 11.36 34.37
C PHE C 63 11.60 9.88 34.72
N ASN C 64 11.42 9.04 33.70
CA ASN C 64 11.27 7.60 33.93
C ASN C 64 11.80 6.86 32.70
N MET C 65 13.02 6.36 32.80
CA MET C 65 13.57 5.48 31.77
C MET C 65 12.93 4.09 31.81
N TRP C 66 13.11 3.38 30.69
CA TRP C 66 12.66 2.00 30.49
C TRP C 66 11.14 1.83 30.65
N LYS C 67 10.38 2.92 30.59
CA LYS C 67 8.93 2.83 30.64
C LYS C 67 8.33 3.71 29.54
N ASN C 68 9.05 4.77 29.17
CA ASN C 68 8.58 5.66 28.11
C ASN C 68 8.69 4.98 26.76
N ASN C 69 7.72 5.27 25.89
CA ASN C 69 7.66 4.67 24.57
C ASN C 69 8.35 5.51 23.49
N MET C 70 9.09 6.55 23.89
CA MET C 70 9.84 7.34 22.92
C MET C 70 10.89 6.48 22.22
N VAL C 71 11.61 5.64 22.98
CA VAL C 71 12.51 4.67 22.37
C VAL C 71 11.72 3.58 21.66
N GLU C 72 10.53 3.25 22.17
CA GLU C 72 9.75 2.16 21.57
C GLU C 72 9.11 2.59 20.26
N GLN C 73 8.62 3.84 20.19
CA GLN C 73 8.02 4.32 18.94
C GLN C 73 9.06 4.43 17.83
N MET C 74 10.27 4.90 18.17
CA MET C 74 11.34 4.94 17.19
C MET C 74 11.85 3.55 16.85
N HIS C 75 11.71 2.59 17.78
CA HIS C 75 12.14 1.22 17.54
C HIS C 75 11.32 0.58 16.41
N THR C 76 10.01 0.84 16.38
CA THR C 76 9.18 0.33 15.29
C THR C 76 9.51 0.99 13.96
N ASP C 77 10.06 2.21 13.97
CA ASP C 77 10.46 2.88 12.74
C ASP C 77 11.76 2.35 12.18
N ILE C 78 12.57 1.65 12.98
CA ILE C 78 13.82 1.09 12.48
C ILE C 78 13.55 -0.03 11.48
N ILE C 79 12.66 -0.96 11.85
CA ILE C 79 12.35 -2.08 10.97
C ILE C 79 11.55 -1.61 9.75
N SER C 80 10.60 -0.70 9.97
CA SER C 80 9.70 -0.28 8.89
C SER C 80 10.45 0.50 7.81
N LEU C 81 11.45 1.29 8.19
CA LEU C 81 12.20 2.06 7.21
C LEU C 81 13.05 1.15 6.32
N TRP C 82 13.62 0.09 6.91
CA TRP C 82 14.41 -0.85 6.11
C TRP C 82 13.52 -1.71 5.21
N ASP C 83 12.29 -2.00 5.64
CA ASP C 83 11.39 -2.81 4.82
C ASP C 83 10.94 -2.06 3.57
N GLN C 84 10.73 -0.74 3.70
CA GLN C 84 10.29 0.04 2.56
C GLN C 84 11.40 0.19 1.52
N SER C 85 12.67 0.13 1.95
CA SER C 85 13.80 0.20 1.04
C SER C 85 14.24 -1.16 0.53
N LEU C 86 13.68 -2.24 1.04
CA LEU C 86 14.05 -3.59 0.62
C LEU C 86 13.06 -4.17 -0.37
N LYS C 87 11.80 -3.74 -0.33
CA LYS C 87 10.79 -4.23 -1.27
C LYS C 87 11.11 -3.93 -2.74
N PRO C 88 11.51 -2.71 -3.14
CA PRO C 88 11.86 -2.52 -4.56
C PRO C 88 13.19 -3.14 -4.97
N CYS C 89 13.98 -3.62 -4.02
CA CYS C 89 15.25 -4.26 -4.36
C CYS C 89 15.00 -5.63 -4.99
N VAL C 90 16.02 -6.13 -5.68
CA VAL C 90 15.89 -7.35 -6.45
C VAL C 90 15.85 -8.57 -5.51
N LYS C 91 14.96 -9.50 -5.82
CA LYS C 91 14.89 -10.75 -5.06
C LYS C 91 16.14 -11.59 -5.33
N LEU C 92 16.63 -12.26 -4.29
CA LEU C 92 17.80 -13.12 -4.42
C LEU C 92 17.49 -14.51 -3.85
N THR C 93 16.41 -15.10 -4.36
CA THR C 93 16.06 -16.47 -4.02
C THR C 93 16.69 -17.58 -4.89
N PRO C 94 16.81 -17.47 -6.25
CA PRO C 94 16.96 -18.69 -7.04
C PRO C 94 18.39 -19.20 -7.17
N LEU C 95 19.29 -18.76 -6.29
CA LEU C 95 20.68 -19.24 -6.32
C LEU C 95 20.90 -20.43 -5.39
N CYS C 96 19.83 -21.08 -4.93
CA CYS C 96 19.94 -22.23 -4.04
C CYS C 96 20.21 -23.53 -4.78
N VAL C 97 20.76 -23.49 -5.98
CA VAL C 97 21.29 -24.70 -6.62
C VAL C 97 22.52 -25.13 -5.85
N THR C 98 22.91 -26.39 -6.01
CA THR C 98 24.03 -26.92 -5.24
C THR C 98 25.34 -26.24 -5.62
N LEU C 99 26.19 -26.01 -4.63
CA LEU C 99 27.43 -25.26 -4.81
C LEU C 99 28.61 -26.21 -4.65
N GLN C 100 29.35 -26.41 -5.73
CA GLN C 100 30.63 -27.11 -5.65
C GLN C 100 31.70 -26.09 -5.26
N CYS C 101 32.38 -26.35 -4.15
CA CYS C 101 33.21 -25.34 -3.51
C CYS C 101 34.61 -25.87 -3.31
N THR C 102 35.60 -25.01 -3.53
CA THR C 102 37.00 -25.33 -3.32
C THR C 102 37.59 -24.37 -2.29
N ASN C 103 38.89 -24.47 -2.06
CA ASN C 103 39.59 -23.59 -1.16
C ASN C 103 40.33 -22.51 -1.97
N VAL C 104 41.10 -21.67 -1.28
CA VAL C 104 41.74 -20.52 -1.90
C VAL C 104 43.24 -20.76 -2.04
N THR C 105 43.90 -19.84 -2.72
CA THR C 105 45.31 -19.95 -3.09
C THR C 105 45.90 -18.54 -3.10
N ASN C 106 47.05 -18.38 -3.78
CA ASN C 106 47.75 -17.11 -3.95
C ASN C 106 48.18 -16.52 -2.60
N ASN C 107 49.12 -17.25 -1.98
CA ASN C 107 49.79 -16.85 -0.74
C ASN C 107 48.79 -16.71 0.41
N ILE C 108 48.14 -17.82 0.73
CA ILE C 108 47.21 -17.87 1.84
C ILE C 108 47.99 -17.98 3.14
N THR C 109 47.52 -17.29 4.17
CA THR C 109 48.15 -17.30 5.49
C THR C 109 47.38 -18.25 6.42
N ASP C 110 47.89 -18.37 7.65
CA ASP C 110 47.29 -19.28 8.62
C ASP C 110 45.98 -18.75 9.20
N ASP C 111 45.80 -17.43 9.24
CA ASP C 111 44.59 -16.86 9.83
C ASP C 111 43.37 -17.01 8.94
N MET C 112 43.55 -16.98 7.62
CA MET C 112 42.47 -17.21 6.66
C MET C 112 42.48 -18.63 6.11
N ARG C 113 43.05 -19.57 6.86
CA ARG C 113 43.16 -20.95 6.40
C ARG C 113 41.80 -21.65 6.46
N GLY C 114 41.09 -21.67 5.34
CA GLY C 114 39.81 -22.32 5.24
C GLY C 114 38.60 -21.45 5.53
N GLU C 115 38.78 -20.15 5.70
CA GLU C 115 37.66 -19.26 5.94
C GLU C 115 37.05 -18.75 4.64
N LEU C 116 37.88 -18.27 3.72
CA LEU C 116 37.39 -17.89 2.39
C LEU C 116 37.36 -19.11 1.48
N LYS C 117 36.30 -19.23 0.70
CA LYS C 117 36.07 -20.40 -0.13
C LYS C 117 35.75 -19.98 -1.57
N ASN C 118 36.32 -20.71 -2.52
CA ASN C 118 36.06 -20.51 -3.95
C ASN C 118 35.01 -21.51 -4.40
N CYS C 119 33.86 -21.00 -4.83
CA CYS C 119 32.71 -21.84 -5.13
C CYS C 119 32.26 -21.63 -6.58
N SER C 120 31.89 -22.73 -7.23
CA SER C 120 31.39 -22.72 -8.60
C SER C 120 30.09 -23.49 -8.68
N PHE C 121 29.14 -22.95 -9.43
CA PHE C 121 27.80 -23.53 -9.46
C PHE C 121 27.12 -23.14 -10.76
N ASN C 122 26.07 -23.90 -11.10
CA ASN C 122 25.31 -23.67 -12.30
C ASN C 122 24.40 -22.46 -12.09
N MET C 123 24.06 -21.78 -13.18
CA MET C 123 23.18 -20.62 -13.04
C MET C 123 22.46 -20.35 -14.36
N THR C 124 21.18 -20.01 -14.26
CA THR C 124 20.40 -19.61 -15.41
C THR C 124 20.88 -18.28 -15.96
N THR C 125 20.54 -18.01 -17.22
CA THR C 125 20.97 -16.83 -17.94
C THR C 125 19.75 -15.99 -18.31
N GLU C 126 19.98 -14.98 -19.16
CA GLU C 126 18.88 -14.16 -19.64
C GLU C 126 17.89 -15.00 -20.45
N LEU C 127 18.39 -15.89 -21.31
CA LEU C 127 17.55 -16.88 -21.96
C LEU C 127 17.29 -18.01 -20.96
N ARG C 128 16.02 -18.30 -20.70
CA ARG C 128 15.67 -19.15 -19.57
C ARG C 128 16.06 -20.61 -19.82
N ASP C 129 16.03 -21.07 -21.06
CA ASP C 129 16.50 -22.42 -21.36
C ASP C 129 17.98 -22.46 -21.74
N LYS C 130 18.79 -21.69 -21.04
CA LYS C 130 20.24 -21.73 -21.27
C LYS C 130 20.91 -21.43 -19.94
N LYS C 131 21.98 -22.14 -19.58
CA LYS C 131 22.58 -21.92 -18.24
C LYS C 131 24.07 -21.64 -18.43
N GLN C 132 24.70 -20.93 -17.49
CA GLN C 132 26.18 -20.71 -17.55
C GLN C 132 26.80 -21.04 -16.21
N LYS C 133 28.04 -21.55 -16.17
CA LYS C 133 28.68 -21.77 -14.89
C LYS C 133 29.48 -20.54 -14.47
N VAL C 134 29.24 -20.08 -13.25
CA VAL C 134 29.89 -18.90 -12.72
C VAL C 134 30.59 -19.27 -11.41
N TYR C 135 31.56 -18.44 -11.03
CA TYR C 135 32.32 -18.64 -9.81
C TYR C 135 32.27 -17.40 -8.95
N SER C 136 32.25 -17.61 -7.63
CA SER C 136 32.22 -16.52 -6.68
C SER C 136 32.90 -16.97 -5.39
N LEU C 137 33.32 -15.98 -4.60
CA LEU C 137 34.01 -16.24 -3.34
C LEU C 137 33.04 -16.04 -2.18
N PHE C 138 33.02 -17.01 -1.26
CA PHE C 138 32.13 -16.97 -0.12
C PHE C 138 32.93 -17.31 1.14
N TYR C 139 32.45 -16.80 2.27
CA TYR C 139 33.11 -17.02 3.54
C TYR C 139 32.67 -18.36 4.15
N ARG C 140 33.36 -18.77 5.20
CA ARG C 140 33.04 -20.02 5.88
C ARG C 140 31.70 -19.94 6.59
N LEU C 141 31.31 -18.75 7.06
CA LEU C 141 30.03 -18.53 7.72
C LEU C 141 28.90 -18.20 6.76
N ASP C 142 29.07 -18.51 5.47
CA ASP C 142 28.04 -18.31 4.48
C ASP C 142 27.50 -19.61 3.91
N VAL C 143 28.28 -20.69 3.96
CA VAL C 143 27.86 -21.99 3.45
C VAL C 143 27.89 -23.01 4.57
N VAL C 144 27.06 -24.05 4.42
CA VAL C 144 27.03 -25.17 5.35
C VAL C 144 27.27 -26.45 4.57
N GLN C 145 27.65 -27.50 5.29
CA GLN C 145 28.06 -28.75 4.67
C GLN C 145 26.87 -29.67 4.44
N ILE C 146 26.82 -30.26 3.24
CA ILE C 146 25.82 -31.27 2.89
C ILE C 146 26.56 -32.60 2.76
N ASN C 147 26.24 -33.53 3.66
CA ASN C 147 26.91 -34.82 3.70
C ASN C 147 26.31 -35.78 2.69
N ASN C 158 36.97 -32.04 -2.95
CA ASN C 158 35.91 -31.07 -3.12
C ASN C 158 34.56 -31.66 -2.76
N LYS C 159 33.74 -30.89 -2.04
CA LYS C 159 32.43 -31.34 -1.59
C LYS C 159 31.38 -30.27 -1.89
N GLU C 160 30.13 -30.69 -1.88
CA GLU C 160 29.01 -29.84 -2.27
C GLU C 160 28.51 -29.08 -1.05
N TYR C 161 28.70 -27.76 -1.05
CA TYR C 161 28.15 -26.90 -0.01
C TYR C 161 26.82 -26.31 -0.47
N ARG C 162 26.11 -25.69 0.47
CA ARG C 162 24.87 -25.01 0.18
C ARG C 162 24.74 -23.80 1.10
N LEU C 163 23.84 -22.89 0.71
CA LEU C 163 23.64 -21.67 1.48
C LEU C 163 23.02 -21.98 2.85
N ILE C 164 23.48 -21.24 3.86
CA ILE C 164 22.99 -21.45 5.22
C ILE C 164 21.53 -21.00 5.35
N ASN C 165 21.16 -19.94 4.64
CA ASN C 165 19.87 -19.28 4.84
C ASN C 165 18.93 -19.61 3.67
N CYS C 166 18.97 -20.85 3.20
CA CYS C 166 18.00 -21.30 2.20
C CYS C 166 17.03 -22.35 2.73
N ASN C 167 17.46 -23.21 3.67
CA ASN C 167 16.47 -24.04 4.35
C ASN C 167 15.63 -23.21 5.31
N THR C 168 16.15 -22.07 5.75
CA THR C 168 15.38 -21.04 6.44
C THR C 168 14.87 -20.10 5.34
N SER C 169 14.11 -19.07 5.66
CA SER C 169 13.50 -18.20 4.66
C SER C 169 14.58 -17.38 3.95
N ALA C 170 14.82 -17.70 2.68
CA ALA C 170 15.77 -16.94 1.88
C ALA C 170 15.24 -15.54 1.59
N CYS C 171 16.14 -14.65 1.22
CA CYS C 171 15.83 -13.24 1.18
C CYS C 171 16.50 -12.58 -0.02
N THR C 172 16.53 -11.26 -0.01
CA THR C 172 17.00 -10.44 -1.10
C THR C 172 18.41 -9.93 -0.83
N GLN C 173 18.89 -9.06 -1.71
CA GLN C 173 20.14 -8.33 -1.51
C GLN C 173 19.85 -6.84 -1.53
N ALA C 174 20.65 -6.09 -0.79
CA ALA C 174 20.48 -4.64 -0.73
C ALA C 174 20.86 -4.00 -2.06
N CYS C 175 20.12 -2.97 -2.44
CA CYS C 175 20.39 -2.27 -3.68
C CYS C 175 21.71 -1.50 -3.57
N PRO C 176 22.48 -1.40 -4.65
CA PRO C 176 23.76 -0.67 -4.58
C PRO C 176 23.60 0.83 -4.45
N LYS C 177 22.42 1.38 -4.74
CA LYS C 177 22.24 2.83 -4.68
C LYS C 177 22.16 3.32 -3.24
N VAL C 178 21.55 2.54 -2.34
CA VAL C 178 21.40 2.97 -0.96
C VAL C 178 22.70 2.75 -0.21
N SER C 179 22.86 3.49 0.89
CA SER C 179 24.02 3.37 1.76
C SER C 179 23.55 3.30 3.20
N PHE C 180 24.26 2.49 4.00
CA PHE C 180 23.89 2.27 5.39
C PHE C 180 24.62 3.21 6.35
N GLU C 181 25.14 4.32 5.85
CA GLU C 181 25.79 5.29 6.73
C GLU C 181 24.75 6.00 7.59
N PRO C 182 24.99 6.16 8.89
CA PRO C 182 23.97 6.73 9.80
C PRO C 182 23.93 8.25 9.71
N ILE C 183 22.81 8.76 9.22
CA ILE C 183 22.57 10.21 9.23
C ILE C 183 21.96 10.58 10.58
N PRO C 184 22.55 11.53 11.31
CA PRO C 184 21.95 11.96 12.58
C PRO C 184 20.65 12.71 12.36
N ILE C 185 19.53 12.08 12.70
CA ILE C 185 18.21 12.61 12.43
C ILE C 185 17.68 13.29 13.68
N HIS C 186 16.71 14.17 13.48
CA HIS C 186 16.07 14.90 14.57
C HIS C 186 14.58 14.55 14.61
N TYR C 187 14.01 14.57 15.82
CA TYR C 187 12.61 14.30 16.05
C TYR C 187 11.97 15.53 16.67
N CYS C 188 11.45 16.42 15.83
CA CYS C 188 10.74 17.59 16.32
C CYS C 188 9.41 17.17 16.94
N ALA C 189 9.05 17.83 18.04
CA ALA C 189 7.80 17.53 18.70
C ALA C 189 6.62 17.98 17.85
N PRO C 190 5.51 17.23 17.84
CA PRO C 190 4.34 17.66 17.08
C PRO C 190 3.67 18.88 17.71
N ALA C 191 2.89 19.57 16.89
CA ALA C 191 2.23 20.79 17.34
C ALA C 191 1.21 20.48 18.43
N GLY C 192 1.19 21.32 19.46
CA GLY C 192 0.38 21.08 20.63
C GLY C 192 1.01 20.14 21.64
N PHE C 193 2.26 19.71 21.39
CA PHE C 193 2.96 18.74 22.21
C PHE C 193 4.39 19.21 22.38
N ALA C 194 5.09 18.67 23.39
CA ALA C 194 6.44 19.13 23.68
C ALA C 194 7.21 18.02 24.37
N ILE C 195 8.55 18.17 24.34
CA ILE C 195 9.47 17.28 25.04
C ILE C 195 10.40 18.15 25.89
N LEU C 196 10.91 17.55 26.96
CA LEU C 196 11.77 18.23 27.92
C LEU C 196 13.09 17.48 28.07
N LYS C 197 14.17 18.23 28.28
CA LYS C 197 15.49 17.65 28.46
C LYS C 197 16.07 18.05 29.80
N CYS C 198 16.94 17.19 30.34
CA CYS C 198 17.55 17.37 31.64
C CYS C 198 19.00 17.79 31.49
N LYS C 199 19.52 18.48 32.51
CA LYS C 199 20.88 18.99 32.50
C LYS C 199 21.55 18.78 33.85
N ASP C 200 21.39 17.59 34.43
CA ASP C 200 21.97 17.27 35.73
C ASP C 200 23.32 16.56 35.55
N LYS C 201 23.95 16.27 36.68
CA LYS C 201 25.22 15.54 36.71
C LYS C 201 25.04 14.09 37.14
N LYS C 202 24.39 13.87 38.28
CA LYS C 202 24.07 12.53 38.76
C LYS C 202 22.67 12.15 38.28
N PHE C 203 22.55 11.02 37.60
CA PHE C 203 21.31 10.69 36.90
C PHE C 203 21.07 9.19 36.99
N ASN C 204 19.98 8.80 37.63
CA ASN C 204 19.49 7.43 37.59
C ASN C 204 18.70 7.19 36.30
N GLY C 205 17.95 6.09 36.27
CA GLY C 205 16.85 6.00 35.32
C GLY C 205 15.65 6.83 35.71
N THR C 206 15.56 7.19 36.99
CA THR C 206 14.53 8.08 37.52
C THR C 206 15.21 9.28 38.17
N GLY C 207 14.43 10.09 38.88
CA GLY C 207 14.96 11.20 39.63
C GLY C 207 14.44 12.54 39.14
N PRO C 208 14.16 13.45 40.08
CA PRO C 208 13.69 14.79 39.69
C PRO C 208 14.81 15.63 39.12
N CYS C 209 14.60 16.17 37.93
CA CYS C 209 15.61 16.99 37.27
C CYS C 209 15.56 18.40 37.82
N PRO C 210 16.67 18.94 38.35
CA PRO C 210 16.64 20.32 38.85
C PRO C 210 16.59 21.37 37.76
N SER C 211 17.32 21.16 36.66
CA SER C 211 17.39 22.12 35.56
C SER C 211 16.78 21.47 34.32
N VAL C 212 15.52 21.79 34.04
CA VAL C 212 14.79 21.25 32.90
C VAL C 212 14.74 22.31 31.81
N SER C 213 15.05 21.90 30.58
CA SER C 213 15.02 22.78 29.42
C SER C 213 14.01 22.28 28.41
N THR C 214 13.42 23.21 27.66
CA THR C 214 12.38 22.91 26.69
C THR C 214 12.90 23.17 25.28
N VAL C 215 12.79 22.17 24.40
CA VAL C 215 13.20 22.30 23.01
C VAL C 215 12.28 21.42 22.17
N GLN C 216 11.98 21.88 20.96
CA GLN C 216 11.11 21.12 20.05
C GLN C 216 11.91 20.10 19.25
N CYS C 217 12.95 20.54 18.55
CA CYS C 217 13.75 19.69 17.68
C CYS C 217 15.06 19.36 18.37
N THR C 218 15.39 18.07 18.39
CA THR C 218 16.55 17.59 19.13
C THR C 218 17.85 17.78 18.34
N HIS C 219 18.94 17.32 18.95
CA HIS C 219 20.26 17.31 18.33
C HIS C 219 20.40 16.05 17.48
N GLY C 220 21.63 15.76 17.04
CA GLY C 220 21.86 14.60 16.21
C GLY C 220 21.73 13.31 17.01
N ILE C 221 20.90 12.39 16.51
CA ILE C 221 20.72 11.07 17.10
C ILE C 221 21.19 10.05 16.07
N LYS C 222 22.20 9.27 16.44
CA LYS C 222 22.78 8.32 15.50
C LYS C 222 21.94 7.04 15.46
N PRO C 223 21.44 6.64 14.30
CA PRO C 223 20.65 5.40 14.22
C PRO C 223 21.50 4.15 14.02
N VAL C 224 22.80 4.24 14.29
CA VAL C 224 23.70 3.11 14.10
C VAL C 224 23.34 1.99 15.08
N VAL C 225 23.48 0.75 14.61
CA VAL C 225 23.10 -0.42 15.38
C VAL C 225 24.36 -1.14 15.86
N SER C 226 24.26 -1.74 17.05
CA SER C 226 25.35 -2.49 17.63
C SER C 226 24.78 -3.45 18.66
N THR C 227 25.59 -4.42 19.06
CA THR C 227 25.20 -5.39 20.08
C THR C 227 26.13 -5.42 21.27
N GLN C 228 27.44 -5.30 21.06
CA GLN C 228 28.42 -5.42 22.13
C GLN C 228 28.90 -4.06 22.64
N LEU C 229 29.48 -3.25 21.75
CA LEU C 229 30.05 -1.96 22.13
C LEU C 229 29.31 -0.85 21.39
N LEU C 230 28.86 0.15 22.13
CA LEU C 230 28.24 1.32 21.52
C LEU C 230 29.31 2.20 20.90
N LEU C 231 29.08 2.59 19.65
CA LEU C 231 30.03 3.39 18.91
C LEU C 231 29.32 4.56 18.25
N ASN C 232 30.08 5.65 18.04
CA ASN C 232 29.58 6.91 17.48
C ASN C 232 28.39 7.45 18.27
N GLY C 233 28.47 7.35 19.60
CA GLY C 233 27.41 7.80 20.48
C GLY C 233 27.68 9.19 21.05
N SER C 234 26.73 9.63 21.87
CA SER C 234 26.83 10.93 22.53
C SER C 234 27.83 10.86 23.67
N LEU C 235 28.75 11.82 23.72
CA LEU C 235 29.75 11.85 24.76
C LEU C 235 29.13 12.27 26.09
N ALA C 236 29.81 11.91 27.18
CA ALA C 236 29.36 12.27 28.51
C ALA C 236 29.78 13.71 28.83
N GLU C 237 29.47 14.15 30.05
CA GLU C 237 29.74 15.53 30.44
C GLU C 237 31.10 15.68 31.13
N GLU C 238 31.27 15.01 32.29
CA GLU C 238 32.50 15.15 33.04
C GLU C 238 33.05 13.81 33.49
N GLU C 239 32.17 12.84 33.73
CA GLU C 239 32.58 11.59 34.36
C GLU C 239 31.63 10.48 33.92
N VAL C 240 31.79 9.29 34.50
CA VAL C 240 31.17 8.08 34.02
C VAL C 240 29.95 7.76 34.88
N MET C 241 28.78 7.77 34.27
CA MET C 241 27.52 7.49 34.97
C MET C 241 27.01 6.10 34.60
N ILE C 242 26.34 5.48 35.55
CA ILE C 242 25.90 4.10 35.44
C ILE C 242 24.38 4.07 35.37
N ARG C 243 23.84 3.39 34.35
CA ARG C 243 22.41 3.27 34.15
C ARG C 243 22.00 1.81 34.34
N SER C 244 20.98 1.59 35.18
CA SER C 244 20.50 0.23 35.43
C SER C 244 19.07 0.28 35.95
N GLU C 245 18.26 -0.67 35.51
CA GLU C 245 16.92 -0.82 36.06
C GLU C 245 16.96 -1.29 37.50
N ASN C 246 17.86 -2.22 37.82
CA ASN C 246 17.97 -2.77 39.17
C ASN C 246 19.41 -3.24 39.33
N ILE C 247 20.22 -2.44 40.04
CA ILE C 247 21.65 -2.74 40.17
C ILE C 247 21.89 -3.97 41.06
N THR C 248 20.93 -4.33 41.91
CA THR C 248 21.06 -5.55 42.69
C THR C 248 20.63 -6.78 41.91
N ASN C 249 19.95 -6.60 40.78
CA ASN C 249 19.54 -7.72 39.94
C ASN C 249 20.63 -8.07 38.94
N ASN C 250 20.65 -9.34 38.52
CA ASN C 250 21.64 -9.82 37.57
C ASN C 250 21.13 -9.90 36.14
N ALA C 251 19.81 -9.87 35.95
CA ALA C 251 19.22 -9.99 34.62
C ALA C 251 18.96 -8.64 33.96
N LYS C 252 19.33 -7.54 34.61
CA LYS C 252 19.10 -6.20 34.07
C LYS C 252 20.37 -5.72 33.38
N ASN C 253 20.21 -5.22 32.15
CA ASN C 253 21.35 -4.72 31.39
C ASN C 253 21.84 -3.40 31.97
N ILE C 254 23.15 -3.26 32.10
CA ILE C 254 23.77 -2.07 32.66
C ILE C 254 24.33 -1.23 31.51
N LEU C 255 23.91 0.02 31.43
CA LEU C 255 24.37 0.95 30.39
C LEU C 255 25.42 1.87 31.00
N VAL C 256 26.62 1.87 30.43
CA VAL C 256 27.74 2.66 30.93
C VAL C 256 28.25 3.52 29.78
N GLN C 257 28.33 4.83 30.01
CA GLN C 257 28.90 5.76 29.03
C GLN C 257 29.95 6.63 29.71
N PHE C 258 30.97 6.98 28.95
CA PHE C 258 32.16 7.64 29.48
C PHE C 258 32.57 8.80 28.58
N ASN C 259 33.28 9.76 29.18
CA ASN C 259 33.50 11.05 28.52
C ASN C 259 34.55 10.99 27.43
N THR C 260 35.65 10.25 27.64
CA THR C 260 36.77 10.29 26.71
C THR C 260 36.54 9.26 25.60
N PRO C 261 36.38 9.69 24.35
CA PRO C 261 36.10 8.73 23.27
C PRO C 261 37.37 8.06 22.78
N VAL C 262 37.48 6.76 23.06
CA VAL C 262 38.59 5.97 22.53
C VAL C 262 38.26 5.55 21.10
N GLN C 263 39.28 5.56 20.26
CA GLN C 263 39.10 5.31 18.82
C GLN C 263 39.43 3.87 18.47
N ILE C 264 38.70 3.35 17.49
CA ILE C 264 38.97 2.04 16.91
C ILE C 264 39.19 2.20 15.41
N ASN C 265 40.19 1.50 14.89
CA ASN C 265 40.53 1.52 13.47
C ASN C 265 40.26 0.13 12.90
N CYS C 266 39.04 -0.07 12.41
CA CYS C 266 38.63 -1.35 11.85
C CYS C 266 38.88 -1.32 10.35
N THR C 267 39.80 -2.17 9.88
CA THR C 267 40.24 -2.16 8.50
C THR C 267 39.96 -3.51 7.84
N ARG C 268 39.68 -3.46 6.54
CA ARG C 268 39.54 -4.66 5.71
C ARG C 268 40.68 -4.65 4.70
N PRO C 269 41.82 -5.28 5.01
CA PRO C 269 43.01 -5.16 4.14
C PRO C 269 42.96 -6.01 2.88
N ASN C 270 41.82 -6.61 2.53
CA ASN C 270 41.69 -7.42 1.32
C ASN C 270 41.15 -6.53 0.20
N ASN C 271 42.03 -6.15 -0.72
CA ASN C 271 41.62 -5.38 -1.89
C ASN C 271 40.88 -6.31 -2.84
N ASN C 272 39.59 -6.03 -3.06
CA ASN C 272 38.72 -6.89 -3.84
C ASN C 272 38.07 -6.10 -4.96
N THR C 273 37.61 -6.83 -5.98
CA THR C 273 36.86 -6.27 -7.10
C THR C 273 35.40 -6.65 -6.96
N ARG C 274 34.59 -6.15 -7.88
CA ARG C 274 33.16 -6.44 -7.90
C ARG C 274 32.79 -7.03 -9.25
N LYS C 275 32.08 -8.17 -9.22
CA LYS C 275 31.66 -8.87 -10.41
C LYS C 275 30.14 -8.94 -10.46
N SER C 276 29.58 -8.64 -11.62
CA SER C 276 28.13 -8.62 -11.82
C SER C 276 27.71 -9.90 -12.52
N ILE C 277 26.99 -10.77 -11.82
CA ILE C 277 26.42 -11.98 -12.39
C ILE C 277 24.93 -11.73 -12.59
N ARG C 278 24.51 -11.66 -13.85
CA ARG C 278 23.11 -11.40 -14.18
C ARG C 278 22.31 -12.68 -14.02
N ILE C 279 21.28 -12.63 -13.17
CA ILE C 279 20.51 -13.82 -12.82
C ILE C 279 19.20 -13.91 -13.59
N GLY C 280 18.73 -12.82 -14.19
CA GLY C 280 17.51 -12.83 -14.93
C GLY C 280 17.30 -11.53 -15.71
N PRO C 281 16.10 -11.34 -16.25
CA PRO C 281 15.81 -10.11 -16.99
C PRO C 281 15.76 -8.89 -16.10
N GLY C 282 16.77 -8.02 -16.20
CA GLY C 282 16.84 -6.86 -15.35
C GLY C 282 17.17 -7.15 -13.91
N GLN C 283 17.69 -8.34 -13.61
CA GLN C 283 18.02 -8.75 -12.25
C GLN C 283 19.50 -9.15 -12.24
N ALA C 284 20.32 -8.36 -11.54
CA ALA C 284 21.75 -8.58 -11.48
C ALA C 284 22.16 -8.90 -10.05
N PHE C 285 22.89 -10.00 -9.88
CA PHE C 285 23.42 -10.39 -8.57
C PHE C 285 24.88 -9.98 -8.51
N TYR C 286 25.21 -9.13 -7.52
CA TYR C 286 26.55 -8.59 -7.38
C TYR C 286 27.42 -9.59 -6.62
N ALA C 287 28.16 -10.39 -7.36
CA ALA C 287 29.02 -11.40 -6.78
C ALA C 287 30.38 -10.82 -6.40
N THR C 288 31.08 -11.53 -5.52
CA THR C 288 32.43 -11.13 -5.15
C THR C 288 33.39 -11.41 -6.29
N GLY C 289 34.36 -10.50 -6.48
CA GLY C 289 35.32 -10.64 -7.54
C GLY C 289 36.50 -11.52 -7.17
N ASP C 290 37.71 -11.06 -7.46
CA ASP C 290 38.93 -11.79 -7.15
C ASP C 290 39.75 -10.95 -6.17
N ILE C 291 40.27 -11.60 -5.13
CA ILE C 291 41.07 -10.93 -4.11
C ILE C 291 42.45 -10.67 -4.71
N ILE C 292 42.69 -9.44 -5.16
CA ILE C 292 43.97 -9.07 -5.73
C ILE C 292 44.93 -8.69 -4.61
N GLY C 293 46.19 -9.10 -4.75
CA GLY C 293 47.19 -8.80 -3.75
C GLY C 293 47.17 -9.78 -2.59
N ASP C 294 47.97 -9.47 -1.58
CA ASP C 294 48.06 -10.31 -0.41
C ASP C 294 46.78 -10.24 0.41
N ILE C 295 46.41 -11.36 1.03
CA ILE C 295 45.18 -11.47 1.81
C ILE C 295 45.53 -11.44 3.29
N ARG C 296 44.77 -10.66 4.05
CA ARG C 296 44.98 -10.53 5.49
C ARG C 296 43.63 -10.41 6.18
N GLN C 297 43.54 -10.94 7.39
CA GLN C 297 42.30 -10.93 8.16
C GLN C 297 41.98 -9.51 8.63
N ALA C 298 40.71 -9.14 8.52
CA ALA C 298 40.25 -7.85 9.03
C ALA C 298 40.39 -7.80 10.55
N HIS C 299 40.71 -6.61 11.06
CA HIS C 299 40.95 -6.44 12.48
C HIS C 299 40.67 -5.00 12.87
N CYS C 300 40.53 -4.78 14.18
CA CYS C 300 40.29 -3.45 14.74
C CYS C 300 41.41 -3.12 15.72
N ASN C 301 41.93 -1.90 15.61
CA ASN C 301 43.06 -1.45 16.41
C ASN C 301 42.59 -0.46 17.47
N VAL C 302 43.03 -0.67 18.71
CA VAL C 302 42.69 0.20 19.83
C VAL C 302 43.94 0.43 20.67
N SER C 303 44.11 1.65 21.15
CA SER C 303 45.30 2.00 21.93
C SER C 303 45.31 1.29 23.27
N LYS C 304 46.50 0.88 23.69
CA LYS C 304 46.66 0.19 24.96
C LYS C 304 46.50 1.13 26.14
N ALA C 305 47.12 2.31 26.07
CA ALA C 305 47.13 3.23 27.20
C ALA C 305 45.77 3.88 27.41
N THR C 306 45.13 4.32 26.32
CA THR C 306 43.85 5.01 26.45
C THR C 306 42.73 4.09 26.90
N TRP C 307 42.80 2.81 26.53
CA TRP C 307 41.75 1.87 26.92
C TRP C 307 41.87 1.48 28.39
N ASN C 308 43.10 1.36 28.89
CA ASN C 308 43.29 0.92 30.27
C ASN C 308 42.88 2.02 31.25
N GLU C 309 43.22 3.27 30.96
CA GLU C 309 42.79 4.36 31.83
C GLU C 309 41.30 4.62 31.70
N THR C 310 40.70 4.29 30.57
CA THR C 310 39.25 4.27 30.47
C THR C 310 38.65 3.22 31.41
N LEU C 311 39.26 2.04 31.44
CA LEU C 311 38.89 1.05 32.46
C LEU C 311 39.30 1.51 33.85
N GLY C 312 40.37 2.30 33.96
CA GLY C 312 40.72 2.93 35.22
C GLY C 312 39.81 4.08 35.59
N LYS C 313 39.12 4.67 34.61
CA LYS C 313 38.14 5.70 34.87
C LYS C 313 36.72 5.16 34.98
N VAL C 314 36.53 3.83 34.93
CA VAL C 314 35.22 3.25 35.19
C VAL C 314 35.22 2.40 36.47
N VAL C 315 36.38 1.98 36.96
CA VAL C 315 36.46 1.17 38.17
C VAL C 315 36.07 1.99 39.39
N LYS C 316 36.34 3.30 39.36
CA LYS C 316 36.07 4.16 40.52
C LYS C 316 34.56 4.33 40.74
N GLN C 317 33.80 4.54 39.68
CA GLN C 317 32.36 4.78 39.82
C GLN C 317 31.54 3.51 39.91
N LEU C 318 32.15 2.35 39.68
CA LEU C 318 31.44 1.10 39.97
C LEU C 318 31.63 0.69 41.43
N ARG C 319 32.70 1.16 42.07
CA ARG C 319 32.95 0.84 43.47
C ARG C 319 32.11 1.66 44.43
N LYS C 320 31.52 2.77 43.96
CA LYS C 320 30.65 3.57 44.81
C LYS C 320 29.27 2.95 44.97
N HIS C 321 28.90 2.01 44.09
CA HIS C 321 27.62 1.32 44.18
C HIS C 321 27.74 -0.02 44.92
N PHE C 322 28.95 -0.39 45.35
CA PHE C 322 29.17 -1.65 46.06
C PHE C 322 30.20 -1.40 47.15
N GLY C 323 30.75 -2.47 47.70
CA GLY C 323 31.80 -2.35 48.68
C GLY C 323 33.16 -2.06 48.05
N ASN C 324 34.08 -1.59 48.88
CA ASN C 324 35.44 -1.30 48.44
C ASN C 324 36.39 -2.47 48.62
N ASN C 325 35.91 -3.59 49.16
CA ASN C 325 36.74 -4.77 49.39
C ASN C 325 36.53 -5.87 48.36
N THR C 326 35.50 -5.75 47.52
CA THR C 326 35.26 -6.76 46.49
C THR C 326 36.24 -6.58 45.33
N ILE C 327 36.51 -7.69 44.64
CA ILE C 327 37.43 -7.72 43.51
C ILE C 327 36.61 -8.00 42.25
N ILE C 328 36.75 -7.13 41.26
CA ILE C 328 36.03 -7.27 39.99
C ILE C 328 36.94 -7.95 38.98
N ARG C 329 36.36 -8.86 38.20
CA ARG C 329 37.09 -9.61 37.19
C ARG C 329 36.39 -9.43 35.84
N PHE C 330 37.18 -9.08 34.83
CA PHE C 330 36.67 -8.90 33.47
C PHE C 330 37.02 -10.14 32.65
N ALA C 331 35.99 -10.81 32.14
CA ALA C 331 36.15 -11.96 31.26
C ALA C 331 35.40 -11.68 29.96
N ASN C 332 35.35 -12.68 29.08
CA ASN C 332 34.69 -12.53 27.80
C ASN C 332 33.23 -13.01 27.92
N SER C 333 32.56 -13.17 26.78
CA SER C 333 31.16 -13.56 26.78
C SER C 333 31.00 -15.02 27.20
N SER C 334 29.76 -15.37 27.55
CA SER C 334 29.48 -16.72 28.07
C SER C 334 29.47 -17.75 26.95
N GLY C 335 28.57 -17.60 26.00
CA GLY C 335 28.45 -18.57 24.92
C GLY C 335 27.11 -18.46 24.23
N GLY C 336 26.99 -19.18 23.13
CA GLY C 336 25.77 -19.16 22.34
C GLY C 336 26.04 -18.89 20.88
N ASP C 337 25.11 -18.22 20.20
CA ASP C 337 25.32 -17.85 18.82
C ASP C 337 26.37 -16.76 18.70
N LEU C 338 27.10 -16.77 17.58
CA LEU C 338 28.19 -15.81 17.40
C LEU C 338 27.67 -14.40 17.17
N GLU C 339 26.44 -14.26 16.65
CA GLU C 339 25.91 -12.94 16.34
C GLU C 339 25.58 -12.14 17.59
N VAL C 340 25.28 -12.82 18.70
CA VAL C 340 24.83 -12.14 19.91
C VAL C 340 25.97 -12.04 20.91
N THR C 341 26.94 -12.94 20.81
CA THR C 341 28.04 -13.01 21.77
C THR C 341 29.29 -12.28 21.33
N THR C 342 29.30 -11.71 20.13
CA THR C 342 30.46 -11.00 19.61
C THR C 342 30.05 -9.61 19.16
N HIS C 343 31.05 -8.80 18.82
CA HIS C 343 30.81 -7.45 18.33
C HIS C 343 30.18 -7.49 16.93
N SER C 344 29.34 -6.50 16.66
CA SER C 344 28.68 -6.40 15.36
C SER C 344 28.38 -4.94 15.07
N PHE C 345 28.81 -4.45 13.91
CA PHE C 345 28.57 -3.08 13.50
C PHE C 345 28.64 -3.02 11.98
N ASN C 346 28.49 -1.80 11.45
CA ASN C 346 28.50 -1.56 10.01
C ASN C 346 29.57 -0.53 9.68
N CYS C 347 30.39 -0.83 8.66
CA CYS C 347 31.42 0.10 8.18
C CYS C 347 31.45 0.01 6.66
N GLY C 348 30.76 0.94 6.00
CA GLY C 348 30.77 1.02 4.55
C GLY C 348 30.11 -0.15 3.84
N GLY C 349 28.97 -0.62 4.35
CA GLY C 349 28.23 -1.68 3.72
C GLY C 349 28.59 -3.09 4.18
N GLU C 350 29.64 -3.26 4.97
CA GLU C 350 30.02 -4.55 5.49
C GLU C 350 29.49 -4.74 6.91
N PHE C 351 29.56 -5.98 7.37
CA PHE C 351 29.08 -6.37 8.70
C PHE C 351 30.20 -7.15 9.39
N PHE C 352 30.90 -6.50 10.32
CA PHE C 352 32.05 -7.10 10.98
C PHE C 352 31.61 -7.87 12.22
N TYR C 353 32.17 -9.07 12.39
CA TYR C 353 32.00 -9.87 13.59
C TYR C 353 33.36 -10.00 14.25
N CYS C 354 33.57 -9.27 15.34
CA CYS C 354 34.88 -9.16 15.97
C CYS C 354 34.91 -9.89 17.31
N ASN C 355 36.03 -10.55 17.59
CA ASN C 355 36.25 -11.25 18.84
C ASN C 355 36.84 -10.26 19.84
N THR C 356 36.11 -9.99 20.92
CA THR C 356 36.48 -8.96 21.89
C THR C 356 37.06 -9.56 23.16
N SER C 357 37.86 -10.62 23.05
CA SER C 357 38.47 -11.22 24.22
C SER C 357 39.55 -10.32 24.81
N GLY C 358 40.30 -9.60 23.96
CA GLY C 358 41.37 -8.76 24.43
C GLY C 358 40.95 -7.43 25.01
N LEU C 359 39.68 -7.06 24.88
CA LEU C 359 39.19 -5.80 25.44
C LEU C 359 38.71 -5.95 26.86
N PHE C 360 38.26 -7.13 27.26
CA PHE C 360 37.63 -7.38 28.55
C PHE C 360 38.34 -8.50 29.29
N ASN C 361 39.67 -8.41 29.38
CA ASN C 361 40.48 -9.39 30.09
C ASN C 361 41.40 -8.63 31.03
N SER C 362 40.89 -8.34 32.24
CA SER C 362 41.68 -7.60 33.23
C SER C 362 41.10 -7.86 34.61
N THR C 363 41.96 -7.70 35.62
CA THR C 363 41.56 -7.77 37.02
C THR C 363 42.02 -6.50 37.73
N TRP C 364 41.24 -6.09 38.74
CA TRP C 364 41.49 -4.84 39.44
C TRP C 364 41.58 -5.11 40.94
N ILE C 365 42.76 -4.91 41.50
CA ILE C 365 42.98 -5.04 42.93
C ILE C 365 42.66 -3.69 43.59
N SER C 366 42.38 -3.72 44.88
CA SER C 366 42.05 -2.51 45.62
C SER C 366 43.26 -1.61 45.77
N ASN C 367 43.42 -0.65 44.86
CA ASN C 367 44.53 0.30 44.81
C ASN C 367 45.90 -0.40 44.79
N ASN C 379 53.19 0.08 18.93
CA ASN C 379 53.90 -0.02 20.20
C ASN C 379 52.94 -0.22 21.36
N ASP C 380 51.84 0.54 21.35
CA ASP C 380 50.80 0.47 22.38
C ASP C 380 49.44 0.24 21.74
N SER C 381 49.37 -0.71 20.83
CA SER C 381 48.14 -1.02 20.10
C SER C 381 47.66 -2.41 20.49
N ILE C 382 46.40 -2.51 20.90
CA ILE C 382 45.78 -3.79 21.22
C ILE C 382 45.01 -4.25 19.98
N THR C 383 45.33 -5.44 19.50
CA THR C 383 44.67 -6.01 18.33
C THR C 383 43.64 -7.04 18.76
N LEU C 384 42.71 -7.32 17.83
CA LEU C 384 41.65 -8.29 18.08
C LEU C 384 41.16 -8.81 16.73
N PRO C 385 40.94 -10.12 16.59
CA PRO C 385 40.51 -10.66 15.29
C PRO C 385 39.07 -10.28 14.98
N CYS C 386 38.77 -10.20 13.69
CA CYS C 386 37.43 -9.89 13.21
C CYS C 386 37.08 -10.80 12.04
N ARG C 387 35.82 -11.23 12.02
CA ARG C 387 35.30 -12.10 10.97
C ARG C 387 34.28 -11.32 10.15
N ILE C 388 34.00 -11.82 8.95
CA ILE C 388 33.11 -11.14 8.01
C ILE C 388 32.02 -12.12 7.58
N LYS C 389 30.77 -11.72 7.77
CA LYS C 389 29.61 -12.49 7.32
C LYS C 389 28.82 -11.62 6.35
N GLN C 390 28.77 -12.03 5.09
CA GLN C 390 28.10 -11.21 4.07
C GLN C 390 26.58 -11.25 4.24
N ILE C 391 26.04 -12.39 4.65
CA ILE C 391 24.60 -12.52 4.87
C ILE C 391 24.30 -12.06 6.30
N ILE C 392 23.54 -10.98 6.42
CA ILE C 392 23.14 -10.44 7.71
C ILE C 392 21.65 -10.69 7.89
N ASN C 393 21.25 -10.88 9.14
CA ASN C 393 19.87 -11.22 9.47
C ASN C 393 19.31 -10.25 10.50
N MET C 394 18.01 -10.02 10.41
CA MET C 394 17.30 -9.21 11.39
C MET C 394 17.26 -9.97 12.72
N TRP C 395 17.41 -9.22 13.83
CA TRP C 395 17.45 -9.87 15.13
C TRP C 395 16.10 -10.48 15.52
N GLN C 396 14.99 -9.81 15.18
CA GLN C 396 13.68 -10.30 15.54
C GLN C 396 12.87 -10.85 14.37
N ARG C 397 13.17 -10.44 13.14
CA ARG C 397 12.39 -10.83 11.96
C ARG C 397 13.15 -11.92 11.23
N ILE C 398 12.87 -13.18 11.61
CA ILE C 398 13.47 -14.32 10.90
C ILE C 398 12.73 -14.65 9.62
N GLY C 399 11.63 -13.96 9.32
CA GLY C 399 10.89 -14.21 8.10
C GLY C 399 11.61 -13.72 6.84
N GLN C 400 12.58 -12.82 7.00
CA GLN C 400 13.38 -12.37 5.87
C GLN C 400 14.71 -11.84 6.40
N CYS C 401 15.55 -11.40 5.47
CA CYS C 401 16.90 -10.92 5.76
C CYS C 401 17.35 -10.03 4.61
N MET C 402 18.65 -9.76 4.54
CA MET C 402 19.20 -8.99 3.43
C MET C 402 20.65 -9.40 3.22
N TYR C 403 21.08 -9.37 1.96
CA TYR C 403 22.42 -9.76 1.55
C TYR C 403 23.22 -8.50 1.23
N ALA C 404 24.26 -8.24 1.99
CA ALA C 404 25.11 -7.08 1.76
C ALA C 404 26.02 -7.34 0.56
N PRO C 405 25.96 -6.53 -0.50
CA PRO C 405 26.85 -6.72 -1.63
C PRO C 405 28.28 -6.38 -1.26
N PRO C 406 29.27 -7.01 -1.88
CA PRO C 406 30.66 -6.67 -1.59
C PRO C 406 31.03 -5.28 -2.09
N ILE C 407 31.96 -4.65 -1.39
CA ILE C 407 32.43 -3.30 -1.72
C ILE C 407 33.88 -3.41 -2.17
N GLN C 408 34.17 -2.86 -3.35
CA GLN C 408 35.52 -2.92 -3.90
C GLN C 408 36.45 -1.98 -3.15
N GLY C 409 37.74 -2.30 -3.19
CA GLY C 409 38.75 -1.48 -2.54
C GLY C 409 39.10 -1.95 -1.14
N VAL C 410 39.56 -1.03 -0.30
CA VAL C 410 39.92 -1.33 1.08
C VAL C 410 38.98 -0.54 1.98
N ILE C 411 38.28 -1.23 2.86
CA ILE C 411 37.32 -0.60 3.77
C ILE C 411 38.07 -0.06 4.98
N ARG C 412 37.98 1.25 5.19
CA ARG C 412 38.58 1.91 6.35
C ARG C 412 37.47 2.45 7.23
N CYS C 413 37.48 2.07 8.50
CA CYS C 413 36.46 2.46 9.46
C CYS C 413 37.13 3.02 10.71
N VAL C 414 36.85 4.30 11.00
CA VAL C 414 37.29 4.94 12.24
C VAL C 414 36.04 5.39 12.99
N SER C 415 36.04 5.18 14.30
CA SER C 415 34.86 5.43 15.11
C SER C 415 35.27 5.74 16.53
N ASN C 416 34.35 6.36 17.27
CA ASN C 416 34.53 6.67 18.68
C ASN C 416 33.70 5.70 19.51
N ILE C 417 34.35 4.98 20.42
CA ILE C 417 33.63 4.14 21.37
C ILE C 417 33.23 5.00 22.56
N THR C 418 31.92 5.14 22.77
CA THR C 418 31.40 6.00 23.83
C THR C 418 30.64 5.23 24.91
N GLY C 419 30.10 4.07 24.61
CA GLY C 419 29.30 3.34 25.57
C GLY C 419 29.60 1.86 25.56
N LEU C 420 29.42 1.24 26.73
CA LEU C 420 29.61 -0.19 26.93
C LEU C 420 28.37 -0.79 27.57
N ILE C 421 28.17 -2.08 27.35
CA ILE C 421 27.09 -2.84 27.96
C ILE C 421 27.72 -4.00 28.72
N LEU C 422 27.40 -4.11 30.01
CA LEU C 422 27.95 -5.13 30.87
C LEU C 422 26.83 -5.85 31.62
N THR C 423 27.06 -7.12 31.91
CA THR C 423 26.10 -7.95 32.62
C THR C 423 26.81 -8.68 33.75
N ARG C 424 26.19 -8.67 34.94
CA ARG C 424 26.78 -9.32 36.09
C ARG C 424 26.48 -10.82 36.07
N ASP C 425 27.44 -11.60 36.55
CA ASP C 425 27.29 -13.05 36.58
C ASP C 425 26.24 -13.48 37.59
N GLY C 426 25.55 -14.58 37.28
CA GLY C 426 24.57 -15.11 38.19
C GLY C 426 25.19 -15.67 39.45
N GLY C 427 24.43 -15.63 40.54
CA GLY C 427 24.94 -16.08 41.82
C GLY C 427 25.54 -14.95 42.64
N SER C 428 26.87 -14.84 42.60
CA SER C 428 27.64 -13.82 43.30
C SER C 428 27.36 -13.85 44.81
N THR C 429 27.64 -15.00 45.40
CA THR C 429 27.41 -15.18 46.84
C THR C 429 28.45 -14.42 47.66
N ASN C 430 28.11 -14.23 48.93
CA ASN C 430 28.95 -13.61 49.96
C ASN C 430 29.26 -12.14 49.69
N SER C 431 28.61 -11.53 48.69
CA SER C 431 28.78 -10.12 48.32
C SER C 431 30.25 -9.79 48.03
N THR C 432 30.94 -10.70 47.36
CA THR C 432 32.35 -10.51 47.03
C THR C 432 32.66 -11.23 45.74
N THR C 433 33.78 -10.84 45.12
CA THR C 433 34.25 -11.33 43.82
C THR C 433 33.15 -11.18 42.75
N GLU C 434 32.70 -9.94 42.59
CA GLU C 434 31.64 -9.62 41.64
C GLU C 434 32.28 -9.38 40.27
N THR C 435 32.14 -10.37 39.39
CA THR C 435 32.71 -10.28 38.05
C THR C 435 31.75 -9.59 37.10
N PHE C 436 32.30 -8.72 36.25
CA PHE C 436 31.52 -8.02 35.24
C PHE C 436 31.87 -8.57 33.87
N ARG C 437 30.86 -9.00 33.13
CA ARG C 437 31.03 -9.68 31.86
C ARG C 437 30.15 -9.05 30.79
N PRO C 438 30.54 -9.15 29.52
CA PRO C 438 29.72 -8.56 28.45
C PRO C 438 28.43 -9.34 28.23
N GLY C 439 27.59 -8.77 27.37
CA GLY C 439 26.28 -9.32 27.08
C GLY C 439 25.44 -8.41 26.22
N GLY C 440 24.22 -8.10 26.65
CA GLY C 440 23.37 -7.20 25.91
C GLY C 440 22.77 -7.78 24.65
N GLY C 441 21.90 -8.78 24.82
CA GLY C 441 21.26 -9.44 23.71
C GLY C 441 20.12 -8.70 23.05
N ASP C 442 19.81 -7.49 23.51
CA ASP C 442 18.76 -6.69 22.92
C ASP C 442 19.34 -5.51 22.15
N MET C 443 18.57 -5.01 21.19
CA MET C 443 18.99 -3.90 20.34
C MET C 443 18.33 -2.58 20.70
N ARG C 444 17.58 -2.52 21.80
CA ARG C 444 16.94 -1.28 22.23
C ARG C 444 17.82 -0.41 23.11
N ASP C 445 18.92 -0.93 23.65
CA ASP C 445 19.81 -0.13 24.49
C ASP C 445 20.77 0.74 23.69
N ASN C 446 20.85 0.57 22.37
CA ASN C 446 21.71 1.42 21.56
C ASN C 446 21.17 2.85 21.50
N TRP C 447 19.85 3.01 21.56
CA TRP C 447 19.23 4.33 21.50
C TRP C 447 18.62 4.77 22.81
N ARG C 448 18.54 3.90 23.82
CA ARG C 448 18.07 4.31 25.13
C ARG C 448 19.02 5.30 25.79
N SER C 449 20.33 5.07 25.64
CA SER C 449 21.32 5.99 26.17
C SER C 449 21.44 7.26 25.34
N GLU C 450 20.98 7.25 24.09
CA GLU C 450 21.02 8.43 23.23
C GLU C 450 19.82 9.34 23.43
N LEU C 451 18.80 8.88 24.14
CA LEU C 451 17.59 9.65 24.44
C LEU C 451 17.43 9.78 25.95
N TYR C 452 18.53 9.97 26.67
CA TYR C 452 18.47 9.95 28.12
C TYR C 452 17.86 11.22 28.70
N LYS C 453 17.91 12.33 27.96
CA LYS C 453 17.33 13.56 28.46
C LYS C 453 15.84 13.67 28.17
N TYR C 454 15.34 12.93 27.19
CA TYR C 454 14.10 13.24 26.50
C TYR C 454 12.94 12.39 27.00
N LYS C 455 11.76 13.00 27.07
CA LYS C 455 10.52 12.30 27.39
C LYS C 455 9.35 13.13 26.86
N VAL C 456 8.49 12.50 26.07
CA VAL C 456 7.36 13.21 25.47
C VAL C 456 6.30 13.48 26.52
N VAL C 457 5.69 14.67 26.47
CA VAL C 457 4.72 15.10 27.46
C VAL C 457 3.66 15.97 26.78
N LYS C 458 2.44 15.89 27.31
CA LYS C 458 1.28 16.55 26.72
C LYS C 458 0.94 17.81 27.50
N ILE C 459 0.67 18.91 26.78
CA ILE C 459 0.29 20.18 27.41
C ILE C 459 -1.21 20.38 27.27
N GLU C 460 -1.82 20.96 28.29
CA GLU C 460 -3.23 21.35 28.27
C GLU C 460 -3.33 22.80 28.72
N PRO C 461 -3.76 23.71 27.85
CA PRO C 461 -3.71 25.14 28.16
C PRO C 461 -4.88 25.68 28.98
N LEU C 462 -5.67 24.83 29.63
CA LEU C 462 -6.84 25.28 30.37
C LEU C 462 -6.58 25.22 31.88
N GLY C 463 -7.27 26.09 32.62
CA GLY C 463 -7.15 26.14 34.06
C GLY C 463 -8.23 26.96 34.73
N VAL C 464 -8.58 26.61 35.97
CA VAL C 464 -9.64 27.27 36.72
C VAL C 464 -9.08 27.74 38.05
N ALA C 465 -9.33 29.00 38.40
CA ALA C 465 -8.87 29.56 39.66
C ALA C 465 -9.93 30.49 40.23
N PRO C 466 -10.04 30.58 41.56
CA PRO C 466 -11.01 31.52 42.15
C PRO C 466 -10.54 32.96 42.08
N THR C 467 -11.51 33.88 42.05
CA THR C 467 -11.24 35.31 42.02
C THR C 467 -12.51 36.06 42.42
N ARG C 468 -12.45 37.40 42.29
CA ARG C 468 -13.54 38.29 42.65
C ARG C 468 -14.21 38.88 41.41
N CYS C 469 -14.37 38.09 40.35
CA CYS C 469 -15.02 38.59 39.14
C CYS C 469 -16.52 38.80 39.35
N LYS C 470 -17.01 39.89 38.76
CA LYS C 470 -18.45 40.15 38.61
C LYS C 470 -18.64 40.76 37.23
N ARG C 471 -18.94 39.91 36.24
CA ARG C 471 -19.11 40.37 34.87
C ARG C 471 -20.34 41.25 34.75
N ARG C 472 -20.19 42.38 34.06
CA ARG C 472 -21.28 43.34 33.92
C ARG C 472 -22.24 42.85 32.83
N VAL C 473 -23.51 42.66 33.20
CA VAL C 473 -24.50 42.22 32.22
C VAL C 473 -24.90 43.38 31.32
N VAL C 474 -25.44 43.04 30.15
CA VAL C 474 -25.90 44.04 29.19
C VAL C 474 -27.41 43.97 29.05
N GLU D 2 -45.18 44.55 9.52
CA GLU D 2 -45.10 43.65 10.66
C GLU D 2 -43.69 43.65 11.25
N ASN D 3 -43.61 43.73 12.57
CA ASN D 3 -42.32 43.78 13.27
C ASN D 3 -41.72 42.38 13.38
N LEU D 4 -41.16 41.93 12.27
CA LEU D 4 -40.55 40.60 12.18
C LEU D 4 -39.14 40.73 11.61
N TRP D 5 -38.17 40.14 12.31
CA TRP D 5 -36.78 40.12 11.88
C TRP D 5 -36.21 38.73 12.02
N VAL D 6 -35.31 38.37 11.09
CA VAL D 6 -34.73 37.03 11.07
C VAL D 6 -33.70 36.91 12.19
N THR D 7 -33.54 35.69 12.71
CA THR D 7 -32.47 35.34 13.62
C THR D 7 -31.99 33.94 13.26
N VAL D 8 -30.81 33.58 13.78
CA VAL D 8 -30.25 32.27 13.52
C VAL D 8 -30.16 31.50 14.83
N TYR D 9 -30.19 30.17 14.71
CA TYR D 9 -30.17 29.28 15.86
C TYR D 9 -29.04 28.29 15.68
N TYR D 10 -28.19 28.18 16.71
CA TYR D 10 -27.05 27.28 16.68
C TYR D 10 -27.33 26.09 17.60
N GLY D 11 -27.30 24.89 17.03
CA GLY D 11 -27.60 23.69 17.80
C GLY D 11 -29.04 23.25 17.66
N VAL D 12 -29.50 23.14 16.41
CA VAL D 12 -30.88 22.75 16.13
C VAL D 12 -30.91 21.36 15.50
N PRO D 13 -31.81 20.47 15.94
CA PRO D 13 -31.94 19.15 15.30
C PRO D 13 -32.64 19.26 13.95
N VAL D 14 -31.86 19.14 12.88
CA VAL D 14 -32.36 19.14 11.50
C VAL D 14 -31.77 17.93 10.80
N TRP D 15 -32.64 17.07 10.26
CA TRP D 15 -32.22 15.78 9.73
C TRP D 15 -32.13 15.83 8.21
N LYS D 16 -30.95 15.48 7.69
CA LYS D 16 -30.73 15.24 6.27
C LYS D 16 -30.10 13.88 6.09
N ASP D 17 -30.40 13.22 4.99
CA ASP D 17 -29.91 11.88 4.70
C ASP D 17 -28.82 11.94 3.65
N ALA D 18 -27.66 11.37 3.97
CA ALA D 18 -26.52 11.35 3.05
C ALA D 18 -25.63 10.16 3.39
N GLU D 19 -24.81 9.77 2.41
CA GLU D 19 -23.88 8.66 2.60
C GLU D 19 -22.76 9.05 3.55
N THR D 20 -22.36 8.12 4.41
CA THR D 20 -21.49 8.41 5.52
C THR D 20 -20.50 7.28 5.76
N THR D 21 -19.22 7.63 5.92
CA THR D 21 -18.23 6.65 6.37
C THR D 21 -18.41 6.38 7.86
N LEU D 22 -18.01 5.19 8.29
CA LEU D 22 -18.30 4.70 9.63
C LEU D 22 -17.02 4.52 10.43
N PHE D 23 -17.18 4.14 11.69
CA PHE D 23 -16.11 3.80 12.62
C PHE D 23 -16.00 2.29 12.83
N CYS D 24 -15.11 1.92 13.74
CA CYS D 24 -14.94 0.56 14.22
C CYS D 24 -14.94 0.58 15.73
N ALA D 25 -15.40 -0.52 16.33
CA ALA D 25 -15.38 -0.66 17.78
C ALA D 25 -15.39 -2.14 18.13
N SER D 26 -14.61 -2.52 19.13
CA SER D 26 -14.51 -3.89 19.59
C SER D 26 -14.77 -3.95 21.09
N ASP D 27 -15.21 -5.12 21.54
CA ASP D 27 -15.52 -5.33 22.96
C ASP D 27 -14.26 -5.79 23.71
N ALA D 28 -13.30 -4.88 23.77
CA ALA D 28 -11.99 -5.08 24.43
C ALA D 28 -11.27 -6.33 23.94
N HIS D 36 -4.35 -13.14 16.14
CA HIS D 36 -4.16 -11.89 15.43
C HIS D 36 -5.49 -11.32 14.94
N ASN D 37 -6.34 -12.22 14.41
CA ASN D 37 -7.68 -11.89 13.94
C ASN D 37 -7.65 -10.81 12.85
N VAL D 38 -7.04 -11.17 11.71
CA VAL D 38 -6.92 -10.21 10.61
C VAL D 38 -8.24 -10.07 9.86
N TRP D 39 -9.15 -11.03 10.02
CA TRP D 39 -10.47 -10.93 9.40
C TRP D 39 -11.24 -9.72 9.90
N ALA D 40 -11.09 -9.40 11.17
CA ALA D 40 -11.57 -8.13 11.73
C ALA D 40 -10.46 -7.65 12.65
N THR D 41 -9.56 -6.83 12.11
CA THR D 41 -8.34 -6.45 12.82
C THR D 41 -8.64 -5.65 14.09
N HIS D 42 -9.78 -4.96 14.13
CA HIS D 42 -10.24 -4.10 15.23
C HIS D 42 -9.12 -3.26 15.83
N ALA D 43 -8.34 -2.64 14.95
CA ALA D 43 -7.34 -1.64 15.35
C ALA D 43 -7.98 -0.26 15.40
N CYS D 44 -9.07 -0.16 16.16
CA CYS D 44 -9.94 1.00 16.17
C CYS D 44 -10.17 1.49 17.59
N VAL D 45 -11.02 2.49 17.76
CA VAL D 45 -11.33 2.98 19.09
C VAL D 45 -12.19 1.95 19.82
N PRO D 46 -11.92 1.66 21.09
CA PRO D 46 -12.80 0.77 21.85
C PRO D 46 -14.16 1.42 22.09
N THR D 47 -15.18 0.57 22.19
CA THR D 47 -16.53 1.05 22.43
C THR D 47 -16.67 1.53 23.87
N ASP D 48 -17.63 2.43 24.09
CA ASP D 48 -17.88 2.95 25.42
C ASP D 48 -18.49 1.88 26.34
N PRO D 49 -18.20 1.94 27.64
CA PRO D 49 -18.83 0.98 28.56
C PRO D 49 -20.34 1.12 28.65
N ASN D 50 -20.87 2.32 28.49
CA ASN D 50 -22.31 2.56 28.57
C ASN D 50 -22.76 3.37 27.36
N PRO D 51 -23.41 2.75 26.39
CA PRO D 51 -23.94 3.51 25.25
C PRO D 51 -25.12 4.38 25.67
N GLN D 52 -25.33 5.45 24.91
CA GLN D 52 -26.34 6.45 25.22
C GLN D 52 -27.56 6.22 24.32
N GLU D 53 -28.55 5.50 24.83
CA GLU D 53 -29.82 5.31 24.15
C GLU D 53 -30.77 6.41 24.60
N ILE D 54 -31.16 7.28 23.67
CA ILE D 54 -32.09 8.38 23.94
C ILE D 54 -33.32 8.18 23.07
N HIS D 55 -34.46 7.94 23.71
CA HIS D 55 -35.71 7.78 23.00
C HIS D 55 -36.26 9.14 22.59
N LEU D 56 -36.76 9.23 21.37
CA LEU D 56 -37.29 10.49 20.82
C LEU D 56 -38.79 10.33 20.64
N GLU D 57 -39.54 11.25 21.23
CA GLU D 57 -41.00 11.21 21.20
C GLU D 57 -41.55 12.23 20.21
N ASN D 58 -42.82 12.04 19.84
CA ASN D 58 -43.55 12.91 18.92
C ASN D 58 -42.87 13.01 17.55
N VAL D 59 -42.20 11.94 17.11
CA VAL D 59 -41.47 11.95 15.85
C VAL D 59 -41.88 10.73 15.03
N THR D 60 -42.12 10.95 13.74
CA THR D 60 -42.42 9.89 12.77
C THR D 60 -41.40 10.01 11.65
N GLU D 61 -40.39 9.15 11.67
CA GLU D 61 -39.30 9.18 10.69
C GLU D 61 -39.41 7.98 9.76
N GLU D 62 -39.32 8.22 8.46
CA GLU D 62 -39.44 7.16 7.47
C GLU D 62 -38.12 6.41 7.32
N PHE D 63 -38.18 5.09 7.42
CA PHE D 63 -37.04 4.22 7.21
C PHE D 63 -37.27 3.35 5.98
N ASN D 64 -36.25 3.23 5.14
CA ASN D 64 -36.33 2.46 3.91
C ASN D 64 -35.33 1.32 3.96
N MET D 65 -35.75 0.15 3.47
CA MET D 65 -34.93 -1.05 3.52
C MET D 65 -34.69 -1.56 2.10
N TRP D 66 -33.54 -2.20 1.90
CA TRP D 66 -32.94 -2.75 0.68
C TRP D 66 -32.30 -1.68 -0.18
N LYS D 67 -32.40 -0.41 0.19
CA LYS D 67 -31.66 0.66 -0.48
C LYS D 67 -30.76 1.40 0.51
N ASN D 68 -30.53 0.82 1.68
CA ASN D 68 -29.72 1.46 2.71
C ASN D 68 -28.25 1.39 2.33
N ASN D 69 -27.52 2.45 2.67
CA ASN D 69 -26.09 2.52 2.37
C ASN D 69 -25.23 1.78 3.39
N MET D 70 -25.79 1.38 4.53
CA MET D 70 -24.99 0.66 5.53
C MET D 70 -24.58 -0.71 5.03
N VAL D 71 -25.47 -1.42 4.33
CA VAL D 71 -25.15 -2.76 3.84
C VAL D 71 -24.16 -2.69 2.68
N GLU D 72 -24.23 -1.65 1.85
CA GLU D 72 -23.36 -1.56 0.69
C GLU D 72 -21.93 -1.17 1.06
N GLN D 73 -21.76 -0.31 2.06
CA GLN D 73 -20.41 0.09 2.47
C GLN D 73 -19.67 -1.06 3.14
N MET D 74 -20.35 -1.77 4.04
CA MET D 74 -19.72 -2.86 4.77
C MET D 74 -19.48 -4.08 3.88
N HIS D 75 -20.29 -4.24 2.82
CA HIS D 75 -19.99 -5.26 1.82
C HIS D 75 -18.66 -5.01 1.15
N THR D 76 -18.36 -3.74 0.83
CA THR D 76 -17.04 -3.40 0.32
C THR D 76 -15.97 -3.45 1.40
N ASP D 77 -16.36 -3.29 2.67
CA ASP D 77 -15.38 -3.31 3.75
C ASP D 77 -14.82 -4.72 3.96
N ILE D 78 -15.70 -5.72 3.99
CA ILE D 78 -15.25 -7.10 4.21
C ILE D 78 -14.46 -7.63 3.01
N ILE D 79 -14.73 -7.12 1.81
CA ILE D 79 -13.91 -7.47 0.66
C ILE D 79 -12.52 -6.88 0.80
N SER D 80 -12.43 -5.61 1.20
CA SER D 80 -11.13 -5.00 1.46
C SER D 80 -10.47 -5.60 2.69
N LEU D 81 -11.26 -6.03 3.68
CA LEU D 81 -10.71 -6.73 4.84
C LEU D 81 -10.17 -8.10 4.45
N TRP D 82 -10.78 -8.74 3.45
CA TRP D 82 -10.30 -10.05 3.02
C TRP D 82 -9.02 -9.94 2.21
N ASP D 83 -8.94 -8.95 1.32
CA ASP D 83 -7.79 -8.83 0.44
C ASP D 83 -6.52 -8.45 1.21
N GLN D 84 -6.66 -7.62 2.25
CA GLN D 84 -5.54 -7.34 3.12
C GLN D 84 -5.16 -8.54 3.97
N SER D 85 -6.09 -9.45 4.22
CA SER D 85 -5.82 -10.62 5.03
C SER D 85 -4.97 -11.67 4.32
N LEU D 86 -4.90 -11.62 2.98
CA LEU D 86 -4.24 -12.66 2.22
C LEU D 86 -2.96 -12.21 1.51
N LYS D 87 -2.71 -10.91 1.40
CA LYS D 87 -1.49 -10.47 0.73
C LYS D 87 -0.24 -10.76 1.58
N PRO D 88 -0.22 -10.56 2.93
CA PRO D 88 0.91 -11.19 3.69
C PRO D 88 0.79 -12.69 3.91
N CYS D 89 0.59 -13.48 2.85
CA CYS D 89 0.60 -14.93 3.00
C CYS D 89 1.25 -15.58 1.78
N VAL D 90 1.59 -16.85 1.95
CA VAL D 90 2.41 -17.59 0.99
C VAL D 90 1.58 -17.96 -0.24
N LYS D 91 2.18 -17.81 -1.41
CA LYS D 91 1.51 -18.17 -2.66
C LYS D 91 1.59 -19.67 -2.90
N LEU D 92 0.49 -20.25 -3.39
CA LEU D 92 0.42 -21.67 -3.68
C LEU D 92 0.47 -21.95 -5.18
N THR D 93 1.21 -21.14 -5.94
CA THR D 93 1.38 -21.42 -7.36
C THR D 93 2.16 -22.71 -7.68
N PRO D 94 3.17 -23.20 -6.84
CA PRO D 94 3.77 -24.52 -7.12
C PRO D 94 2.90 -25.71 -6.70
N LEU D 95 1.65 -25.71 -7.16
CA LEU D 95 0.77 -26.86 -6.93
C LEU D 95 -0.03 -27.26 -8.15
N CYS D 96 0.13 -26.59 -9.30
CA CYS D 96 -0.44 -27.08 -10.56
C CYS D 96 0.53 -28.10 -11.16
N VAL D 97 0.56 -29.26 -10.51
CA VAL D 97 1.44 -30.37 -10.86
C VAL D 97 0.58 -31.58 -11.10
N THR D 98 0.95 -32.39 -12.09
CA THR D 98 0.24 -33.63 -12.39
C THR D 98 0.23 -34.53 -11.15
N LEU D 99 -0.97 -34.94 -10.74
CA LEU D 99 -1.17 -35.67 -9.50
C LEU D 99 -1.47 -37.13 -9.83
N GLN D 100 -0.55 -38.02 -9.47
CA GLN D 100 -0.84 -39.45 -9.48
C GLN D 100 -1.74 -39.74 -8.28
N CYS D 101 -3.04 -39.63 -8.49
CA CYS D 101 -4.02 -39.28 -7.46
C CYS D 101 -5.06 -40.39 -7.39
N THR D 102 -5.16 -41.08 -6.25
CA THR D 102 -5.95 -42.31 -6.19
C THR D 102 -6.94 -42.35 -5.02
N ASN D 103 -7.46 -43.54 -4.74
CA ASN D 103 -8.51 -43.77 -3.76
C ASN D 103 -7.94 -43.83 -2.34
N VAL D 104 -8.81 -44.12 -1.38
CA VAL D 104 -8.42 -44.58 -0.05
C VAL D 104 -9.46 -45.61 0.39
N THR D 105 -8.99 -46.70 1.00
CA THR D 105 -9.87 -47.83 1.32
C THR D 105 -9.88 -48.22 2.80
N ASN D 106 -8.89 -47.82 3.58
CA ASN D 106 -8.80 -48.27 4.97
C ASN D 106 -9.79 -47.53 5.85
N ASN D 107 -10.59 -48.31 6.60
CA ASN D 107 -11.56 -47.80 7.58
C ASN D 107 -12.55 -46.82 6.93
N ILE D 108 -13.11 -47.25 5.80
CA ILE D 108 -14.06 -46.42 5.06
C ILE D 108 -15.46 -47.03 5.18
N THR D 109 -16.47 -46.19 5.05
CA THR D 109 -17.85 -46.60 5.05
C THR D 109 -18.40 -46.61 3.62
N ASP D 110 -19.71 -46.87 3.48
CA ASP D 110 -20.29 -47.06 2.15
C ASP D 110 -20.36 -45.75 1.36
N ASP D 111 -20.87 -44.68 1.98
CA ASP D 111 -21.10 -43.45 1.24
C ASP D 111 -19.86 -42.56 1.15
N MET D 112 -18.80 -42.86 1.88
CA MET D 112 -17.55 -42.10 1.80
C MET D 112 -16.57 -42.70 0.80
N ARG D 113 -16.98 -43.71 0.04
CA ARG D 113 -16.12 -44.40 -0.90
C ARG D 113 -15.86 -43.48 -2.10
N GLY D 114 -14.66 -42.92 -2.17
CA GLY D 114 -14.26 -42.07 -3.27
C GLY D 114 -14.24 -40.59 -2.95
N GLU D 115 -14.80 -40.18 -1.82
CA GLU D 115 -14.79 -38.76 -1.47
C GLU D 115 -13.39 -38.30 -1.05
N LEU D 116 -12.71 -39.07 -0.22
CA LEU D 116 -11.35 -38.77 0.19
C LEU D 116 -10.38 -39.42 -0.79
N LYS D 117 -9.31 -38.70 -1.13
CA LYS D 117 -8.33 -39.16 -2.10
C LYS D 117 -6.94 -39.10 -1.50
N ASN D 118 -6.24 -40.24 -1.51
CA ASN D 118 -4.81 -40.27 -1.23
C ASN D 118 -4.08 -39.83 -2.49
N CYS D 119 -3.41 -38.69 -2.44
CA CYS D 119 -3.06 -38.03 -3.69
C CYS D 119 -1.66 -37.45 -3.58
N SER D 120 -0.79 -37.76 -4.55
CA SER D 120 0.63 -37.47 -4.46
C SER D 120 1.10 -36.68 -5.68
N PHE D 121 2.23 -36.01 -5.51
CA PHE D 121 2.82 -35.19 -6.57
C PHE D 121 4.31 -35.02 -6.30
N ASN D 122 4.98 -34.31 -7.20
CA ASN D 122 6.40 -33.99 -7.05
C ASN D 122 6.54 -32.56 -6.53
N MET D 123 7.55 -32.33 -5.68
CA MET D 123 7.76 -31.02 -5.09
C MET D 123 9.24 -30.85 -4.78
N THR D 124 9.72 -29.59 -4.86
CA THR D 124 11.18 -29.29 -4.69
C THR D 124 11.67 -29.24 -3.24
N THR D 125 12.99 -29.15 -3.05
CA THR D 125 13.60 -29.14 -1.70
C THR D 125 14.40 -27.86 -1.53
N GLU D 126 15.25 -27.77 -0.51
CA GLU D 126 15.95 -26.49 -0.27
C GLU D 126 16.73 -26.15 -1.52
N LEU D 127 17.50 -27.12 -2.02
CA LEU D 127 18.18 -26.91 -3.30
C LEU D 127 17.05 -26.86 -4.34
N ARG D 128 17.15 -25.99 -5.34
CA ARG D 128 16.15 -25.97 -6.43
C ARG D 128 16.67 -26.91 -7.50
N ASP D 129 17.61 -27.77 -7.14
CA ASP D 129 18.08 -28.80 -8.08
C ASP D 129 17.80 -30.22 -7.60
N LYS D 130 16.87 -30.42 -6.67
CA LYS D 130 16.53 -31.82 -6.28
C LYS D 130 15.04 -31.85 -5.96
N LYS D 131 14.33 -32.90 -6.36
CA LYS D 131 12.86 -32.97 -6.18
C LYS D 131 12.55 -34.08 -5.17
N GLN D 132 11.31 -34.21 -4.70
CA GLN D 132 10.95 -35.33 -3.80
C GLN D 132 9.48 -35.72 -4.00
N LYS D 133 9.06 -36.90 -3.54
CA LYS D 133 7.68 -37.32 -3.76
C LYS D 133 6.92 -37.24 -2.44
N VAL D 134 6.24 -36.12 -2.23
CA VAL D 134 5.42 -35.93 -1.05
C VAL D 134 4.00 -36.39 -1.34
N TYR D 135 3.22 -36.61 -0.28
CA TYR D 135 1.85 -37.07 -0.41
C TYR D 135 0.94 -36.24 0.49
N SER D 136 -0.34 -36.21 0.14
CA SER D 136 -1.33 -35.46 0.91
C SER D 136 -2.69 -36.09 0.67
N LEU D 137 -3.68 -35.61 1.42
CA LEU D 137 -5.05 -36.07 1.30
C LEU D 137 -5.92 -34.93 0.81
N PHE D 138 -6.71 -35.19 -0.23
CA PHE D 138 -7.59 -34.18 -0.81
C PHE D 138 -8.99 -34.77 -1.00
N TYR D 139 -9.99 -33.90 -0.95
CA TYR D 139 -11.36 -34.31 -1.11
C TYR D 139 -11.72 -34.42 -2.59
N ARG D 140 -12.87 -35.05 -2.86
CA ARG D 140 -13.33 -35.20 -4.24
C ARG D 140 -13.70 -33.86 -4.86
N LEU D 141 -14.23 -32.94 -4.06
CA LEU D 141 -14.64 -31.62 -4.53
C LEU D 141 -13.49 -30.64 -4.68
N ASP D 142 -12.24 -31.13 -4.73
CA ASP D 142 -11.07 -30.28 -4.87
C ASP D 142 -10.22 -30.62 -6.09
N VAL D 143 -10.40 -31.80 -6.68
CA VAL D 143 -9.60 -32.25 -7.81
C VAL D 143 -10.55 -32.62 -8.95
N VAL D 144 -10.03 -32.55 -10.17
CA VAL D 144 -10.80 -32.84 -11.37
C VAL D 144 -9.98 -33.77 -12.26
N GLN D 145 -10.65 -34.69 -12.94
CA GLN D 145 -9.98 -35.61 -13.84
C GLN D 145 -9.47 -34.88 -15.08
N ILE D 146 -8.42 -35.42 -15.68
CA ILE D 146 -7.84 -34.87 -16.90
C ILE D 146 -8.26 -35.66 -18.13
N ASN D 147 -8.20 -36.98 -18.06
CA ASN D 147 -8.61 -37.84 -19.17
C ASN D 147 -9.94 -38.51 -18.89
N ASN D 158 -5.27 -44.63 -10.11
CA ASN D 158 -3.92 -44.13 -10.33
C ASN D 158 -3.86 -43.20 -11.54
N LYS D 159 -4.96 -42.50 -11.78
CA LYS D 159 -5.06 -41.61 -12.94
C LYS D 159 -4.41 -40.26 -12.62
N GLU D 160 -4.46 -39.36 -13.60
CA GLU D 160 -3.86 -38.04 -13.50
C GLU D 160 -4.93 -37.02 -13.09
N TYR D 161 -4.61 -36.19 -12.11
CA TYR D 161 -5.54 -35.21 -11.58
C TYR D 161 -4.87 -33.85 -11.48
N ARG D 162 -5.69 -32.81 -11.35
CA ARG D 162 -5.21 -31.45 -11.18
C ARG D 162 -6.20 -30.69 -10.31
N LEU D 163 -5.73 -29.57 -9.75
CA LEU D 163 -6.58 -28.75 -8.92
C LEU D 163 -7.63 -28.02 -9.75
N ILE D 164 -8.71 -27.62 -9.09
CA ILE D 164 -9.79 -26.90 -9.76
C ILE D 164 -9.32 -25.52 -10.19
N ASN D 165 -8.55 -24.84 -9.34
CA ASN D 165 -8.11 -23.47 -9.60
C ASN D 165 -6.94 -23.38 -10.58
N CYS D 166 -6.55 -24.48 -11.23
CA CYS D 166 -5.41 -24.45 -12.14
C CYS D 166 -5.74 -23.81 -13.49
N ASN D 167 -6.98 -23.89 -13.97
CA ASN D 167 -7.35 -23.18 -15.18
C ASN D 167 -7.99 -21.82 -14.89
N THR D 168 -8.08 -21.43 -13.63
CA THR D 168 -8.57 -20.13 -13.19
C THR D 168 -7.48 -19.47 -12.37
N SER D 169 -7.84 -18.37 -11.69
CA SER D 169 -6.87 -17.53 -11.02
C SER D 169 -6.12 -18.29 -9.93
N ALA D 170 -4.80 -18.21 -9.97
CA ALA D 170 -3.97 -18.76 -8.90
C ALA D 170 -4.19 -17.96 -7.62
N CYS D 171 -4.01 -18.63 -6.49
CA CYS D 171 -4.26 -17.96 -5.22
C CYS D 171 -3.34 -18.51 -4.15
N THR D 172 -3.50 -17.96 -2.95
CA THR D 172 -2.70 -18.24 -1.78
C THR D 172 -3.49 -19.14 -0.83
N GLN D 173 -2.91 -19.40 0.34
CA GLN D 173 -3.60 -20.04 1.44
C GLN D 173 -3.71 -19.04 2.59
N ALA D 174 -4.72 -19.21 3.42
CA ALA D 174 -4.82 -18.41 4.63
C ALA D 174 -3.68 -18.74 5.56
N CYS D 175 -3.06 -17.71 6.12
CA CYS D 175 -2.01 -17.92 7.12
C CYS D 175 -2.61 -18.64 8.34
N PRO D 176 -1.87 -19.59 8.92
CA PRO D 176 -2.49 -20.49 9.92
C PRO D 176 -2.75 -19.84 11.26
N LYS D 177 -1.98 -18.83 11.65
CA LYS D 177 -2.12 -18.25 12.99
C LYS D 177 -3.41 -17.45 13.12
N VAL D 178 -3.83 -16.76 12.05
CA VAL D 178 -5.01 -15.92 12.13
C VAL D 178 -6.26 -16.79 12.09
N SER D 179 -7.36 -16.25 12.61
CA SER D 179 -8.61 -16.99 12.72
C SER D 179 -9.76 -16.17 12.12
N PHE D 180 -10.81 -16.88 11.68
CA PHE D 180 -11.93 -16.28 10.98
C PHE D 180 -13.24 -16.35 11.79
N GLU D 181 -13.15 -16.53 13.10
CA GLU D 181 -14.35 -16.61 13.92
C GLU D 181 -15.02 -15.24 14.01
N PRO D 182 -16.37 -15.20 14.06
CA PRO D 182 -17.06 -13.90 14.09
C PRO D 182 -16.95 -13.19 15.42
N ILE D 183 -16.20 -12.09 15.46
CA ILE D 183 -16.10 -11.24 16.63
C ILE D 183 -17.10 -10.10 16.46
N PRO D 184 -17.96 -9.85 17.45
CA PRO D 184 -18.96 -8.78 17.31
C PRO D 184 -18.30 -7.41 17.29
N ILE D 185 -18.70 -6.59 16.32
CA ILE D 185 -18.15 -5.25 16.13
C ILE D 185 -19.30 -4.25 16.08
N HIS D 186 -18.95 -2.98 16.30
CA HIS D 186 -19.92 -1.90 16.36
C HIS D 186 -19.63 -0.89 15.25
N TYR D 187 -20.66 -0.53 14.49
CA TYR D 187 -20.57 0.51 13.47
C TYR D 187 -21.19 1.78 14.04
N CYS D 188 -20.35 2.78 14.32
CA CYS D 188 -20.75 3.94 15.09
C CYS D 188 -20.63 5.19 14.23
N ALA D 189 -21.56 6.13 14.42
CA ALA D 189 -21.60 7.34 13.62
C ALA D 189 -20.48 8.30 14.03
N PRO D 190 -19.97 9.10 13.09
CA PRO D 190 -18.95 10.09 13.42
C PRO D 190 -19.58 11.35 14.02
N ALA D 191 -18.74 12.34 14.28
CA ALA D 191 -19.19 13.62 14.81
C ALA D 191 -20.03 14.35 13.78
N GLY D 192 -21.04 15.07 14.26
CA GLY D 192 -21.97 15.72 13.36
C GLY D 192 -22.89 14.76 12.64
N PHE D 193 -23.04 13.54 13.16
CA PHE D 193 -23.72 12.46 12.49
C PHE D 193 -24.40 11.60 13.55
N ALA D 194 -25.46 10.90 13.16
CA ALA D 194 -26.24 10.15 14.14
C ALA D 194 -26.81 8.89 13.52
N ILE D 195 -27.13 7.93 14.38
CA ILE D 195 -27.77 6.68 13.99
C ILE D 195 -29.09 6.58 14.73
N LEU D 196 -30.17 6.35 13.98
CA LEU D 196 -31.52 6.26 14.54
C LEU D 196 -31.94 4.80 14.60
N LYS D 197 -32.32 4.34 15.79
CA LYS D 197 -32.73 2.96 16.01
C LYS D 197 -34.23 2.93 16.29
N CYS D 198 -35.00 2.32 15.38
CA CYS D 198 -36.42 2.12 15.60
C CYS D 198 -36.63 0.94 16.55
N LYS D 199 -37.62 1.08 17.43
CA LYS D 199 -37.91 0.07 18.46
C LYS D 199 -39.36 -0.37 18.37
N ASP D 200 -39.83 -0.66 17.16
CA ASP D 200 -41.17 -1.16 16.94
C ASP D 200 -41.16 -2.68 16.90
N LYS D 201 -42.07 -3.31 17.66
CA LYS D 201 -42.10 -4.75 17.74
C LYS D 201 -42.60 -5.38 16.44
N LYS D 202 -43.47 -4.68 15.72
CA LYS D 202 -44.02 -5.15 14.45
C LYS D 202 -43.58 -4.22 13.32
N PHE D 203 -42.30 -3.88 13.30
CA PHE D 203 -41.76 -2.92 12.35
C PHE D 203 -41.70 -3.54 10.96
N ASN D 204 -42.61 -3.10 10.09
CA ASN D 204 -42.51 -3.41 8.67
C ASN D 204 -41.32 -2.66 8.07
N GLY D 205 -40.60 -3.32 7.16
CA GLY D 205 -39.38 -2.75 6.61
C GLY D 205 -39.62 -1.51 5.77
N THR D 206 -40.65 -1.53 4.93
CA THR D 206 -40.96 -0.41 4.05
C THR D 206 -42.07 0.41 4.70
N GLY D 207 -41.69 1.52 5.32
CA GLY D 207 -42.64 2.40 5.95
C GLY D 207 -42.04 3.19 7.09
N PRO D 208 -42.78 4.16 7.61
CA PRO D 208 -42.28 4.98 8.72
C PRO D 208 -42.41 4.28 10.05
N CYS D 209 -41.46 4.56 10.94
CA CYS D 209 -41.47 4.01 12.29
C CYS D 209 -41.95 5.07 13.26
N PRO D 210 -43.09 4.87 13.94
CA PRO D 210 -43.62 5.92 14.82
C PRO D 210 -42.85 6.10 16.12
N SER D 211 -41.92 5.20 16.46
CA SER D 211 -41.16 5.29 17.71
C SER D 211 -39.68 5.09 17.38
N VAL D 212 -38.99 6.19 17.10
CA VAL D 212 -37.60 6.17 16.68
C VAL D 212 -36.74 6.70 17.82
N SER D 213 -35.72 5.95 18.18
CA SER D 213 -34.73 6.35 19.18
C SER D 213 -33.37 6.49 18.51
N THR D 214 -32.50 7.28 19.15
CA THR D 214 -31.16 7.53 18.63
C THR D 214 -30.13 6.80 19.47
N VAL D 215 -29.11 6.26 18.79
CA VAL D 215 -28.04 5.51 19.43
C VAL D 215 -26.72 5.95 18.79
N GLN D 216 -25.73 6.27 19.63
CA GLN D 216 -24.41 6.65 19.12
C GLN D 216 -23.75 5.50 18.38
N CYS D 217 -23.46 4.40 19.08
CA CYS D 217 -22.77 3.26 18.51
C CYS D 217 -23.62 2.02 18.72
N THR D 218 -23.84 1.26 17.64
CA THR D 218 -24.78 0.14 17.67
C THR D 218 -24.20 -1.04 18.45
N HIS D 219 -25.00 -2.09 18.58
CA HIS D 219 -24.59 -3.28 19.33
C HIS D 219 -23.66 -4.15 18.48
N GLY D 220 -23.32 -5.31 19.01
CA GLY D 220 -22.37 -6.19 18.35
C GLY D 220 -22.96 -6.78 17.07
N ILE D 221 -22.17 -6.75 16.00
CA ILE D 221 -22.56 -7.30 14.71
C ILE D 221 -21.61 -8.42 14.35
N LYS D 222 -22.16 -9.60 14.06
CA LYS D 222 -21.36 -10.75 13.68
C LYS D 222 -21.42 -10.93 12.17
N PRO D 223 -20.35 -10.63 11.43
CA PRO D 223 -20.38 -10.68 9.96
C PRO D 223 -20.22 -12.10 9.42
N VAL D 224 -21.16 -12.98 9.76
CA VAL D 224 -21.11 -14.35 9.27
C VAL D 224 -21.45 -14.39 7.78
N VAL D 225 -20.80 -15.30 7.07
CA VAL D 225 -20.98 -15.46 5.63
C VAL D 225 -21.74 -16.76 5.41
N SER D 226 -23.05 -16.64 5.24
CA SER D 226 -23.92 -17.80 5.03
C SER D 226 -24.88 -17.52 3.88
N THR D 227 -25.26 -18.57 3.18
CA THR D 227 -26.07 -18.47 1.96
C THR D 227 -27.48 -18.99 2.15
N GLN D 228 -27.63 -20.23 2.62
CA GLN D 228 -28.97 -20.83 2.71
C GLN D 228 -29.72 -20.31 3.94
N LEU D 229 -29.16 -20.55 5.13
CA LEU D 229 -29.75 -20.10 6.38
C LEU D 229 -28.92 -18.96 6.96
N LEU D 230 -29.36 -18.42 8.09
CA LEU D 230 -28.65 -17.38 8.80
C LEU D 230 -28.29 -17.87 10.20
N LEU D 231 -27.05 -17.61 10.61
CA LEU D 231 -26.53 -18.11 11.88
C LEU D 231 -26.13 -16.93 12.75
N ASN D 232 -26.43 -17.05 14.05
CA ASN D 232 -26.01 -16.10 15.09
C ASN D 232 -26.53 -14.69 14.84
N GLY D 233 -27.69 -14.57 14.20
CA GLY D 233 -28.29 -13.27 13.98
C GLY D 233 -29.15 -12.81 15.15
N SER D 234 -29.60 -11.57 15.06
CA SER D 234 -30.47 -11.01 16.09
C SER D 234 -31.90 -11.45 15.86
N LEU D 235 -32.45 -12.21 16.80
CA LEU D 235 -33.80 -12.75 16.69
C LEU D 235 -34.83 -11.68 17.00
N ALA D 236 -36.09 -12.01 16.74
CA ALA D 236 -37.19 -11.11 17.02
C ALA D 236 -37.57 -11.17 18.50
N GLU D 237 -38.59 -10.39 18.87
CA GLU D 237 -39.00 -10.30 20.27
C GLU D 237 -40.10 -11.30 20.62
N GLU D 238 -41.21 -11.28 19.89
CA GLU D 238 -42.34 -12.12 20.27
C GLU D 238 -42.89 -12.95 19.11
N GLU D 239 -42.78 -12.46 17.87
CA GLU D 239 -43.34 -13.15 16.73
C GLU D 239 -42.36 -13.13 15.56
N VAL D 240 -42.42 -14.19 14.74
CA VAL D 240 -41.64 -14.21 13.51
C VAL D 240 -42.21 -13.19 12.52
N MET D 241 -41.34 -12.66 11.67
CA MET D 241 -41.71 -11.63 10.73
C MET D 241 -41.20 -11.99 9.33
N ILE D 242 -41.91 -11.50 8.32
CA ILE D 242 -41.57 -11.73 6.92
C ILE D 242 -41.37 -10.38 6.25
N ARG D 243 -40.26 -10.23 5.54
CA ARG D 243 -39.91 -9.00 4.84
C ARG D 243 -39.68 -9.29 3.36
N SER D 244 -40.22 -8.44 2.50
CA SER D 244 -40.09 -8.60 1.06
C SER D 244 -40.27 -7.26 0.38
N GLU D 245 -39.47 -7.01 -0.67
CA GLU D 245 -39.63 -5.79 -1.45
C GLU D 245 -40.99 -5.76 -2.15
N ASN D 246 -41.41 -6.89 -2.69
CA ASN D 246 -42.63 -6.99 -3.49
C ASN D 246 -43.22 -8.36 -3.26
N ILE D 247 -44.20 -8.43 -2.36
CA ILE D 247 -44.81 -9.71 -2.01
C ILE D 247 -45.62 -10.28 -3.16
N THR D 248 -46.03 -9.45 -4.12
CA THR D 248 -46.70 -9.95 -5.32
C THR D 248 -45.67 -10.56 -6.28
N ASN D 249 -44.49 -9.96 -6.38
CA ASN D 249 -43.45 -10.48 -7.26
C ASN D 249 -42.85 -11.74 -6.67
N ASN D 250 -42.46 -12.66 -7.56
CA ASN D 250 -41.84 -13.93 -7.17
C ASN D 250 -40.35 -13.99 -7.49
N ALA D 251 -39.74 -12.87 -7.90
CA ALA D 251 -38.35 -12.85 -8.31
C ALA D 251 -37.44 -12.18 -7.27
N LYS D 252 -37.93 -12.02 -6.04
CA LYS D 252 -37.15 -11.41 -4.98
C LYS D 252 -37.06 -12.35 -3.78
N ASN D 253 -35.95 -12.26 -3.07
CA ASN D 253 -35.72 -13.12 -1.92
C ASN D 253 -36.64 -12.76 -0.77
N ILE D 254 -37.11 -13.79 -0.06
CA ILE D 254 -38.01 -13.63 1.08
C ILE D 254 -37.19 -13.75 2.35
N LEU D 255 -37.19 -12.70 3.16
CA LEU D 255 -36.44 -12.67 4.41
C LEU D 255 -37.38 -13.00 5.56
N VAL D 256 -36.98 -13.97 6.38
CA VAL D 256 -37.75 -14.40 7.54
C VAL D 256 -36.85 -14.34 8.76
N GLN D 257 -37.30 -13.65 9.81
CA GLN D 257 -36.54 -13.50 11.05
C GLN D 257 -37.30 -14.17 12.18
N PHE D 258 -36.63 -15.08 12.88
CA PHE D 258 -37.27 -15.93 13.87
C PHE D 258 -37.45 -15.20 15.19
N ASN D 259 -38.40 -15.67 15.99
CA ASN D 259 -38.64 -15.14 17.33
C ASN D 259 -37.99 -15.96 18.43
N THR D 260 -37.59 -17.20 18.12
CA THR D 260 -36.93 -18.09 19.06
C THR D 260 -35.76 -18.76 18.35
N PRO D 261 -34.68 -19.06 19.07
CA PRO D 261 -33.53 -19.70 18.44
C PRO D 261 -33.64 -21.22 18.46
N VAL D 262 -33.15 -21.83 17.38
CA VAL D 262 -33.09 -23.29 17.24
C VAL D 262 -31.64 -23.70 17.17
N GLN D 263 -31.20 -24.52 18.12
CA GLN D 263 -29.82 -24.94 18.18
C GLN D 263 -29.50 -25.93 17.06
N ILE D 264 -28.27 -25.88 16.57
CA ILE D 264 -27.79 -26.77 15.53
C ILE D 264 -26.46 -27.36 15.98
N ASN D 265 -26.28 -28.66 15.73
CA ASN D 265 -25.11 -29.41 16.18
C ASN D 265 -24.39 -29.96 14.96
N CYS D 266 -23.31 -29.29 14.55
CA CYS D 266 -22.50 -29.72 13.42
C CYS D 266 -21.10 -30.08 13.91
N THR D 267 -20.59 -31.21 13.43
CA THR D 267 -19.29 -31.68 13.89
C THR D 267 -18.62 -32.50 12.80
N ARG D 268 -17.29 -32.58 12.89
CA ARG D 268 -16.49 -33.46 12.04
C ARG D 268 -15.87 -34.54 12.91
N PRO D 269 -16.24 -35.81 12.72
CA PRO D 269 -15.80 -36.85 13.66
C PRO D 269 -14.42 -37.44 13.36
N ASN D 270 -13.63 -36.76 12.53
CA ASN D 270 -12.32 -37.25 12.13
C ASN D 270 -11.24 -36.57 12.95
N ASN D 271 -10.40 -37.38 13.60
CA ASN D 271 -9.21 -36.88 14.31
C ASN D 271 -8.09 -36.71 13.29
N ASN D 272 -8.20 -35.64 12.50
CA ASN D 272 -7.33 -35.43 11.36
C ASN D 272 -6.05 -34.74 11.82
N THR D 273 -4.91 -35.29 11.42
CA THR D 273 -3.62 -34.69 11.71
C THR D 273 -3.29 -33.62 10.68
N ARG D 274 -2.14 -32.97 10.85
CA ARG D 274 -1.74 -31.88 9.96
C ARG D 274 -0.22 -31.78 9.97
N LYS D 275 0.40 -32.04 8.83
CA LYS D 275 1.84 -31.91 8.68
C LYS D 275 2.16 -30.80 7.68
N SER D 276 3.32 -30.17 7.87
CA SER D 276 3.75 -29.06 7.04
C SER D 276 4.98 -29.47 6.24
N ILE D 277 4.92 -29.27 4.93
CA ILE D 277 6.04 -29.57 4.05
C ILE D 277 6.63 -28.26 3.54
N ARG D 278 7.91 -28.29 3.20
CA ARG D 278 8.63 -27.10 2.75
C ARG D 278 8.37 -26.91 1.26
N ILE D 279 7.58 -25.89 0.92
CA ILE D 279 7.26 -25.63 -0.48
C ILE D 279 8.40 -24.92 -1.21
N GLY D 280 9.32 -24.29 -0.47
CA GLY D 280 10.41 -23.58 -1.09
C GLY D 280 11.38 -22.99 -0.09
N PRO D 281 11.81 -21.75 -0.34
CA PRO D 281 12.81 -21.12 0.54
C PRO D 281 12.24 -20.69 1.87
N GLY D 282 12.09 -21.64 2.81
CA GLY D 282 11.65 -21.32 4.15
C GLY D 282 10.15 -21.23 4.29
N GLN D 283 9.49 -20.61 3.31
CA GLN D 283 8.04 -20.54 3.28
C GLN D 283 7.45 -21.95 3.13
N ALA D 284 6.34 -22.19 3.82
CA ALA D 284 5.82 -23.53 3.99
C ALA D 284 4.38 -23.63 3.51
N PHE D 285 3.96 -24.87 3.24
CA PHE D 285 2.61 -25.18 2.81
C PHE D 285 2.05 -26.24 3.75
N TYR D 286 0.97 -25.89 4.45
CA TYR D 286 0.42 -26.74 5.50
C TYR D 286 -0.53 -27.75 4.86
N ALA D 287 -0.03 -28.94 4.58
CA ALA D 287 -0.80 -29.98 3.93
C ALA D 287 -1.70 -30.71 4.93
N THR D 288 -2.53 -31.60 4.40
CA THR D 288 -3.42 -32.42 5.21
C THR D 288 -2.70 -33.72 5.60
N GLY D 289 -2.61 -33.98 6.90
CA GLY D 289 -1.94 -35.16 7.39
C GLY D 289 -2.84 -36.39 7.35
N ASP D 290 -2.25 -37.52 7.74
CA ASP D 290 -2.98 -38.78 7.76
C ASP D 290 -3.95 -38.82 8.94
N ILE D 291 -5.18 -39.25 8.68
CA ILE D 291 -6.20 -39.30 9.72
C ILE D 291 -5.94 -40.47 10.66
N ILE D 292 -6.53 -40.39 11.85
CA ILE D 292 -6.39 -41.42 12.87
C ILE D 292 -7.76 -42.05 13.11
N GLY D 293 -7.83 -43.38 13.01
CA GLY D 293 -9.07 -44.09 13.25
C GLY D 293 -10.00 -44.07 12.05
N ASP D 294 -11.21 -44.54 12.28
CA ASP D 294 -12.22 -44.60 11.23
C ASP D 294 -12.72 -43.20 10.89
N ILE D 295 -13.20 -43.04 9.66
CA ILE D 295 -13.69 -41.77 9.16
C ILE D 295 -15.18 -41.91 8.84
N ARG D 296 -15.98 -40.97 9.33
CA ARG D 296 -17.41 -40.93 9.07
C ARG D 296 -17.73 -39.65 8.29
N GLN D 297 -19.03 -39.45 8.04
CA GLN D 297 -19.48 -38.27 7.32
C GLN D 297 -19.82 -37.15 8.29
N ALA D 298 -19.38 -35.95 7.94
CA ALA D 298 -19.76 -34.76 8.70
C ALA D 298 -21.25 -34.50 8.54
N HIS D 299 -21.92 -34.17 9.65
CA HIS D 299 -23.36 -34.06 9.66
C HIS D 299 -23.80 -32.99 10.65
N CYS D 300 -24.97 -32.41 10.39
CA CYS D 300 -25.57 -31.39 11.25
C CYS D 300 -26.87 -31.93 11.84
N ASN D 301 -27.12 -31.61 13.11
CA ASN D 301 -28.24 -32.18 13.85
C ASN D 301 -29.23 -31.07 14.22
N VAL D 302 -30.51 -31.32 13.91
CA VAL D 302 -31.60 -30.42 14.25
C VAL D 302 -32.74 -31.25 14.81
N SER D 303 -33.24 -30.87 15.99
CA SER D 303 -34.34 -31.61 16.60
C SER D 303 -35.64 -31.38 15.86
N LYS D 304 -36.47 -32.43 15.80
CA LYS D 304 -37.75 -32.34 15.09
C LYS D 304 -38.77 -31.55 15.91
N ALA D 305 -38.69 -31.63 17.23
CA ALA D 305 -39.69 -30.97 18.08
C ALA D 305 -39.58 -29.45 18.02
N THR D 306 -38.37 -28.92 17.85
CA THR D 306 -38.16 -27.49 17.78
C THR D 306 -38.13 -26.96 16.36
N TRP D 307 -38.37 -27.81 15.36
CA TRP D 307 -38.37 -27.39 13.96
C TRP D 307 -39.73 -27.46 13.30
N ASN D 308 -40.54 -28.48 13.62
CA ASN D 308 -41.86 -28.56 13.01
C ASN D 308 -42.81 -27.49 13.54
N GLU D 309 -42.68 -27.13 14.82
CA GLU D 309 -43.55 -26.11 15.38
C GLU D 309 -43.18 -24.71 14.89
N THR D 310 -41.88 -24.43 14.77
CA THR D 310 -41.46 -23.15 14.23
C THR D 310 -41.66 -23.07 12.72
N LEU D 311 -41.80 -24.22 12.04
CA LEU D 311 -42.24 -24.20 10.65
C LEU D 311 -43.73 -23.86 10.56
N GLY D 312 -44.50 -24.21 11.60
CA GLY D 312 -45.87 -23.76 11.67
C GLY D 312 -46.01 -22.29 11.99
N LYS D 313 -44.99 -21.70 12.62
CA LYS D 313 -45.03 -20.26 12.91
C LYS D 313 -44.79 -19.43 11.65
N VAL D 314 -43.86 -19.86 10.79
CA VAL D 314 -43.53 -19.09 9.61
C VAL D 314 -44.64 -19.19 8.56
N VAL D 315 -45.39 -20.29 8.55
CA VAL D 315 -46.48 -20.41 7.60
C VAL D 315 -47.74 -19.69 8.12
N LYS D 316 -47.83 -19.48 9.43
CA LYS D 316 -48.92 -18.70 9.99
C LYS D 316 -48.84 -17.25 9.55
N GLN D 317 -47.63 -16.68 9.52
CA GLN D 317 -47.44 -15.32 9.03
C GLN D 317 -47.55 -15.22 7.52
N LEU D 318 -47.50 -16.35 6.80
CA LEU D 318 -47.77 -16.32 5.37
C LEU D 318 -49.25 -16.16 5.06
N ARG D 319 -50.12 -16.32 6.05
CA ARG D 319 -51.56 -16.13 5.88
C ARG D 319 -51.99 -14.68 6.07
N LYS D 320 -51.07 -13.79 6.44
CA LYS D 320 -51.40 -12.37 6.56
C LYS D 320 -50.99 -11.58 5.33
N HIS D 321 -50.14 -12.13 4.46
CA HIS D 321 -49.80 -11.49 3.20
C HIS D 321 -50.47 -12.14 1.99
N PHE D 322 -50.97 -13.36 2.13
CA PHE D 322 -51.74 -14.04 1.10
C PHE D 322 -53.02 -14.57 1.72
N GLY D 323 -53.84 -15.22 0.90
CA GLY D 323 -55.05 -15.85 1.41
C GLY D 323 -54.73 -17.01 2.33
N ASN D 324 -55.46 -17.09 3.44
CA ASN D 324 -55.32 -18.19 4.39
C ASN D 324 -55.90 -19.50 3.87
N ASN D 325 -56.72 -19.47 2.81
CA ASN D 325 -57.21 -20.69 2.18
C ASN D 325 -56.34 -21.03 0.97
N THR D 326 -55.07 -21.32 1.27
CA THR D 326 -54.06 -21.59 0.26
C THR D 326 -53.21 -22.76 0.71
N ILE D 327 -52.85 -23.63 -0.23
CA ILE D 327 -51.95 -24.75 0.04
C ILE D 327 -50.52 -24.26 -0.07
N ILE D 328 -49.73 -24.49 0.98
CA ILE D 328 -48.34 -24.07 1.02
C ILE D 328 -47.45 -25.31 1.04
N ARG D 329 -46.45 -25.33 0.16
CA ARG D 329 -45.55 -26.46 0.00
C ARG D 329 -44.11 -26.02 0.16
N PHE D 330 -43.28 -26.90 0.71
CA PHE D 330 -41.84 -26.67 0.84
C PHE D 330 -41.11 -27.73 0.05
N ALA D 331 -40.20 -27.29 -0.83
CA ALA D 331 -39.48 -28.21 -1.70
C ALA D 331 -37.97 -27.99 -1.60
N ASN D 332 -37.22 -28.68 -2.46
CA ASN D 332 -35.78 -28.57 -2.50
C ASN D 332 -35.36 -27.30 -3.24
N SER D 333 -34.05 -27.12 -3.39
CA SER D 333 -33.53 -25.96 -4.09
C SER D 333 -33.76 -26.10 -5.60
N SER D 334 -33.68 -24.96 -6.30
CA SER D 334 -33.92 -24.95 -7.73
C SER D 334 -32.79 -25.65 -8.49
N GLY D 335 -31.55 -25.48 -8.05
CA GLY D 335 -30.43 -26.10 -8.72
C GLY D 335 -29.20 -25.21 -8.79
N GLY D 336 -28.61 -25.11 -9.97
CA GLY D 336 -27.42 -24.30 -10.14
C GLY D 336 -26.18 -24.99 -9.60
N ASP D 337 -25.14 -24.20 -9.38
CA ASP D 337 -23.89 -24.72 -8.86
C ASP D 337 -24.02 -25.03 -7.37
N LEU D 338 -23.00 -25.73 -6.84
CA LEU D 338 -23.02 -26.16 -5.45
C LEU D 338 -22.86 -25.01 -4.47
N GLU D 339 -22.41 -23.85 -4.93
CA GLU D 339 -22.16 -22.72 -4.03
C GLU D 339 -23.45 -22.14 -3.47
N VAL D 340 -24.57 -22.25 -4.20
CA VAL D 340 -25.82 -21.63 -3.77
C VAL D 340 -26.91 -22.64 -3.43
N THR D 341 -26.82 -23.88 -3.93
CA THR D 341 -27.87 -24.86 -3.67
C THR D 341 -27.73 -25.53 -2.32
N THR D 342 -26.61 -25.37 -1.62
CA THR D 342 -26.37 -26.01 -0.33
C THR D 342 -25.99 -24.94 0.70
N HIS D 343 -26.03 -25.35 1.96
CA HIS D 343 -25.62 -24.49 3.06
C HIS D 343 -24.11 -24.26 3.02
N SER D 344 -23.67 -23.14 3.58
CA SER D 344 -22.26 -22.80 3.61
C SER D 344 -22.00 -21.86 4.78
N PHE D 345 -21.09 -22.24 5.67
CA PHE D 345 -20.81 -21.47 6.87
C PHE D 345 -19.38 -21.76 7.32
N ASN D 346 -18.99 -21.19 8.47
CA ASN D 346 -17.58 -21.06 8.87
C ASN D 346 -17.36 -21.66 10.26
N CYS D 347 -17.70 -22.93 10.42
CA CYS D 347 -17.51 -23.63 11.69
C CYS D 347 -16.02 -23.89 11.92
N GLY D 348 -15.40 -23.08 12.76
CA GLY D 348 -14.03 -23.31 13.20
C GLY D 348 -12.99 -23.28 12.11
N GLY D 349 -13.14 -22.38 11.14
CA GLY D 349 -12.19 -22.33 10.05
C GLY D 349 -12.35 -23.41 9.01
N GLU D 350 -13.40 -24.22 9.09
CA GLU D 350 -13.68 -25.26 8.12
C GLU D 350 -15.04 -24.98 7.48
N PHE D 351 -15.07 -24.98 6.16
CA PHE D 351 -16.25 -24.59 5.40
C PHE D 351 -16.99 -25.85 4.96
N PHE D 352 -18.07 -26.17 5.66
CA PHE D 352 -18.88 -27.32 5.29
C PHE D 352 -19.91 -26.93 4.23
N TYR D 353 -20.41 -27.94 3.52
CA TYR D 353 -21.44 -27.76 2.50
C TYR D 353 -22.51 -28.81 2.74
N CYS D 354 -23.64 -28.38 3.30
CA CYS D 354 -24.67 -29.29 3.79
C CYS D 354 -25.83 -29.37 2.81
N ASN D 355 -26.16 -30.59 2.40
CA ASN D 355 -27.27 -30.85 1.49
C ASN D 355 -28.56 -30.76 2.28
N THR D 356 -29.09 -29.55 2.39
CA THR D 356 -30.30 -29.29 3.17
C THR D 356 -31.51 -29.75 2.38
N SER D 357 -31.95 -30.98 2.63
CA SER D 357 -33.14 -31.52 1.98
C SER D 357 -34.24 -31.89 2.96
N GLY D 358 -33.90 -32.35 4.18
CA GLY D 358 -34.92 -32.67 5.16
C GLY D 358 -35.50 -31.48 5.88
N LEU D 359 -34.84 -30.33 5.79
CA LEU D 359 -35.34 -29.11 6.42
C LEU D 359 -36.38 -28.38 5.59
N PHE D 360 -36.55 -28.75 4.32
CA PHE D 360 -37.47 -28.07 3.41
C PHE D 360 -38.29 -29.08 2.63
N ASN D 361 -38.78 -30.12 3.30
CA ASN D 361 -39.61 -31.15 2.69
C ASN D 361 -40.85 -31.30 3.57
N SER D 362 -41.86 -30.47 3.31
CA SER D 362 -43.08 -30.46 4.10
C SER D 362 -44.20 -29.82 3.30
N THR D 363 -45.43 -30.08 3.73
CA THR D 363 -46.61 -29.45 3.15
C THR D 363 -47.64 -29.24 4.25
N TRP D 364 -48.53 -28.29 4.03
CA TRP D 364 -49.53 -27.92 5.03
C TRP D 364 -50.91 -27.88 4.39
N ILE D 365 -51.87 -28.55 5.03
CA ILE D 365 -53.25 -28.53 4.55
C ILE D 365 -53.90 -27.20 4.95
N SER D 366 -54.89 -26.79 4.16
CA SER D 366 -55.61 -25.55 4.42
C SER D 366 -56.56 -25.76 5.60
N ASN D 367 -56.08 -25.42 6.80
CA ASN D 367 -56.89 -25.51 8.00
C ASN D 367 -56.58 -24.38 8.97
N ASN D 379 -33.32 -37.26 20.69
CA ASN D 379 -34.68 -37.76 20.62
C ASN D 379 -35.10 -38.05 19.17
N ASP D 380 -35.43 -36.99 18.44
CA ASP D 380 -35.86 -37.08 17.05
C ASP D 380 -35.03 -36.17 16.18
N SER D 381 -33.72 -36.16 16.40
CA SER D 381 -32.82 -35.33 15.61
C SER D 381 -32.67 -35.88 14.20
N ILE D 382 -32.66 -34.98 13.22
CA ILE D 382 -32.53 -35.35 11.81
C ILE D 382 -31.10 -35.04 11.36
N THR D 383 -30.50 -35.97 10.64
CA THR D 383 -29.16 -35.78 10.13
C THR D 383 -29.18 -35.09 8.77
N LEU D 384 -28.14 -34.31 8.50
CA LEU D 384 -28.00 -33.60 7.23
C LEU D 384 -26.67 -33.99 6.61
N PRO D 385 -26.66 -34.49 5.36
CA PRO D 385 -25.39 -34.84 4.70
C PRO D 385 -24.61 -33.58 4.37
N CYS D 386 -23.39 -33.51 4.91
CA CYS D 386 -22.55 -32.31 4.79
C CYS D 386 -21.20 -32.72 4.22
N ARG D 387 -20.81 -32.10 3.11
CA ARG D 387 -19.52 -32.38 2.49
C ARG D 387 -18.54 -31.26 2.78
N ILE D 388 -17.25 -31.57 2.61
CA ILE D 388 -16.15 -30.70 3.01
C ILE D 388 -15.39 -30.28 1.76
N LYS D 389 -15.16 -28.97 1.62
CA LYS D 389 -14.35 -28.42 0.55
C LYS D 389 -13.28 -27.53 1.17
N GLN D 390 -12.13 -27.44 0.49
CA GLN D 390 -11.00 -26.67 0.99
C GLN D 390 -10.66 -25.49 0.10
N ILE D 391 -10.83 -25.60 -1.22
CA ILE D 391 -10.74 -24.46 -2.11
C ILE D 391 -12.15 -23.89 -2.28
N ILE D 392 -12.40 -22.70 -1.71
CA ILE D 392 -13.71 -22.07 -1.74
C ILE D 392 -13.56 -20.67 -2.33
N ASN D 393 -14.43 -20.32 -3.29
CA ASN D 393 -14.37 -18.99 -3.90
C ASN D 393 -15.23 -17.96 -3.15
N MET D 394 -16.56 -18.15 -3.17
CA MET D 394 -17.54 -17.54 -2.24
C MET D 394 -17.51 -15.99 -2.24
N TRP D 395 -16.87 -15.38 -3.23
CA TRP D 395 -17.07 -13.96 -3.50
C TRP D 395 -17.40 -13.65 -4.95
N GLN D 396 -17.79 -14.64 -5.75
CA GLN D 396 -18.08 -14.48 -7.18
C GLN D 396 -16.92 -13.82 -7.91
N ARG D 397 -15.72 -14.25 -7.55
CA ARG D 397 -14.49 -13.63 -8.03
C ARG D 397 -13.65 -14.69 -8.71
N ILE D 398 -13.18 -14.37 -9.92
CA ILE D 398 -12.32 -15.27 -10.68
C ILE D 398 -10.95 -14.61 -10.69
N GLY D 399 -10.65 -13.87 -9.62
CA GLY D 399 -9.38 -13.21 -9.47
C GLY D 399 -8.54 -13.74 -8.32
N GLN D 400 -9.18 -14.33 -7.32
CA GLN D 400 -8.45 -14.88 -6.17
C GLN D 400 -9.33 -15.94 -5.51
N CYS D 401 -8.69 -16.83 -4.76
CA CYS D 401 -9.31 -17.93 -4.03
C CYS D 401 -8.48 -18.17 -2.77
N MET D 402 -8.66 -19.33 -2.14
CA MET D 402 -7.97 -19.62 -0.89
C MET D 402 -7.93 -21.12 -0.63
N TYR D 403 -6.84 -21.57 -0.02
CA TYR D 403 -6.72 -22.94 0.47
C TYR D 403 -6.92 -22.94 1.98
N ALA D 404 -7.91 -23.69 2.46
CA ALA D 404 -8.22 -23.74 3.88
C ALA D 404 -7.24 -24.66 4.60
N PRO D 405 -6.54 -24.19 5.63
CA PRO D 405 -5.60 -25.06 6.33
C PRO D 405 -6.34 -26.08 7.19
N PRO D 406 -5.74 -27.24 7.44
CA PRO D 406 -6.39 -28.23 8.32
C PRO D 406 -6.38 -27.78 9.78
N ILE D 407 -7.31 -28.36 10.54
CA ILE D 407 -7.48 -28.04 11.96
C ILE D 407 -7.25 -29.31 12.76
N GLN D 408 -6.39 -29.22 13.78
CA GLN D 408 -6.13 -30.34 14.66
C GLN D 408 -7.35 -30.71 15.48
N GLY D 409 -7.51 -32.01 15.74
CA GLY D 409 -8.63 -32.48 16.52
C GLY D 409 -9.92 -32.51 15.72
N VAL D 410 -11.03 -32.54 16.46
CA VAL D 410 -12.36 -32.58 15.87
C VAL D 410 -12.97 -31.19 15.92
N ILE D 411 -13.93 -30.95 15.04
CA ILE D 411 -14.58 -29.65 14.92
C ILE D 411 -15.90 -29.70 15.67
N ARG D 412 -16.20 -28.66 16.45
CA ARG D 412 -17.40 -28.61 17.26
C ARG D 412 -17.96 -27.20 17.24
N CYS D 413 -19.24 -27.06 16.87
CA CYS D 413 -19.94 -25.78 16.88
C CYS D 413 -21.33 -25.96 17.47
N VAL D 414 -21.75 -25.00 18.28
CA VAL D 414 -23.14 -24.89 18.74
C VAL D 414 -23.63 -23.51 18.35
N SER D 415 -24.63 -23.46 17.47
CA SER D 415 -25.12 -22.20 16.93
C SER D 415 -26.63 -22.21 16.90
N ASN D 416 -27.20 -21.03 16.70
CA ASN D 416 -28.64 -20.87 16.46
C ASN D 416 -28.88 -20.43 15.04
N ILE D 417 -29.84 -21.08 14.39
CA ILE D 417 -30.35 -20.62 13.09
C ILE D 417 -31.52 -19.68 13.34
N THR D 418 -31.54 -18.56 12.61
CA THR D 418 -32.57 -17.56 12.84
C THR D 418 -33.18 -16.99 11.56
N GLY D 419 -32.58 -17.21 10.39
CA GLY D 419 -33.09 -16.63 9.17
C GLY D 419 -33.21 -17.66 8.07
N LEU D 420 -34.29 -17.52 7.29
CA LEU D 420 -34.59 -18.41 6.18
C LEU D 420 -34.71 -17.56 4.91
N ILE D 421 -33.63 -17.50 4.13
CA ILE D 421 -33.64 -16.77 2.86
C ILE D 421 -34.38 -17.65 1.85
N LEU D 422 -35.66 -17.39 1.65
CA LEU D 422 -36.50 -18.21 0.79
C LEU D 422 -36.73 -17.49 -0.54
N THR D 423 -37.36 -18.20 -1.48
CA THR D 423 -37.67 -17.65 -2.79
C THR D 423 -39.02 -18.19 -3.22
N ARG D 424 -39.94 -17.29 -3.55
CA ARG D 424 -41.28 -17.65 -3.98
C ARG D 424 -41.23 -18.22 -5.39
N ASP D 425 -41.51 -19.52 -5.53
CA ASP D 425 -41.59 -20.15 -6.84
C ASP D 425 -43.02 -20.04 -7.35
N GLY D 426 -43.36 -18.86 -7.85
CA GLY D 426 -44.70 -18.58 -8.31
C GLY D 426 -44.99 -19.07 -9.71
N GLY D 427 -45.65 -18.23 -10.50
CA GLY D 427 -46.06 -18.59 -11.85
C GLY D 427 -47.47 -19.14 -11.95
N SER D 428 -47.85 -19.96 -10.98
CA SER D 428 -49.21 -20.51 -10.93
C SER D 428 -50.19 -19.44 -10.47
N THR D 429 -51.48 -19.72 -10.69
CA THR D 429 -52.53 -18.78 -10.34
C THR D 429 -53.58 -19.45 -9.46
N ASN D 430 -54.67 -18.73 -9.19
CA ASN D 430 -55.83 -19.19 -8.41
C ASN D 430 -55.47 -19.58 -6.98
N SER D 431 -54.35 -19.06 -6.46
CA SER D 431 -53.90 -19.28 -5.09
C SER D 431 -53.75 -20.77 -4.77
N THR D 432 -53.17 -21.52 -5.70
CA THR D 432 -53.00 -22.97 -5.57
C THR D 432 -51.52 -23.32 -5.54
N THR D 433 -51.20 -24.32 -4.71
CA THR D 433 -49.85 -24.88 -4.46
C THR D 433 -48.75 -23.81 -4.43
N GLU D 434 -48.95 -22.83 -3.55
CA GLU D 434 -48.03 -21.70 -3.41
C GLU D 434 -46.78 -22.19 -2.69
N THR D 435 -45.84 -22.72 -3.47
CA THR D 435 -44.63 -23.31 -2.93
C THR D 435 -43.58 -22.25 -2.66
N PHE D 436 -42.59 -22.62 -1.86
CA PHE D 436 -41.43 -21.79 -1.56
C PHE D 436 -40.17 -22.64 -1.64
N ARG D 437 -39.17 -22.15 -2.38
CA ARG D 437 -37.90 -22.84 -2.53
C ARG D 437 -36.78 -22.04 -1.87
N PRO D 438 -36.01 -22.64 -0.96
CA PRO D 438 -34.93 -21.89 -0.30
C PRO D 438 -33.79 -21.58 -1.26
N GLY D 439 -33.58 -20.30 -1.53
CA GLY D 439 -32.55 -19.88 -2.46
C GLY D 439 -31.37 -19.22 -1.79
N GLY D 440 -31.23 -17.91 -1.97
CA GLY D 440 -30.10 -17.17 -1.42
C GLY D 440 -28.89 -17.21 -2.33
N GLY D 441 -29.07 -16.81 -3.59
CA GLY D 441 -27.96 -16.80 -4.52
C GLY D 441 -26.90 -15.77 -4.18
N ASP D 442 -27.33 -14.58 -3.75
CA ASP D 442 -26.39 -13.53 -3.37
C ASP D 442 -26.00 -13.72 -1.91
N MET D 443 -25.23 -12.78 -1.36
CA MET D 443 -24.71 -12.92 -0.01
C MET D 443 -24.87 -11.68 0.85
N ARG D 444 -25.47 -10.60 0.35
CA ARG D 444 -25.67 -9.39 1.14
C ARG D 444 -27.01 -9.38 1.88
N ASP D 445 -27.86 -10.38 1.67
CA ASP D 445 -29.14 -10.43 2.38
C ASP D 445 -29.01 -10.99 3.79
N ASN D 446 -27.88 -11.60 4.13
CA ASN D 446 -27.64 -12.01 5.51
C ASN D 446 -27.56 -10.81 6.43
N TRP D 447 -26.95 -9.73 5.96
CA TRP D 447 -26.72 -8.53 6.75
C TRP D 447 -27.86 -7.54 6.69
N ARG D 448 -28.84 -7.77 5.80
CA ARG D 448 -29.98 -6.87 5.72
C ARG D 448 -30.93 -7.08 6.89
N SER D 449 -30.90 -8.26 7.51
CA SER D 449 -31.69 -8.54 8.69
C SER D 449 -30.96 -8.17 9.98
N GLU D 450 -29.69 -7.82 9.91
CA GLU D 450 -28.90 -7.44 11.09
C GLU D 450 -28.80 -5.94 11.27
N LEU D 451 -28.58 -5.19 10.18
CA LEU D 451 -28.57 -3.73 10.21
C LEU D 451 -29.95 -3.14 9.93
N TYR D 452 -31.02 -3.88 10.27
CA TYR D 452 -32.37 -3.52 9.88
C TYR D 452 -32.94 -2.34 10.64
N LYS D 453 -32.35 -1.97 11.78
CA LYS D 453 -32.93 -0.97 12.66
C LYS D 453 -32.34 0.43 12.47
N TYR D 454 -31.40 0.61 11.56
CA TYR D 454 -30.58 1.81 11.56
C TYR D 454 -30.60 2.51 10.20
N LYS D 455 -30.43 3.83 10.25
CA LYS D 455 -30.35 4.67 9.06
C LYS D 455 -29.51 5.90 9.40
N VAL D 456 -28.58 6.23 8.52
CA VAL D 456 -27.68 7.36 8.76
C VAL D 456 -28.41 8.67 8.50
N VAL D 457 -28.19 9.65 9.37
CA VAL D 457 -28.75 10.99 9.23
C VAL D 457 -27.63 12.01 9.47
N LYS D 458 -27.75 13.16 8.83
CA LYS D 458 -26.82 14.27 9.00
C LYS D 458 -27.54 15.43 9.69
N ILE D 459 -26.95 15.93 10.77
CA ILE D 459 -27.56 17.00 11.53
C ILE D 459 -27.10 18.35 10.97
N GLU D 460 -28.03 19.29 10.91
CA GLU D 460 -27.75 20.66 10.47
C GLU D 460 -27.99 21.60 11.62
N PRO D 461 -26.94 22.06 12.33
CA PRO D 461 -27.16 22.84 13.55
C PRO D 461 -27.44 24.32 13.31
N LEU D 462 -27.79 24.69 12.08
CA LEU D 462 -28.19 26.05 11.76
C LEU D 462 -29.63 26.10 11.24
N GLY D 463 -30.30 27.19 11.55
CA GLY D 463 -31.66 27.38 11.11
C GLY D 463 -32.13 28.78 11.47
N VAL D 464 -33.23 29.19 10.85
CA VAL D 464 -33.78 30.53 11.02
C VAL D 464 -35.25 30.43 11.40
N ALA D 465 -35.76 31.51 11.99
CA ALA D 465 -37.15 31.62 12.39
C ALA D 465 -37.51 33.08 12.56
N PRO D 466 -38.74 33.49 12.23
CA PRO D 466 -39.17 34.86 12.51
C PRO D 466 -39.14 35.16 14.01
N THR D 467 -38.70 36.37 14.34
CA THR D 467 -38.63 36.79 15.73
C THR D 467 -38.89 38.29 15.80
N ARG D 468 -39.57 38.71 16.85
CA ARG D 468 -39.83 40.13 17.10
C ARG D 468 -38.58 40.89 17.54
N CYS D 469 -37.47 40.20 17.78
CA CYS D 469 -36.25 40.84 18.25
C CYS D 469 -35.66 41.78 17.20
N LYS D 470 -35.01 42.83 17.71
CA LYS D 470 -34.24 43.77 16.89
C LYS D 470 -32.84 43.87 17.47
N ARG D 471 -31.84 43.90 16.60
CA ARG D 471 -30.45 43.98 17.06
C ARG D 471 -30.10 45.44 17.34
N ARG D 472 -29.63 45.70 18.56
CA ARG D 472 -29.26 47.05 18.95
C ARG D 472 -27.94 47.46 18.28
N VAL D 473 -27.77 48.77 18.11
CA VAL D 473 -26.58 49.35 17.49
C VAL D 473 -25.88 50.21 18.53
N VAL D 474 -24.62 49.91 18.79
CA VAL D 474 -23.84 50.66 19.76
C VAL D 474 -23.31 51.94 19.14
N VAL E 7 7.14 37.66 24.97
CA VAL E 7 8.06 37.24 23.90
C VAL E 7 9.50 37.36 24.37
N PHE E 8 9.70 38.00 25.52
CA PHE E 8 11.03 38.18 26.06
C PHE E 8 11.61 36.92 26.68
N LEU E 9 10.76 35.96 27.05
CA LEU E 9 11.19 34.72 27.68
C LEU E 9 11.19 33.53 26.73
N GLY E 10 10.26 33.48 25.79
CA GLY E 10 10.17 32.40 24.84
C GLY E 10 8.90 31.58 25.04
N PHE E 11 8.77 30.55 24.19
CA PHE E 11 7.63 29.65 24.28
C PHE E 11 7.71 28.82 25.55
N LEU E 12 6.59 28.72 26.26
CA LEU E 12 6.46 27.94 27.50
C LEU E 12 7.49 28.38 28.54
N GLY E 13 7.72 29.69 28.62
CA GLY E 13 8.77 30.24 29.46
C GLY E 13 8.50 30.18 30.95
N ALA E 14 7.51 30.95 31.42
CA ALA E 14 7.23 31.05 32.86
C ALA E 14 6.44 29.81 33.28
N ALA E 15 7.18 28.71 33.44
CA ALA E 15 6.55 27.42 33.75
C ALA E 15 6.24 27.31 35.24
N GLY E 16 7.27 27.34 36.07
CA GLY E 16 7.09 27.22 37.51
C GLY E 16 7.02 28.55 38.21
N SER E 17 6.77 29.60 37.44
CA SER E 17 6.73 30.95 37.98
C SER E 17 5.40 31.20 38.69
N THR E 18 5.24 32.43 39.18
CA THR E 18 4.02 32.82 39.89
C THR E 18 2.85 32.87 38.91
N MET E 19 1.68 32.41 39.37
CA MET E 19 0.48 32.42 38.54
C MET E 19 0.11 33.84 38.12
N GLY E 20 0.29 34.80 39.02
CA GLY E 20 0.11 36.20 38.64
C GLY E 20 1.17 36.67 37.65
N ALA E 21 2.41 36.21 37.83
CA ALA E 21 3.48 36.59 36.91
C ALA E 21 3.32 35.93 35.55
N ALA E 22 2.70 34.75 35.50
CA ALA E 22 2.46 34.06 34.24
C ALA E 22 1.19 34.52 33.54
N SER E 23 0.45 35.46 34.13
CA SER E 23 -0.80 35.92 33.54
C SER E 23 -0.55 36.73 32.27
N MET E 24 0.53 37.52 32.25
CA MET E 24 0.81 38.34 31.08
C MET E 24 1.38 37.52 29.92
N THR E 25 2.15 36.48 30.22
CA THR E 25 2.81 35.68 29.19
C THR E 25 1.96 34.46 28.79
N LEU E 26 0.72 34.75 28.40
CA LEU E 26 -0.21 33.73 27.92
C LEU E 26 -0.45 33.84 26.43
N THR E 27 0.42 34.52 25.70
CA THR E 27 0.25 34.70 24.27
C THR E 27 1.15 33.79 23.43
N VAL E 28 2.36 33.50 23.91
CA VAL E 28 3.29 32.69 23.13
C VAL E 28 2.83 31.23 23.07
N GLN E 29 2.15 30.75 24.11
CA GLN E 29 1.68 29.36 24.10
C GLN E 29 0.54 29.15 23.11
N ALA E 30 -0.38 30.12 23.04
CA ALA E 30 -1.47 30.02 22.07
C ALA E 30 -0.97 30.23 20.65
N ARG E 31 0.07 31.04 20.48
CA ARG E 31 0.62 31.27 19.14
C ARG E 31 1.33 30.04 18.61
N ASN E 32 2.01 29.30 19.48
CA ASN E 32 2.78 28.13 19.10
C ASN E 32 1.99 26.83 19.24
N LEU E 33 0.67 26.90 19.37
CA LEU E 33 -0.15 25.71 19.45
C LEU E 33 -0.30 25.00 18.12
N LEU E 34 0.01 25.68 17.02
CA LEU E 34 -0.08 25.09 15.68
C LEU E 34 1.25 25.02 14.94
N SER E 35 2.16 25.96 15.21
CA SER E 35 3.49 26.03 14.58
C SER E 35 3.43 26.05 13.05
N LEU E 57 5.29 6.98 -1.03
CA LEU E 57 4.66 6.75 0.26
C LEU E 57 5.65 6.09 1.23
N THR E 58 6.16 6.87 2.18
CA THR E 58 7.08 6.38 3.18
C THR E 58 6.42 6.44 4.56
N VAL E 59 7.06 5.78 5.53
CA VAL E 59 6.50 5.72 6.89
C VAL E 59 6.52 7.10 7.54
N TRP E 60 7.41 7.99 7.10
CA TRP E 60 7.42 9.36 7.60
C TRP E 60 6.27 10.20 7.07
N GLY E 61 5.50 9.69 6.10
CA GLY E 61 4.42 10.45 5.51
C GLY E 61 3.08 10.30 6.19
N ILE E 62 2.75 9.08 6.63
CA ILE E 62 1.45 8.85 7.27
C ILE E 62 1.37 9.56 8.62
N LYS E 63 2.41 9.39 9.45
CA LYS E 63 2.39 10.00 10.77
C LYS E 63 2.67 11.50 10.72
N GLN E 64 3.21 12.01 9.62
CA GLN E 64 3.26 13.46 9.43
C GLN E 64 1.85 14.03 9.28
N LEU E 65 1.00 13.36 8.51
CA LEU E 65 -0.40 13.78 8.39
C LEU E 65 -1.17 13.47 9.68
N GLN E 66 -0.80 12.40 10.38
CA GLN E 66 -1.45 12.08 11.64
C GLN E 66 -1.14 13.11 12.72
N ALA E 67 0.06 13.68 12.70
CA ALA E 67 0.38 14.74 13.65
C ALA E 67 -0.35 16.03 13.32
N ARG E 68 -0.54 16.32 12.03
CA ARG E 68 -1.24 17.53 11.64
C ARG E 68 -2.73 17.45 11.97
N VAL E 69 -3.35 16.31 11.72
CA VAL E 69 -4.78 16.16 12.00
C VAL E 69 -5.02 16.09 13.51
N LEU E 70 -4.03 15.62 14.28
CA LEU E 70 -4.17 15.60 15.74
C LEU E 70 -3.98 16.99 16.34
N ALA E 71 -3.12 17.81 15.74
CA ALA E 71 -2.93 19.18 16.21
C ALA E 71 -4.19 20.02 16.04
N VAL E 72 -4.86 19.86 14.89
CA VAL E 72 -6.13 20.54 14.68
C VAL E 72 -7.20 19.98 15.62
N GLU E 73 -7.23 18.66 15.80
CA GLU E 73 -8.21 18.05 16.68
C GLU E 73 -7.97 18.44 18.14
N ARG E 74 -6.71 18.59 18.53
CA ARG E 74 -6.40 19.08 19.87
C ARG E 74 -6.79 20.55 20.03
N TYR E 75 -6.58 21.35 18.98
CA TYR E 75 -6.96 22.76 19.04
C TYR E 75 -8.47 22.94 19.10
N LEU E 76 -9.22 22.04 18.47
CA LEU E 76 -10.68 22.07 18.53
C LEU E 76 -11.25 21.27 19.68
N ARG E 77 -10.40 20.66 20.52
CA ARG E 77 -10.90 19.98 21.70
C ARG E 77 -11.17 20.92 22.86
N ASP E 78 -10.70 22.17 22.78
CA ASP E 78 -10.92 23.14 23.84
C ASP E 78 -11.38 24.50 23.35
N GLN E 79 -11.16 24.86 22.08
CA GLN E 79 -11.62 26.15 21.59
C GLN E 79 -13.14 26.19 21.50
N GLN E 80 -13.76 25.12 20.99
CA GLN E 80 -15.22 25.06 21.00
C GLN E 80 -15.74 24.80 22.41
N LEU E 81 -14.95 24.14 23.26
CA LEU E 81 -15.34 23.95 24.65
C LEU E 81 -15.33 25.28 25.41
N LEU E 82 -14.47 26.21 25.01
CA LEU E 82 -14.43 27.54 25.59
C LEU E 82 -15.31 28.52 24.82
N GLY E 83 -15.50 28.29 23.51
CA GLY E 83 -16.25 29.23 22.69
C GLY E 83 -17.74 29.22 22.96
N ILE E 84 -18.27 28.11 23.46
CA ILE E 84 -19.70 28.02 23.76
C ILE E 84 -20.04 28.53 25.14
N TRP E 85 -19.04 28.99 25.90
CA TRP E 85 -19.25 29.64 27.18
C TRP E 85 -19.50 31.13 26.96
N GLY E 86 -19.45 31.92 28.03
CA GLY E 86 -19.76 33.33 27.97
C GLY E 86 -18.78 34.21 27.24
N CYS E 87 -17.63 33.67 26.86
CA CYS E 87 -16.61 34.41 26.11
C CYS E 87 -16.10 33.53 24.97
N SER E 88 -16.25 34.01 23.74
CA SER E 88 -15.89 33.22 22.57
C SER E 88 -14.38 33.17 22.38
N GLY E 89 -13.73 34.34 22.33
CA GLY E 89 -12.32 34.38 21.96
C GLY E 89 -11.44 35.23 22.84
N LYS E 90 -11.93 35.66 23.99
CA LYS E 90 -11.12 36.45 24.91
C LYS E 90 -10.05 35.58 25.56
N LEU E 91 -8.88 36.17 25.78
CA LEU E 91 -7.76 35.43 26.33
C LEU E 91 -7.96 35.14 27.82
N ILE E 92 -8.07 36.18 28.63
CA ILE E 92 -8.39 36.06 30.04
C ILE E 92 -9.87 36.36 30.20
N CYS E 93 -10.58 35.49 30.93
CA CYS E 93 -12.03 35.54 30.94
C CYS E 93 -12.56 34.90 32.21
N CYS E 94 -13.73 35.38 32.63
CA CYS E 94 -14.39 34.85 33.82
C CYS E 94 -15.88 35.11 33.71
N THR E 95 -16.66 34.27 34.41
CA THR E 95 -18.10 34.20 34.24
C THR E 95 -18.77 34.19 35.61
N ASN E 96 -20.08 34.48 35.57
CA ASN E 96 -20.91 34.54 36.79
C ASN E 96 -21.35 33.16 37.25
N VAL E 97 -20.43 32.29 37.65
CA VAL E 97 -20.81 31.01 38.31
C VAL E 97 -20.02 31.02 39.62
N PRO E 98 -20.64 31.01 40.80
CA PRO E 98 -19.89 31.18 42.05
C PRO E 98 -18.98 30.02 42.44
N TRP E 99 -17.91 30.30 43.20
CA TRP E 99 -16.91 29.25 43.52
C TRP E 99 -17.32 28.38 44.71
N ASN E 100 -17.24 27.04 44.60
CA ASN E 100 -17.50 26.17 45.74
C ASN E 100 -16.31 26.29 46.69
N SER E 101 -16.49 27.02 47.79
CA SER E 101 -15.39 27.36 48.68
C SER E 101 -14.86 26.18 49.49
N SER E 102 -15.59 25.06 49.54
CA SER E 102 -15.14 23.89 50.27
C SER E 102 -14.21 23.00 49.45
N TRP E 103 -13.94 23.36 48.19
CA TRP E 103 -13.08 22.53 47.35
C TRP E 103 -11.61 22.67 47.74
N SER E 104 -11.08 23.90 47.70
CA SER E 104 -9.68 24.15 48.01
C SER E 104 -9.45 24.75 49.38
N ASN E 105 -10.35 25.62 49.85
CA ASN E 105 -10.27 26.29 51.15
C ASN E 105 -8.94 26.96 51.41
N ARG E 106 -8.45 27.75 50.45
CA ARG E 106 -7.19 28.44 50.57
C ARG E 106 -7.37 29.93 50.28
N ASN E 107 -6.45 30.73 50.81
CA ASN E 107 -6.51 32.17 50.65
C ASN E 107 -6.18 32.58 49.22
N LEU E 108 -6.54 33.82 48.88
CA LEU E 108 -6.18 34.41 47.60
C LEU E 108 -4.85 35.16 47.67
N SER E 109 -4.27 35.29 48.86
CA SER E 109 -3.03 36.03 49.04
C SER E 109 -1.79 35.24 48.60
N GLU E 110 -1.95 33.97 48.25
CA GLU E 110 -0.85 33.18 47.72
C GLU E 110 -1.12 32.64 46.33
N ILE E 111 -2.36 32.72 45.84
CA ILE E 111 -2.71 32.19 44.52
C ILE E 111 -1.99 32.96 43.43
N TRP E 112 -2.00 34.29 43.49
CA TRP E 112 -1.32 35.14 42.53
C TRP E 112 0.00 35.67 43.05
N ASP E 113 0.48 35.17 44.20
CA ASP E 113 1.74 35.62 44.77
C ASP E 113 2.75 34.49 44.94
N ASN E 114 2.34 33.35 45.48
CA ASN E 114 3.27 32.26 45.78
C ASN E 114 2.91 30.94 45.10
N MET E 115 1.63 30.59 45.03
CA MET E 115 1.23 29.32 44.47
C MET E 115 1.41 29.34 42.95
N THR E 116 1.92 28.25 42.39
CA THR E 116 2.27 28.18 40.98
C THR E 116 1.27 27.32 40.22
N TRP E 117 1.38 27.36 38.88
CA TRP E 117 0.44 26.63 38.04
C TRP E 117 0.70 25.12 38.09
N LEU E 118 1.95 24.71 38.30
CA LEU E 118 2.28 23.29 38.19
C LEU E 118 1.77 22.48 39.37
N GLN E 119 1.89 23.01 40.58
CA GLN E 119 1.43 22.32 41.79
C GLN E 119 0.01 22.73 42.18
N TRP E 120 -0.83 23.10 41.20
CA TRP E 120 -2.21 23.51 41.42
C TRP E 120 -3.21 22.58 40.75
N ASP E 121 -2.89 22.04 39.58
CA ASP E 121 -3.84 21.22 38.83
C ASP E 121 -4.09 19.88 39.53
N LYS E 122 -3.06 19.31 40.15
CA LYS E 122 -3.17 17.98 40.75
C LYS E 122 -4.10 17.96 41.96
N GLU E 123 -4.35 19.10 42.59
CA GLU E 123 -5.29 19.19 43.70
C GLU E 123 -6.69 19.60 43.25
N ILE E 124 -6.88 19.89 41.97
CA ILE E 124 -8.17 20.33 41.46
C ILE E 124 -8.77 19.34 40.46
N SER E 125 -7.95 18.60 39.72
CA SER E 125 -8.40 17.77 38.62
C SER E 125 -9.20 16.54 39.07
N ASN E 126 -9.25 16.25 40.37
CA ASN E 126 -10.03 15.11 40.86
C ASN E 126 -11.52 15.29 40.66
N TYR E 127 -11.98 16.53 40.44
CA TYR E 127 -13.39 16.79 40.20
C TYR E 127 -13.62 17.78 39.07
N THR E 128 -12.62 18.03 38.22
CA THR E 128 -12.70 19.08 37.21
C THR E 128 -13.67 18.75 36.07
N GLN E 129 -14.17 17.51 36.00
CA GLN E 129 -15.07 17.15 34.91
C GLN E 129 -16.42 17.84 35.03
N ILE E 130 -16.86 18.16 36.26
CA ILE E 130 -18.21 18.67 36.45
C ILE E 130 -18.31 20.18 36.32
N ILE E 131 -17.22 20.92 36.52
CA ILE E 131 -17.27 22.38 36.40
C ILE E 131 -17.58 22.78 34.97
N TYR E 132 -17.03 22.06 33.99
CA TYR E 132 -17.29 22.36 32.59
C TYR E 132 -18.77 22.18 32.24
N GLY E 133 -19.47 21.31 32.96
CA GLY E 133 -20.89 21.14 32.71
C GLY E 133 -21.74 22.28 33.26
N LEU E 134 -21.37 22.83 34.42
CA LEU E 134 -22.18 23.88 35.05
C LEU E 134 -22.12 25.20 34.32
N LEU E 135 -21.03 25.50 33.59
CA LEU E 135 -21.01 26.71 32.78
C LEU E 135 -21.85 26.60 31.52
N GLU E 136 -22.32 25.40 31.16
CA GLU E 136 -23.14 25.25 29.96
C GLU E 136 -24.52 25.86 30.17
N GLU E 137 -25.18 25.54 31.28
CA GLU E 137 -26.52 26.04 31.54
C GLU E 137 -26.53 27.38 32.26
N SER E 138 -25.40 27.80 32.84
CA SER E 138 -25.36 29.12 33.47
C SER E 138 -25.32 30.22 32.42
N GLN E 139 -24.61 30.00 31.31
CA GLN E 139 -24.60 30.96 30.21
C GLN E 139 -25.88 30.89 29.40
N ASN E 140 -26.54 29.73 29.36
CA ASN E 140 -27.76 29.58 28.59
C ASN E 140 -28.89 30.41 29.19
N GLN E 141 -29.03 30.38 30.53
CA GLN E 141 -30.05 31.19 31.18
C GLN E 141 -29.68 32.68 31.15
N GLN E 142 -28.38 32.99 31.13
CA GLN E 142 -27.97 34.37 30.92
C GLN E 142 -28.33 34.84 29.51
N GLU E 143 -28.17 33.96 28.52
CA GLU E 143 -28.62 34.28 27.17
C GLU E 143 -30.15 34.33 27.10
N LYS E 144 -30.83 33.48 27.87
CA LYS E 144 -32.29 33.53 27.94
C LYS E 144 -32.77 34.85 28.54
N ASN E 145 -32.03 35.38 29.51
CA ASN E 145 -32.37 36.69 30.07
C ASN E 145 -32.16 37.79 29.02
N GLU E 146 -31.12 37.66 28.20
CA GLU E 146 -30.90 38.64 27.13
C GLU E 146 -31.96 38.52 26.04
N GLN E 147 -32.44 37.30 25.77
CA GLN E 147 -33.51 37.12 24.80
C GLN E 147 -34.80 37.78 25.26
N ASP E 148 -35.13 37.66 26.55
CA ASP E 148 -36.32 38.32 27.08
C ASP E 148 -36.11 39.81 27.27
N LEU E 149 -34.86 40.27 27.27
CA LEU E 149 -34.59 41.70 27.41
C LEU E 149 -34.95 42.48 26.15
N LEU E 150 -35.00 41.82 25.00
CA LEU E 150 -35.34 42.46 23.74
C LEU E 150 -36.82 42.29 23.38
N ALA E 151 -37.64 41.83 24.32
CA ALA E 151 -39.06 41.65 24.04
C ALA E 151 -39.77 42.99 23.83
N LEU E 152 -39.46 43.99 24.66
CA LEU E 152 -40.08 45.30 24.53
C LEU E 152 -39.39 46.16 23.47
N ASP E 153 -38.25 45.75 22.95
CA ASP E 153 -37.54 46.51 21.93
C ASP E 153 -37.74 45.89 20.55
N PHE F 8 -30.57 16.90 30.82
CA PHE F 8 -31.80 16.33 31.37
C PHE F 8 -32.38 15.30 30.39
N LEU F 9 -32.33 15.62 29.09
CA LEU F 9 -32.77 14.70 28.05
C LEU F 9 -31.60 13.95 27.43
N GLY F 10 -30.62 14.67 26.89
CA GLY F 10 -29.45 14.07 26.27
C GLY F 10 -29.23 14.64 24.89
N PHE F 11 -28.52 13.88 24.06
CA PHE F 11 -28.20 14.31 22.70
C PHE F 11 -29.45 14.23 21.84
N LEU F 12 -29.86 15.38 21.28
CA LEU F 12 -31.06 15.51 20.45
C LEU F 12 -32.32 15.02 21.19
N GLY F 13 -32.38 15.31 22.49
CA GLY F 13 -33.51 14.86 23.29
C GLY F 13 -34.82 15.53 22.88
N ALA F 14 -34.78 16.84 22.68
CA ALA F 14 -35.97 17.60 22.28
C ALA F 14 -35.97 17.82 20.78
N ALA F 15 -36.03 16.72 20.03
CA ALA F 15 -36.12 16.76 18.58
C ALA F 15 -37.54 16.62 18.08
N GLY F 16 -38.52 16.47 18.98
CA GLY F 16 -39.90 16.33 18.58
C GLY F 16 -40.83 17.18 19.41
N SER F 17 -40.27 17.97 20.32
CA SER F 17 -41.05 18.85 21.16
C SER F 17 -41.24 20.20 20.47
N THR F 18 -41.98 21.10 21.12
CA THR F 18 -42.18 22.44 20.58
C THR F 18 -40.91 23.26 20.71
N MET F 19 -40.73 24.22 19.78
CA MET F 19 -39.53 25.04 19.74
C MET F 19 -39.44 26.02 20.90
N GLY F 20 -40.55 26.29 21.60
CA GLY F 20 -40.49 27.09 22.81
C GLY F 20 -39.80 26.38 23.97
N ALA F 21 -39.77 25.05 23.95
CA ALA F 21 -39.10 24.26 24.98
C ALA F 21 -37.88 23.52 24.48
N ALA F 22 -37.79 23.25 23.17
CA ALA F 22 -36.61 22.60 22.62
C ALA F 22 -35.40 23.54 22.61
N SER F 23 -35.63 24.82 22.40
CA SER F 23 -34.56 25.81 22.33
C SER F 23 -34.17 26.36 23.70
N MET F 24 -34.79 25.87 24.78
CA MET F 24 -34.37 26.29 26.12
C MET F 24 -33.00 25.72 26.47
N THR F 25 -32.80 24.42 26.22
CA THR F 25 -31.52 23.74 26.46
C THR F 25 -31.07 23.15 25.12
N LEU F 26 -30.33 23.94 24.35
CA LEU F 26 -29.90 23.53 23.02
C LEU F 26 -28.39 23.45 22.88
N THR F 27 -27.63 23.72 23.96
CA THR F 27 -26.19 23.66 23.90
C THR F 27 -25.65 22.23 24.01
N VAL F 28 -26.50 21.26 24.32
CA VAL F 28 -26.07 19.87 24.39
C VAL F 28 -25.72 19.35 22.99
N GLN F 29 -26.38 19.85 21.95
CA GLN F 29 -26.12 19.43 20.59
C GLN F 29 -24.85 20.03 20.00
N ALA F 30 -24.28 21.07 20.63
CA ALA F 30 -23.10 21.73 20.12
C ALA F 30 -21.81 21.22 20.74
N ARG F 31 -21.84 20.81 22.01
CA ARG F 31 -20.62 20.35 22.67
C ARG F 31 -20.20 18.96 22.21
N ASN F 32 -21.11 18.19 21.61
CA ASN F 32 -20.81 16.85 21.13
C ASN F 32 -20.62 16.81 19.61
N LEU F 33 -20.33 17.95 18.99
CA LEU F 33 -20.13 18.02 17.55
C LEU F 33 -18.72 17.68 17.12
N LEU F 34 -17.82 17.39 18.06
CA LEU F 34 -16.45 17.01 17.74
C LEU F 34 -16.17 15.58 18.17
N THR F 58 -3.61 -0.14 8.21
CA THR F 58 -4.81 -0.97 8.17
C THR F 58 -5.90 -0.27 7.39
N VAL F 59 -6.94 -1.04 7.01
CA VAL F 59 -8.07 -0.46 6.32
C VAL F 59 -9.01 0.27 7.28
N TRP F 60 -9.02 -0.11 8.57
CA TRP F 60 -9.78 0.63 9.55
C TRP F 60 -9.11 1.96 9.89
N GLY F 61 -7.78 2.03 9.77
CA GLY F 61 -7.10 3.29 10.02
C GLY F 61 -7.43 4.34 8.99
N ILE F 62 -7.45 3.96 7.71
CA ILE F 62 -7.85 4.89 6.66
C ILE F 62 -9.34 5.20 6.78
N LYS F 63 -10.15 4.21 7.15
CA LYS F 63 -11.59 4.44 7.35
C LYS F 63 -11.84 5.40 8.50
N GLN F 64 -11.05 5.29 9.57
CA GLN F 64 -11.19 6.22 10.69
C GLN F 64 -10.65 7.60 10.34
N LEU F 65 -9.49 7.65 9.67
CA LEU F 65 -8.84 8.93 9.38
C LEU F 65 -9.67 9.78 8.42
N GLN F 66 -10.34 9.13 7.46
CA GLN F 66 -11.18 9.86 6.52
C GLN F 66 -12.36 10.52 7.23
N ALA F 67 -12.94 9.85 8.22
CA ALA F 67 -14.06 10.42 8.95
C ALA F 67 -13.64 11.46 9.98
N ARG F 68 -12.43 11.34 10.54
CA ARG F 68 -11.94 12.35 11.47
C ARG F 68 -11.70 13.67 10.76
N VAL F 69 -11.13 13.63 9.55
CA VAL F 69 -10.97 14.84 8.74
C VAL F 69 -12.31 15.37 8.27
N LEU F 70 -13.28 14.49 8.02
CA LEU F 70 -14.61 14.91 7.58
C LEU F 70 -15.35 15.69 8.68
N ALA F 71 -15.11 15.34 9.95
CA ALA F 71 -15.85 15.97 11.04
C ALA F 71 -15.35 17.37 11.36
N VAL F 72 -14.04 17.62 11.24
CA VAL F 72 -13.50 18.91 11.65
C VAL F 72 -13.90 20.03 10.69
N GLU F 73 -14.01 19.71 9.40
CA GLU F 73 -14.46 20.72 8.44
C GLU F 73 -15.97 20.86 8.40
N ARG F 74 -16.70 19.79 8.76
CA ARG F 74 -18.15 19.89 8.87
C ARG F 74 -18.55 20.86 9.98
N TYR F 75 -17.85 20.81 11.12
CA TYR F 75 -18.09 21.76 12.18
C TYR F 75 -17.62 23.17 11.81
N LEU F 76 -16.53 23.27 11.05
CA LEU F 76 -15.95 24.56 10.72
C LEU F 76 -16.57 25.21 9.49
N ARG F 77 -17.32 24.46 8.68
CA ARG F 77 -17.98 25.05 7.52
C ARG F 77 -19.05 26.04 7.93
N ASP F 78 -19.95 25.62 8.82
CA ASP F 78 -21.03 26.50 9.27
C ASP F 78 -20.60 27.39 10.43
N GLN F 79 -19.50 27.07 11.12
CA GLN F 79 -18.94 28.01 12.09
C GLN F 79 -18.38 29.24 11.39
N GLN F 80 -17.73 29.04 10.23
CA GLN F 80 -17.32 30.17 9.40
C GLN F 80 -18.53 30.89 8.85
N LEU F 81 -19.58 30.15 8.48
CA LEU F 81 -20.84 30.77 8.08
C LEU F 81 -21.48 31.53 9.22
N LEU F 82 -21.39 31.00 10.44
CA LEU F 82 -21.84 31.76 11.61
C LEU F 82 -20.89 32.91 11.91
N GLY F 83 -19.58 32.68 11.75
CA GLY F 83 -18.60 33.68 12.10
C GLY F 83 -18.50 34.84 11.13
N ILE F 84 -18.94 34.65 9.88
CA ILE F 84 -18.90 35.74 8.91
C ILE F 84 -19.97 36.78 9.22
N TRP F 85 -21.01 36.40 9.96
CA TRP F 85 -22.00 37.35 10.45
C TRP F 85 -21.49 37.97 11.75
N GLY F 86 -22.36 38.65 12.47
CA GLY F 86 -21.99 39.27 13.72
C GLY F 86 -22.06 38.36 14.93
N CYS F 87 -22.30 37.07 14.72
CA CYS F 87 -22.42 36.10 15.81
C CYS F 87 -21.17 35.22 15.77
N SER F 88 -20.11 35.69 16.42
CA SER F 88 -18.84 34.97 16.39
C SER F 88 -18.90 33.71 17.24
N GLY F 89 -19.45 33.80 18.45
CA GLY F 89 -19.52 32.66 19.33
C GLY F 89 -20.83 32.56 20.08
N LYS F 90 -21.77 33.44 19.76
CA LYS F 90 -23.06 33.43 20.42
C LYS F 90 -23.90 32.27 19.91
N LEU F 91 -24.41 31.45 20.84
CA LEU F 91 -25.33 30.39 20.45
C LEU F 91 -26.67 30.96 19.97
N ILE F 92 -27.10 32.06 20.59
CA ILE F 92 -28.31 32.76 20.19
C ILE F 92 -27.93 34.22 19.94
N CYS F 93 -28.38 34.77 18.82
CA CYS F 93 -28.08 36.16 18.49
C CYS F 93 -29.24 36.73 17.69
N CYS F 94 -29.06 37.96 17.19
CA CYS F 94 -30.14 38.70 16.56
C CYS F 94 -29.54 39.68 15.55
N THR F 95 -30.26 39.90 14.46
CA THR F 95 -29.80 40.80 13.40
C THR F 95 -30.95 41.69 12.95
N ASN F 96 -30.62 42.68 12.13
CA ASN F 96 -31.57 43.70 11.69
C ASN F 96 -32.11 43.45 10.28
N VAL F 97 -31.88 42.27 9.71
CA VAL F 97 -32.42 41.93 8.39
C VAL F 97 -33.91 41.64 8.57
N PRO F 98 -34.79 42.32 7.86
CA PRO F 98 -36.24 42.13 8.08
C PRO F 98 -36.82 40.94 7.33
N TRP F 99 -37.75 40.26 8.00
CA TRP F 99 -38.40 39.11 7.39
C TRP F 99 -39.38 39.54 6.30
N ASN F 100 -39.22 38.88 5.16
CA ASN F 100 -40.03 39.16 3.95
C ASN F 100 -41.41 38.53 4.10
N SER F 101 -42.46 39.27 3.73
CA SER F 101 -43.81 38.76 3.97
C SER F 101 -44.12 37.54 3.12
N SER F 102 -43.64 37.52 1.87
CA SER F 102 -43.92 36.41 0.95
C SER F 102 -43.14 35.15 1.28
N TRP F 103 -42.16 35.22 2.18
CA TRP F 103 -41.37 34.02 2.52
C TRP F 103 -42.18 33.02 3.33
N SER F 104 -42.97 33.49 4.29
CA SER F 104 -43.71 32.62 5.19
C SER F 104 -45.22 32.75 5.06
N ASN F 105 -45.74 33.97 5.16
CA ASN F 105 -47.19 34.25 5.14
C ASN F 105 -47.92 33.45 6.22
N ARG F 106 -47.32 33.38 7.42
CA ARG F 106 -47.86 32.60 8.51
C ARG F 106 -47.81 33.41 9.79
N ASN F 107 -48.78 33.17 10.67
CA ASN F 107 -48.85 33.86 11.96
C ASN F 107 -47.73 33.38 12.87
N LEU F 108 -47.46 34.18 13.91
CA LEU F 108 -46.32 33.95 14.80
C LEU F 108 -46.69 33.23 16.09
N SER F 109 -47.92 33.40 16.58
CA SER F 109 -48.29 32.90 17.90
C SER F 109 -48.31 31.39 18.00
N GLU F 110 -48.57 30.69 16.89
CA GLU F 110 -48.62 29.22 16.90
C GLU F 110 -47.29 28.59 16.54
N ILE F 111 -46.27 29.38 16.22
CA ILE F 111 -44.98 28.82 15.82
C ILE F 111 -44.29 28.17 17.01
N TRP F 112 -44.25 28.86 18.15
CA TRP F 112 -43.51 28.36 19.30
C TRP F 112 -44.27 27.30 20.09
N ASP F 113 -45.55 27.08 19.78
CA ASP F 113 -46.33 26.06 20.48
C ASP F 113 -47.31 25.34 19.57
N MET F 115 -45.49 22.96 17.48
CA MET F 115 -45.18 22.08 16.35
C MET F 115 -43.66 21.95 16.17
N THR F 116 -43.24 20.93 15.43
CA THR F 116 -41.87 20.41 15.52
C THR F 116 -40.91 21.22 14.66
N TRP F 117 -39.61 20.90 14.83
CA TRP F 117 -38.57 21.54 14.05
C TRP F 117 -38.56 21.05 12.61
N LEU F 118 -38.73 19.74 12.40
CA LEU F 118 -38.57 19.15 11.07
C LEU F 118 -39.69 19.54 10.14
N GLN F 119 -40.93 19.63 10.64
CA GLN F 119 -42.03 20.11 9.81
C GLN F 119 -41.88 21.59 9.49
N TRP F 120 -41.18 22.34 10.34
CA TRP F 120 -40.99 23.75 10.09
C TRP F 120 -39.92 23.97 9.02
N ASP F 121 -38.92 23.07 8.98
CA ASP F 121 -37.83 23.18 8.02
C ASP F 121 -38.29 23.04 6.58
N LYS F 122 -39.19 22.09 6.31
CA LYS F 122 -39.59 21.78 4.94
C LYS F 122 -40.41 22.89 4.29
N GLU F 123 -40.85 23.88 5.05
CA GLU F 123 -41.62 24.99 4.50
C GLU F 123 -40.75 26.14 4.01
N ILE F 124 -39.44 26.13 4.28
CA ILE F 124 -38.59 27.24 3.86
C ILE F 124 -37.39 26.72 3.06
N SER F 125 -37.30 25.41 2.90
CA SER F 125 -36.03 24.78 2.54
C SER F 125 -35.55 25.17 1.15
N ASN F 126 -36.47 25.58 0.29
CA ASN F 126 -36.09 25.86 -1.13
C ASN F 126 -35.27 27.14 -1.18
N TYR F 127 -35.64 28.11 -0.39
CA TYR F 127 -35.02 29.43 -0.48
C TYR F 127 -34.05 29.72 0.66
N THR F 128 -33.49 28.66 1.27
CA THR F 128 -32.53 28.87 2.36
C THR F 128 -31.23 29.50 1.86
N GLN F 129 -30.91 29.30 0.58
CA GLN F 129 -29.67 29.86 0.04
C GLN F 129 -29.74 31.37 -0.10
N ILE F 130 -30.89 31.91 -0.52
CA ILE F 130 -31.00 33.35 -0.74
C ILE F 130 -31.21 34.11 0.56
N ILE F 131 -31.59 33.44 1.65
CA ILE F 131 -31.68 34.09 2.95
C ILE F 131 -30.30 34.57 3.40
N TYR F 132 -29.29 33.72 3.22
CA TYR F 132 -27.93 34.07 3.61
C TYR F 132 -27.35 35.18 2.74
N GLY F 133 -27.87 35.37 1.53
CA GLY F 133 -27.32 36.37 0.62
C GLY F 133 -27.50 37.78 1.11
N LEU F 134 -28.73 38.14 1.51
CA LEU F 134 -28.93 39.47 2.06
C LEU F 134 -28.56 39.56 3.53
N LEU F 135 -28.29 38.43 4.19
CA LEU F 135 -27.88 38.45 5.58
C LEU F 135 -26.44 38.93 5.73
N GLU F 136 -25.58 38.65 4.75
CA GLU F 136 -24.20 39.09 4.83
C GLU F 136 -23.99 40.51 4.29
N GLU F 137 -24.75 40.92 3.28
CA GLU F 137 -24.54 42.25 2.71
C GLU F 137 -24.94 43.34 3.68
N SER F 138 -25.99 43.10 4.48
CA SER F 138 -26.35 44.06 5.52
C SER F 138 -25.36 44.02 6.66
N GLN F 139 -24.83 42.84 6.98
CA GLN F 139 -23.83 42.71 8.04
C GLN F 139 -22.53 43.39 7.64
N ASN F 140 -22.12 43.27 6.37
CA ASN F 140 -20.90 43.93 5.92
C ASN F 140 -21.09 45.45 5.87
N GLN F 141 -22.27 45.91 5.46
CA GLN F 141 -22.57 47.33 5.54
C GLN F 141 -22.76 47.80 6.97
N GLN F 142 -23.11 46.87 7.88
CA GLN F 142 -23.22 47.22 9.29
C GLN F 142 -21.86 47.54 9.89
N GLU F 143 -20.84 46.72 9.56
CA GLU F 143 -19.52 46.91 10.16
C GLU F 143 -18.88 48.21 9.69
N LYS F 144 -19.26 48.71 8.51
CA LYS F 144 -18.80 50.02 8.09
C LYS F 144 -19.52 51.14 8.83
N ASN F 145 -20.72 50.86 9.36
CA ASN F 145 -21.49 51.91 10.04
C ASN F 145 -20.80 52.35 11.33
N GLU F 146 -20.43 51.40 12.19
CA GLU F 146 -19.64 51.77 13.36
C GLU F 146 -18.20 52.12 13.01
N GLN F 147 -17.75 51.84 11.79
CA GLN F 147 -16.45 52.33 11.35
C GLN F 147 -16.49 53.83 11.07
N ASP F 148 -17.68 54.41 10.90
CA ASP F 148 -17.82 55.81 10.52
C ASP F 148 -17.94 56.75 11.71
N LEU F 149 -18.97 56.57 12.55
CA LEU F 149 -19.21 57.54 13.61
C LEU F 149 -18.23 57.39 14.76
N LEU F 150 -17.70 56.18 14.97
CA LEU F 150 -16.67 56.00 16.00
C LEU F 150 -15.34 56.58 15.56
N ALA F 151 -15.14 56.77 14.26
CA ALA F 151 -13.94 57.44 13.75
C ALA F 151 -14.02 58.95 13.83
N LEU F 152 -15.19 59.50 14.20
CA LEU F 152 -15.32 60.95 14.32
C LEU F 152 -14.52 61.50 15.48
N ASP F 153 -14.38 60.73 16.56
CA ASP F 153 -13.64 61.16 17.73
C ASP F 153 -12.44 60.26 17.98
N GLN G 1 -1.12 -42.13 -24.51
CA GLN G 1 -0.77 -43.49 -24.92
C GLN G 1 0.21 -43.46 -26.09
N VAL G 2 1.47 -43.73 -25.80
CA VAL G 2 2.56 -43.65 -26.76
C VAL G 2 3.20 -45.03 -26.88
N GLN G 3 3.26 -45.55 -28.10
CA GLN G 3 3.86 -46.84 -28.37
C GLN G 3 5.07 -46.67 -29.28
N LEU G 4 6.20 -47.26 -28.88
CA LEU G 4 7.43 -47.21 -29.69
C LEU G 4 7.44 -48.47 -30.55
N ARG G 5 7.02 -48.34 -31.80
CA ARG G 5 6.95 -49.47 -32.71
C ARG G 5 8.34 -49.77 -33.29
N GLU G 6 8.40 -50.79 -34.15
CA GLU G 6 9.67 -51.24 -34.70
C GLU G 6 9.46 -51.73 -36.13
N SER G 7 10.57 -51.79 -36.86
CA SER G 7 10.60 -52.33 -38.21
C SER G 7 11.96 -53.00 -38.43
N GLY G 8 12.21 -53.44 -39.65
CA GLY G 8 13.48 -54.05 -39.99
C GLY G 8 13.34 -55.45 -40.56
N PRO G 9 14.31 -55.85 -41.38
CA PRO G 9 14.25 -57.19 -41.98
C PRO G 9 14.80 -58.28 -41.06
N GLY G 10 14.88 -59.51 -41.57
CA GLY G 10 15.39 -60.62 -40.80
C GLY G 10 16.81 -60.98 -41.17
N LEU G 11 16.98 -62.01 -41.98
CA LEU G 11 18.31 -62.39 -42.46
C LEU G 11 18.88 -61.30 -43.35
N VAL G 12 20.16 -61.00 -43.18
CA VAL G 12 20.77 -59.85 -43.83
C VAL G 12 22.23 -60.18 -44.13
N LYS G 13 22.72 -59.63 -45.25
CA LYS G 13 24.13 -59.81 -45.60
C LYS G 13 25.00 -58.89 -44.75
N PRO G 14 26.14 -59.38 -44.25
CA PRO G 14 27.04 -58.52 -43.49
C PRO G 14 27.79 -57.54 -44.39
N SER G 15 28.51 -56.62 -43.72
CA SER G 15 29.39 -55.63 -44.35
C SER G 15 28.64 -54.73 -45.34
N GLU G 16 27.45 -54.28 -44.94
CA GLU G 16 26.69 -53.29 -45.71
C GLU G 16 25.75 -52.57 -44.75
N THR G 17 24.91 -51.71 -45.31
CA THR G 17 24.11 -50.77 -44.52
C THR G 17 22.71 -51.33 -44.28
N LEU G 18 22.35 -51.45 -43.01
CA LEU G 18 21.04 -51.97 -42.60
C LEU G 18 20.21 -50.83 -42.04
N VAL G 19 18.90 -50.87 -42.30
CA VAL G 19 17.99 -49.80 -41.94
C VAL G 19 17.07 -50.25 -40.81
N LEU G 20 16.78 -49.34 -39.89
CA LEU G 20 15.84 -49.57 -38.80
C LEU G 20 15.09 -48.27 -38.53
N THR G 21 13.77 -48.29 -38.71
CA THR G 21 12.93 -47.12 -38.49
C THR G 21 12.01 -47.39 -37.31
N CYS G 22 12.05 -46.51 -36.31
CA CYS G 22 11.20 -46.60 -35.14
C CYS G 22 10.17 -45.47 -35.20
N ALA G 23 8.88 -45.81 -35.10
CA ALA G 23 7.79 -44.80 -35.16
C ALA G 23 7.06 -44.61 -33.83
N VAL G 24 6.81 -43.36 -33.43
CA VAL G 24 6.09 -43.06 -32.17
C VAL G 24 4.72 -42.55 -32.57
N SER G 25 3.66 -42.86 -31.83
CA SER G 25 2.28 -42.50 -32.25
C SER G 25 1.72 -41.34 -31.45
N GLY G 26 1.67 -41.45 -30.13
CA GLY G 26 0.97 -40.43 -29.32
C GLY G 26 1.74 -39.15 -29.10
N GLY G 27 2.19 -38.50 -30.17
CA GLY G 27 3.01 -37.30 -29.94
C GLY G 27 2.33 -36.03 -30.38
N GLY G 28 2.14 -35.86 -31.69
CA GLY G 28 1.59 -34.58 -32.18
C GLY G 28 2.61 -33.50 -31.95
N ASP G 29 2.65 -32.95 -30.74
CA ASP G 29 3.70 -31.99 -30.41
C ASP G 29 4.65 -32.51 -29.34
N SER G 30 4.63 -33.81 -29.06
CA SER G 30 5.47 -34.41 -28.01
C SER G 30 6.74 -35.03 -28.58
N PHE G 31 7.28 -34.46 -29.66
CA PHE G 31 8.49 -34.97 -30.28
C PHE G 31 9.70 -34.06 -30.12
N GLY G 32 9.48 -32.75 -30.04
CA GLY G 32 10.60 -31.83 -29.99
C GLY G 32 11.35 -31.81 -28.67
N PHE G 33 10.66 -32.09 -27.56
CA PHE G 33 11.29 -31.99 -26.25
C PHE G 33 12.19 -33.19 -25.96
N HIS G 34 11.64 -34.39 -26.07
CA HIS G 34 12.36 -35.59 -25.66
C HIS G 34 13.37 -36.02 -26.70
N TYR G 35 14.55 -36.44 -26.21
CA TYR G 35 15.53 -37.08 -27.08
C TYR G 35 15.08 -38.49 -27.44
N TRP G 36 15.68 -39.04 -28.49
CA TRP G 36 15.42 -40.40 -28.93
C TRP G 36 16.75 -41.12 -29.12
N ASN G 37 16.83 -42.36 -28.65
CA ASN G 37 18.08 -43.10 -28.63
C ASN G 37 17.86 -44.52 -29.14
N TRP G 38 18.94 -45.11 -29.62
CA TRP G 38 18.95 -46.50 -30.08
C TRP G 38 19.81 -47.32 -29.13
N ILE G 39 19.26 -48.42 -28.63
CA ILE G 39 19.95 -49.30 -27.68
C ILE G 39 19.83 -50.72 -28.20
N ARG G 40 20.97 -51.41 -28.32
CA ARG G 40 21.02 -52.78 -28.80
C ARG G 40 21.63 -53.69 -27.74
N GLN G 41 21.26 -54.97 -27.80
CA GLN G 41 21.75 -55.94 -26.84
C GLN G 41 22.08 -57.27 -27.50
N PRO G 42 23.33 -57.74 -27.41
CA PRO G 42 23.63 -59.11 -27.83
C PRO G 42 22.96 -60.10 -26.92
N PRO G 43 22.60 -61.29 -27.43
CA PRO G 43 21.92 -62.28 -26.58
C PRO G 43 22.84 -62.83 -25.50
N GLY G 44 22.33 -62.89 -24.28
CA GLY G 44 23.09 -63.40 -23.14
C GLY G 44 23.97 -62.39 -22.45
N LYS G 45 24.09 -61.17 -22.98
CA LYS G 45 24.94 -60.16 -22.36
C LYS G 45 24.19 -58.86 -22.13
N GLY G 46 24.91 -57.82 -21.70
CA GLY G 46 24.29 -56.56 -21.34
C GLY G 46 23.98 -55.67 -22.53
N LEU G 47 23.37 -54.53 -22.22
CA LEU G 47 22.95 -53.56 -23.23
C LEU G 47 24.15 -52.80 -23.78
N GLU G 48 24.00 -52.30 -25.00
CA GLU G 48 24.97 -51.43 -25.64
C GLU G 48 24.25 -50.23 -26.25
N TRP G 49 24.95 -49.12 -26.33
CA TRP G 49 24.39 -47.84 -26.77
C TRP G 49 24.90 -47.49 -28.16
N ILE G 50 24.10 -46.67 -28.88
CA ILE G 50 24.42 -46.30 -30.24
C ILE G 50 24.69 -44.80 -30.36
N GLY G 51 23.68 -43.98 -30.11
CA GLY G 51 23.85 -42.55 -30.29
C GLY G 51 22.55 -41.80 -30.11
N HIS G 52 22.64 -40.48 -30.28
CA HIS G 52 21.52 -39.56 -30.13
C HIS G 52 20.89 -39.21 -31.47
N ILE G 53 19.73 -38.57 -31.39
CA ILE G 53 19.14 -37.85 -32.50
C ILE G 53 18.32 -36.70 -31.92
N GLY G 54 18.28 -35.58 -32.64
CA GLY G 54 17.62 -34.41 -32.12
C GLY G 54 16.10 -34.54 -32.14
N GLY G 55 15.46 -33.82 -31.23
CA GLY G 55 14.02 -33.81 -31.15
C GLY G 55 13.40 -32.94 -32.22
N SER G 56 13.74 -31.64 -32.21
CA SER G 56 13.28 -30.71 -33.22
C SER G 56 14.42 -30.05 -33.98
N SER G 57 15.45 -29.57 -33.28
CA SER G 57 16.56 -28.91 -33.94
C SER G 57 17.42 -29.89 -34.72
N GLY G 58 17.75 -31.03 -34.10
CA GLY G 58 18.58 -32.02 -34.77
C GLY G 58 20.02 -31.99 -34.31
N SER G 59 20.40 -32.94 -33.45
CA SER G 59 21.76 -33.05 -32.96
C SER G 59 22.20 -34.50 -33.06
N THR G 60 23.47 -34.70 -33.42
CA THR G 60 24.04 -36.04 -33.63
C THR G 60 25.18 -36.24 -32.65
N ASP G 61 24.89 -36.86 -31.52
CA ASP G 61 25.89 -37.27 -30.55
C ASP G 61 25.91 -38.80 -30.56
N PHE G 62 27.09 -39.37 -30.76
CA PHE G 62 27.22 -40.81 -30.95
C PHE G 62 28.19 -41.41 -29.93
N ASN G 63 28.14 -42.73 -29.83
CA ASN G 63 29.05 -43.45 -28.94
C ASN G 63 30.48 -43.34 -29.47
N PRO G 64 31.46 -43.08 -28.59
CA PRO G 64 32.85 -42.91 -29.06
C PRO G 64 33.46 -44.16 -29.67
N SER G 65 32.94 -45.35 -29.37
CA SER G 65 33.48 -46.58 -29.93
C SER G 65 32.76 -47.02 -31.21
N LEU G 66 31.79 -46.23 -31.69
CA LEU G 66 31.10 -46.52 -32.94
C LEU G 66 31.13 -45.32 -33.87
N LYS G 67 32.17 -44.49 -33.77
CA LYS G 67 32.30 -43.34 -34.65
C LYS G 67 32.66 -43.79 -36.07
N SER G 68 32.17 -43.03 -37.05
CA SER G 68 32.35 -43.31 -38.48
C SER G 68 31.83 -44.69 -38.86
N ARG G 69 30.78 -45.14 -38.18
CA ARG G 69 30.21 -46.46 -38.44
C ARG G 69 28.69 -46.48 -38.52
N VAL G 70 28.00 -45.42 -38.08
CA VAL G 70 26.54 -45.43 -38.04
C VAL G 70 26.05 -43.98 -38.17
N THR G 71 25.00 -43.79 -38.97
CA THR G 71 24.36 -42.50 -39.14
C THR G 71 22.87 -42.62 -38.82
N ILE G 72 22.32 -41.56 -38.24
CA ILE G 72 20.92 -41.54 -37.82
C ILE G 72 20.26 -40.33 -38.48
N SER G 73 19.11 -40.56 -39.14
CA SER G 73 18.36 -39.51 -39.81
C SER G 73 17.10 -39.19 -39.02
N MET G 74 16.46 -38.09 -39.41
CA MET G 74 15.29 -37.58 -38.70
C MET G 74 14.51 -36.70 -39.66
N ASP G 75 13.18 -36.69 -39.49
CA ASP G 75 12.30 -35.96 -40.41
C ASP G 75 11.49 -34.85 -39.77
N SER G 76 11.03 -35.05 -38.53
CA SER G 76 10.14 -34.12 -37.82
C SER G 76 8.84 -33.83 -38.59
N SER G 77 8.39 -34.80 -39.37
CA SER G 77 7.12 -34.67 -40.08
C SER G 77 6.19 -35.85 -39.82
N ARG G 78 6.76 -37.04 -39.64
CA ARG G 78 5.95 -38.25 -39.38
C ARG G 78 6.41 -38.88 -38.05
N ASN G 79 7.32 -38.21 -37.34
CA ASN G 79 7.88 -38.69 -36.08
C ASN G 79 8.58 -40.04 -36.24
N GLN G 80 9.38 -40.15 -37.30
CA GLN G 80 10.09 -41.38 -37.61
C GLN G 80 11.58 -41.08 -37.78
N PHE G 81 12.41 -41.78 -37.03
CA PHE G 81 13.85 -41.64 -37.13
C PHE G 81 14.46 -42.98 -37.55
N SER G 82 15.42 -42.92 -38.47
CA SER G 82 16.01 -44.10 -39.09
C SER G 82 17.40 -44.34 -38.55
N LEU G 83 17.75 -45.61 -38.36
CA LEU G 83 19.07 -46.02 -37.91
C LEU G 83 19.77 -46.76 -39.04
N ARG G 84 20.96 -46.29 -39.42
CA ARG G 84 21.71 -46.85 -40.53
C ARG G 84 23.15 -47.08 -40.08
N LEU G 85 23.51 -48.33 -39.85
CA LEU G 85 24.86 -48.71 -39.46
C LEU G 85 25.53 -49.48 -40.60
N LYS G 86 26.84 -49.27 -40.74
CA LYS G 86 27.62 -49.88 -41.80
C LYS G 86 28.71 -50.76 -41.21
N SER G 87 29.34 -51.55 -42.10
CA SER G 87 30.40 -52.49 -41.76
C SER G 87 29.95 -53.48 -40.69
N VAL G 88 28.73 -54.00 -40.84
CA VAL G 88 28.20 -54.98 -39.89
C VAL G 88 28.88 -56.32 -40.11
N THR G 89 29.26 -56.98 -39.02
CA THR G 89 29.96 -58.25 -39.06
C THR G 89 29.10 -59.33 -38.39
N ALA G 90 29.69 -60.52 -38.28
CA ALA G 90 28.99 -61.64 -37.64
C ALA G 90 28.90 -61.48 -36.13
N ALA G 91 29.76 -60.65 -35.53
CA ALA G 91 29.73 -60.41 -34.10
C ALA G 91 28.66 -59.41 -33.69
N ASP G 92 27.98 -58.78 -34.64
CA ASP G 92 26.95 -57.79 -34.36
C ASP G 92 25.54 -58.38 -34.35
N THR G 93 25.43 -59.69 -34.16
CA THR G 93 24.13 -60.35 -34.06
C THR G 93 23.49 -59.97 -32.74
N ALA G 94 22.50 -59.08 -32.80
CA ALA G 94 21.89 -58.55 -31.59
C ALA G 94 20.47 -58.10 -31.89
N VAL G 95 19.69 -57.94 -30.83
CA VAL G 95 18.35 -57.38 -30.91
C VAL G 95 18.43 -55.89 -30.66
N TYR G 96 17.65 -55.11 -31.42
CA TYR G 96 17.72 -53.66 -31.39
C TYR G 96 16.44 -53.08 -30.82
N PHE G 97 16.59 -52.05 -29.98
CA PHE G 97 15.47 -51.37 -29.35
C PHE G 97 15.59 -49.88 -29.59
N CYS G 98 14.44 -49.21 -29.66
CA CYS G 98 14.37 -47.75 -29.68
C CYS G 98 13.70 -47.29 -28.39
N ALA G 99 14.31 -46.29 -27.74
CA ALA G 99 13.88 -45.86 -26.41
C ALA G 99 13.73 -44.34 -26.39
N ARG G 100 12.87 -43.88 -25.49
CA ARG G 100 12.60 -42.46 -25.31
C ARG G 100 13.36 -41.97 -24.10
N LYS G 101 14.18 -40.93 -24.28
CA LYS G 101 14.87 -40.31 -23.15
C LYS G 101 13.89 -39.44 -22.38
N GLY G 102 13.72 -39.73 -21.11
CA GLY G 102 12.74 -39.02 -20.31
C GLY G 102 13.16 -37.59 -20.00
N GLU G 103 12.18 -36.81 -19.56
CA GLU G 103 12.39 -35.40 -19.24
C GLU G 103 11.44 -35.02 -18.14
N ASP G 104 11.93 -34.23 -17.18
CA ASP G 104 11.12 -33.83 -16.00
C ASP G 104 10.86 -32.32 -16.02
N PHE G 105 9.85 -31.84 -16.73
CA PHE G 105 9.57 -30.42 -16.90
C PHE G 105 9.13 -29.80 -15.58
N TYR G 106 9.63 -28.59 -15.33
CA TYR G 106 9.16 -27.81 -14.15
C TYR G 106 9.63 -26.39 -14.38
N GLU G 107 8.76 -25.40 -14.34
CA GLU G 107 9.23 -24.00 -14.47
C GLU G 107 8.59 -23.16 -13.38
N ASP G 108 9.38 -22.36 -12.68
CA ASP G 108 8.79 -21.42 -11.68
C ASP G 108 9.09 -20.01 -12.17
N ASP G 109 8.52 -19.02 -11.50
CA ASP G 109 8.73 -17.62 -11.93
C ASP G 109 10.23 -17.35 -11.90
N GLY G 111 12.91 -19.26 -12.43
CA GLY G 111 13.78 -19.81 -13.47
C GLY G 111 13.22 -21.10 -14.03
N GLN G 112 14.06 -21.87 -14.75
CA GLN G 112 13.63 -23.21 -15.25
C GLN G 112 14.34 -24.30 -14.46
N TYR G 113 13.95 -25.56 -14.62
CA TYR G 113 14.53 -26.75 -14.00
C TYR G 113 14.99 -27.70 -15.11
N PHE G 114 16.16 -28.28 -14.93
CA PHE G 114 16.75 -29.18 -15.90
C PHE G 114 16.95 -30.56 -15.28
N THR G 115 17.10 -31.57 -16.14
CA THR G 115 17.29 -32.94 -15.68
C THR G 115 18.77 -33.21 -15.43
N ALA G 116 19.07 -34.42 -14.96
CA ALA G 116 20.42 -34.79 -14.57
C ALA G 116 21.00 -35.91 -15.42
N GLY G 117 20.28 -37.03 -15.57
CA GLY G 117 20.80 -38.20 -16.22
C GLY G 117 19.99 -38.61 -17.45
N TRP G 118 20.51 -39.64 -18.12
CA TRP G 118 19.91 -40.18 -19.34
C TRP G 118 19.07 -41.40 -18.97
N PHE G 119 17.88 -41.15 -18.45
CA PHE G 119 16.98 -42.23 -18.06
C PHE G 119 15.92 -42.44 -19.13
N PHE G 120 15.61 -43.71 -19.40
CA PHE G 120 14.70 -44.11 -20.46
C PHE G 120 13.44 -44.68 -19.83
N ASP G 121 12.31 -43.99 -20.05
CA ASP G 121 11.03 -44.44 -19.50
C ASP G 121 10.24 -45.30 -20.48
N LEU G 122 10.23 -44.94 -21.76
CA LEU G 122 9.50 -45.69 -22.77
C LEU G 122 10.47 -46.52 -23.60
N TRP G 123 10.11 -47.78 -23.82
CA TRP G 123 10.88 -48.71 -24.62
C TRP G 123 9.99 -49.32 -25.69
N GLY G 124 10.58 -50.19 -26.51
CA GLY G 124 9.84 -50.87 -27.55
C GLY G 124 9.99 -52.37 -27.47
N PRO G 125 9.11 -53.10 -28.18
CA PRO G 125 9.24 -54.56 -28.20
C PRO G 125 10.53 -55.05 -28.83
N GLY G 126 11.07 -54.32 -29.80
CA GLY G 126 12.32 -54.68 -30.43
C GLY G 126 12.15 -55.68 -31.55
N THR G 127 13.24 -55.90 -32.27
CA THR G 127 13.28 -56.85 -33.37
C THR G 127 14.67 -57.47 -33.46
N PRO G 128 14.78 -58.80 -33.37
CA PRO G 128 16.11 -59.42 -33.44
C PRO G 128 16.68 -59.34 -34.84
N ILE G 129 18.00 -59.15 -34.92
CA ILE G 129 18.73 -59.07 -36.18
C ILE G 129 19.74 -60.22 -36.21
N ILE G 130 19.68 -61.02 -37.28
CA ILE G 130 20.55 -62.18 -37.44
C ILE G 130 21.48 -61.92 -38.61
N ILE G 131 22.75 -62.32 -38.46
CA ILE G 131 23.77 -62.15 -39.48
C ILE G 131 24.13 -63.54 -39.98
N SER G 132 23.64 -63.89 -41.16
CA SER G 132 23.89 -65.20 -41.76
C SER G 132 23.89 -65.04 -43.28
N SER G 133 23.97 -66.17 -43.98
CA SER G 133 23.97 -66.16 -45.44
C SER G 133 22.58 -66.45 -45.98
N GLN H 1 34.84 -45.71 -22.61
CA GLN H 1 34.32 -47.07 -22.74
C GLN H 1 34.86 -47.97 -21.63
N PHE H 2 34.03 -48.21 -20.62
CA PHE H 2 34.42 -49.07 -19.51
C PHE H 2 33.15 -49.62 -18.87
N VAL H 3 33.01 -50.95 -18.84
CA VAL H 3 31.83 -51.56 -18.27
C VAL H 3 31.86 -51.45 -16.74
N LEU H 4 30.68 -51.47 -16.14
CA LEU H 4 30.54 -51.34 -14.71
C LEU H 4 30.62 -52.70 -14.03
N THR H 5 31.17 -52.71 -12.82
CA THR H 5 31.27 -53.95 -12.05
C THR H 5 29.89 -54.38 -11.58
N GLN H 6 29.58 -55.66 -11.75
CA GLN H 6 28.27 -56.19 -11.40
C GLN H 6 28.36 -57.70 -11.20
N PRO H 7 27.75 -58.25 -10.15
CA PRO H 7 27.78 -59.70 -9.95
C PRO H 7 26.84 -60.39 -10.92
N PRO H 8 27.35 -61.33 -11.71
CA PRO H 8 26.50 -62.02 -12.70
C PRO H 8 25.36 -62.83 -12.08
N SER H 9 25.56 -63.40 -10.90
CA SER H 9 24.55 -64.24 -10.28
C SER H 9 24.42 -63.90 -8.80
N VAL H 10 23.18 -63.85 -8.32
CA VAL H 10 22.89 -63.62 -6.91
C VAL H 10 21.73 -64.53 -6.51
N SER H 11 21.81 -65.09 -5.30
CA SER H 11 20.76 -65.98 -4.81
C SER H 11 19.57 -65.19 -4.31
N GLY H 12 18.37 -65.70 -4.59
CA GLY H 12 17.15 -65.05 -4.17
C GLY H 12 16.15 -65.99 -3.52
N ALA H 13 15.67 -65.63 -2.34
CA ALA H 13 14.68 -66.41 -1.61
C ALA H 13 13.56 -65.49 -1.14
N PRO H 14 12.32 -65.99 -1.09
CA PRO H 14 11.22 -65.15 -0.64
C PRO H 14 11.31 -64.86 0.86
N GLY H 15 11.00 -63.61 1.21
CA GLY H 15 10.99 -63.20 2.60
C GLY H 15 12.24 -62.51 3.10
N GLN H 16 13.23 -62.26 2.23
CA GLN H 16 14.46 -61.59 2.65
C GLN H 16 14.74 -60.37 1.78
N THR H 17 15.89 -59.74 1.99
CA THR H 17 16.30 -58.55 1.27
C THR H 17 17.67 -58.77 0.65
N VAL H 18 17.80 -58.47 -0.63
CA VAL H 18 19.06 -58.61 -1.34
C VAL H 18 19.59 -57.23 -1.70
N THR H 19 20.90 -57.15 -1.89
CA THR H 19 21.57 -55.89 -2.21
C THR H 19 22.45 -56.09 -3.43
N ILE H 20 22.31 -55.21 -4.41
CA ILE H 20 23.10 -55.23 -5.63
C ILE H 20 23.87 -53.92 -5.71
N SER H 21 25.19 -54.02 -5.86
CA SER H 21 26.07 -52.86 -5.90
C SER H 21 26.84 -52.82 -7.21
N CYS H 22 27.07 -51.60 -7.70
CA CYS H 22 27.85 -51.39 -8.92
C CYS H 22 28.73 -50.16 -8.74
N THR H 23 30.02 -50.31 -9.01
CA THR H 23 30.97 -49.21 -8.86
C THR H 23 32.18 -49.49 -9.74
N GLY H 24 32.50 -48.56 -10.63
CA GLY H 24 33.69 -48.66 -11.45
C GLY H 24 34.84 -47.87 -10.86
N ARG H 25 35.15 -46.73 -11.46
CA ARG H 25 36.15 -45.81 -10.92
C ARG H 25 35.47 -44.49 -10.58
N SER H 26 35.97 -43.85 -9.52
CA SER H 26 35.38 -42.62 -9.01
C SER H 26 36.45 -41.63 -8.61
N SER H 27 37.48 -41.47 -9.47
CA SER H 27 38.51 -40.47 -9.21
C SER H 27 37.92 -39.06 -9.22
N ASN H 28 37.15 -38.74 -10.25
CA ASN H 28 36.36 -37.51 -10.30
C ASN H 28 34.88 -37.91 -10.28
N PHE H 29 34.15 -37.38 -9.30
CA PHE H 29 32.76 -37.77 -9.09
C PHE H 29 31.89 -37.14 -10.18
N GLY H 30 31.67 -37.91 -11.24
CA GLY H 30 30.80 -37.46 -12.33
C GLY H 30 29.59 -38.35 -12.50
N GLY H 31 29.68 -39.57 -11.98
CA GLY H 31 28.56 -40.50 -12.00
C GLY H 31 27.70 -40.37 -10.76
N HIS H 32 27.22 -39.15 -10.50
CA HIS H 32 26.41 -38.89 -9.30
C HIS H 32 25.08 -39.61 -9.35
N TYR H 33 24.44 -39.64 -10.52
CA TYR H 33 23.06 -40.09 -10.66
C TYR H 33 23.04 -41.43 -11.39
N VAL H 34 23.09 -42.51 -10.60
CA VAL H 34 23.03 -43.86 -11.15
C VAL H 34 21.57 -44.20 -11.44
N GLN H 35 21.35 -45.06 -12.44
CA GLN H 35 20.01 -45.46 -12.84
C GLN H 35 19.91 -46.97 -12.84
N TRP H 36 18.74 -47.47 -12.46
CA TRP H 36 18.49 -48.90 -12.35
C TRP H 36 17.39 -49.31 -13.32
N TYR H 37 17.48 -50.55 -13.80
CA TYR H 37 16.54 -51.07 -14.79
C TYR H 37 16.05 -52.44 -14.36
N GLN H 38 14.86 -52.88 -14.78
CA GLN H 38 14.44 -54.28 -14.47
C GLN H 38 13.89 -54.97 -15.72
N GLN H 39 14.53 -56.02 -16.21
CA GLN H 39 14.05 -56.62 -17.48
C GLN H 39 13.56 -58.03 -17.20
N LEU H 40 12.24 -58.23 -17.24
CA LEU H 40 11.67 -59.58 -17.04
C LEU H 40 12.28 -60.49 -18.11
N PRO H 41 12.12 -61.82 -18.07
CA PRO H 41 12.82 -62.65 -19.04
C PRO H 41 12.51 -62.08 -20.43
N GLY H 42 13.55 -61.76 -21.18
CA GLY H 42 13.35 -61.15 -22.51
C GLY H 42 12.50 -59.90 -22.40
N THR H 43 11.43 -59.83 -23.19
CA THR H 43 10.46 -58.70 -23.11
C THR H 43 11.11 -57.33 -23.23
N ALA H 44 10.72 -56.39 -22.37
CA ALA H 44 11.19 -55.00 -22.52
C ALA H 44 11.88 -54.53 -21.23
N PRO H 45 13.02 -53.80 -21.26
CA PRO H 45 13.57 -53.32 -20.01
C PRO H 45 12.59 -52.32 -19.41
N ARG H 46 12.59 -52.13 -18.08
CA ARG H 46 11.72 -51.12 -17.43
C ARG H 46 12.55 -50.16 -16.58
N LEU H 47 12.00 -49.08 -16.09
CA LEU H 47 12.83 -48.23 -15.21
C LEU H 47 12.26 -48.27 -13.80
N VAL H 48 13.01 -48.72 -12.80
CA VAL H 48 12.40 -48.86 -11.47
C VAL H 48 12.88 -47.73 -10.55
N ILE H 49 14.18 -47.49 -10.49
CA ILE H 49 14.75 -46.39 -9.67
C ILE H 49 15.39 -45.44 -10.67
N PHE H 50 15.08 -44.15 -10.61
CA PHE H 50 15.57 -43.22 -11.66
C PHE H 50 16.75 -42.35 -11.21
N GLU H 51 16.51 -41.14 -10.75
CA GLU H 51 17.62 -40.22 -10.41
C GLU H 51 18.12 -40.57 -9.01
N ASN H 52 18.91 -41.63 -8.89
CA ASN H 52 19.50 -42.05 -7.60
C ASN H 52 18.47 -42.78 -6.75
N ASP H 53 17.43 -42.08 -6.31
CA ASP H 53 16.49 -42.75 -5.36
C ASP H 53 15.02 -42.67 -5.77
N ARG H 54 14.66 -41.81 -6.71
CA ARG H 54 13.22 -41.61 -7.01
C ARG H 54 12.65 -42.82 -7.77
N ARG H 55 11.33 -42.97 -7.81
CA ARG H 55 10.70 -44.12 -8.50
C ARG H 55 9.44 -43.68 -9.29
N PRO H 56 8.98 -44.35 -10.36
CA PRO H 56 7.72 -44.00 -11.01
C PRO H 56 6.53 -44.54 -10.24
N SER H 57 5.41 -43.85 -10.35
CA SER H 57 4.19 -44.25 -9.65
C SER H 57 3.55 -45.41 -10.40
N GLY H 58 3.60 -46.59 -9.81
CA GLY H 58 3.07 -47.79 -10.44
C GLY H 58 3.91 -49.01 -10.15
N VAL H 59 5.17 -48.79 -9.79
CA VAL H 59 6.05 -49.88 -9.35
C VAL H 59 5.77 -50.15 -7.88
N SER H 60 6.28 -51.26 -7.37
CA SER H 60 6.02 -51.63 -5.99
C SER H 60 6.81 -50.74 -5.03
N ASP H 61 6.29 -50.62 -3.81
CA ASP H 61 6.92 -49.76 -2.80
C ASP H 61 8.21 -50.34 -2.25
N ARG H 62 8.39 -51.66 -2.34
CA ARG H 62 9.58 -52.31 -1.78
C ARG H 62 10.86 -51.94 -2.52
N PHE H 63 10.76 -51.42 -3.74
CA PHE H 63 11.95 -51.01 -4.47
C PHE H 63 12.54 -49.74 -3.88
N SER H 64 13.84 -49.77 -3.58
CA SER H 64 14.50 -48.63 -2.96
C SER H 64 15.97 -48.65 -3.34
N GLY H 65 16.51 -47.49 -3.67
CA GLY H 65 17.90 -47.33 -4.00
C GLY H 65 18.65 -46.53 -2.95
N SER H 66 19.97 -46.47 -3.12
CA SER H 66 20.83 -45.74 -2.19
C SER H 66 22.10 -45.32 -2.93
N GLN H 67 22.59 -44.13 -2.59
CA GLN H 67 23.83 -43.60 -3.16
C GLN H 67 24.74 -43.24 -1.99
N SER H 68 25.56 -44.20 -1.56
CA SER H 68 26.45 -44.02 -0.41
C SER H 68 27.81 -43.58 -0.94
N GLY H 69 27.94 -42.29 -1.22
CA GLY H 69 29.17 -41.72 -1.72
C GLY H 69 29.49 -42.15 -3.14
N ALA H 70 30.54 -42.94 -3.30
CA ALA H 70 30.94 -43.46 -4.60
C ALA H 70 30.34 -44.83 -4.91
N SER H 71 29.55 -45.38 -4.00
CA SER H 71 28.95 -46.70 -4.17
C SER H 71 27.44 -46.58 -4.19
N ALA H 72 26.81 -47.35 -5.07
CA ALA H 72 25.36 -47.38 -5.21
C ALA H 72 24.83 -48.75 -4.80
N SER H 73 23.58 -48.77 -4.33
CA SER H 73 22.95 -50.00 -3.87
C SER H 73 21.49 -50.01 -4.25
N LEU H 74 20.97 -51.22 -4.48
CA LEU H 74 19.55 -51.45 -4.72
C LEU H 74 19.07 -52.53 -3.77
N THR H 75 17.99 -52.26 -3.05
CA THR H 75 17.46 -53.18 -2.05
C THR H 75 15.98 -53.45 -2.35
N ILE H 76 15.62 -54.72 -2.40
CA ILE H 76 14.23 -55.15 -2.56
C ILE H 76 13.87 -55.97 -1.33
N THR H 77 12.85 -55.54 -0.60
CA THR H 77 12.42 -56.22 0.61
C THR H 77 11.22 -57.09 0.32
N GLY H 78 11.26 -58.34 0.79
CA GLY H 78 10.16 -59.26 0.57
C GLY H 78 10.05 -59.73 -0.86
N LEU H 79 11.01 -60.54 -1.30
CA LEU H 79 11.00 -61.03 -2.68
C LEU H 79 9.85 -62.00 -2.92
N GLN H 80 9.37 -62.03 -4.17
CA GLN H 80 8.36 -62.98 -4.59
C GLN H 80 8.81 -63.75 -5.82
N SER H 81 7.90 -64.48 -6.45
CA SER H 81 8.20 -65.29 -7.62
C SER H 81 8.02 -64.55 -8.94
N GLU H 82 7.63 -63.28 -8.90
CA GLU H 82 7.42 -62.52 -10.13
C GLU H 82 8.50 -61.47 -10.40
N ASP H 83 9.27 -61.08 -9.39
CA ASP H 83 10.33 -60.09 -9.58
C ASP H 83 11.69 -60.71 -9.87
N GLU H 84 11.78 -62.03 -9.96
CA GLU H 84 13.04 -62.73 -10.20
C GLU H 84 13.40 -62.58 -11.67
N ALA H 85 14.08 -61.48 -11.99
CA ALA H 85 14.45 -61.17 -13.36
C ALA H 85 15.81 -60.49 -13.36
N ASP H 86 16.18 -59.90 -14.50
CA ASP H 86 17.47 -59.26 -14.65
C ASP H 86 17.38 -57.79 -14.26
N TYR H 87 18.49 -57.28 -13.70
CA TYR H 87 18.60 -55.88 -13.34
C TYR H 87 19.93 -55.33 -13.87
N TYR H 88 19.91 -54.06 -14.26
CA TYR H 88 21.06 -53.42 -14.86
C TYR H 88 21.38 -52.12 -14.13
N CYS H 89 22.67 -51.78 -14.14
CA CYS H 89 23.18 -50.57 -13.49
C CYS H 89 23.60 -49.59 -14.58
N GLN H 90 23.00 -48.40 -14.58
CA GLN H 90 23.26 -47.39 -15.59
C GLN H 90 23.91 -46.18 -14.95
N CYS H 91 25.07 -45.78 -15.47
CA CYS H 91 25.81 -44.63 -14.98
C CYS H 91 26.12 -43.71 -16.16
N TYR H 92 26.87 -42.64 -15.88
CA TYR H 92 27.22 -41.67 -16.91
C TYR H 92 28.59 -41.07 -16.59
N ASP H 93 29.56 -41.30 -17.47
CA ASP H 93 30.86 -40.64 -17.36
C ASP H 93 31.15 -39.75 -18.56
N SER H 94 31.07 -40.28 -19.78
CA SER H 94 31.30 -39.47 -20.97
C SER H 94 30.05 -39.31 -21.81
N SER H 95 29.46 -40.39 -22.30
CA SER H 95 28.15 -40.32 -22.95
C SER H 95 27.10 -41.17 -22.24
N VAL H 96 27.29 -42.49 -22.19
CA VAL H 96 26.36 -43.45 -21.60
C VAL H 96 27.17 -44.63 -21.07
N LEU H 97 26.90 -45.05 -19.84
CA LEU H 97 27.50 -46.24 -19.27
C LEU H 97 26.42 -47.27 -18.99
N PHE H 98 26.68 -48.52 -19.37
CA PHE H 98 25.78 -49.64 -19.13
C PHE H 98 26.50 -50.71 -18.31
N GLY H 99 25.76 -51.34 -17.40
CA GLY H 99 26.28 -52.42 -16.60
C GLY H 99 26.20 -53.76 -17.31
N ARG H 100 26.70 -54.80 -16.63
CA ARG H 100 26.71 -56.14 -17.20
C ARG H 100 25.35 -56.81 -17.05
N GLY H 101 24.84 -56.88 -15.83
CA GLY H 101 23.55 -57.49 -15.55
C GLY H 101 23.63 -58.42 -14.36
N THR H 102 22.46 -58.72 -13.79
CA THR H 102 22.34 -59.60 -12.64
C THR H 102 21.32 -60.70 -12.95
N ARG H 103 21.11 -61.58 -11.98
CA ARG H 103 20.18 -62.69 -12.14
C ARG H 103 19.67 -63.10 -10.78
N LEU H 104 18.36 -62.93 -10.55
CA LEU H 104 17.71 -63.36 -9.33
C LEU H 104 17.24 -64.81 -9.51
N THR H 105 17.80 -65.72 -8.74
CA THR H 105 17.43 -67.13 -8.83
C THR H 105 16.47 -67.51 -7.71
#